data_7UGG
#
_entry.id   7UGG
#
_cell.length_a   1.00
_cell.length_b   1.00
_cell.length_c   1.00
_cell.angle_alpha   90.00
_cell.angle_beta   90.00
_cell.angle_gamma   90.00
#
_symmetry.space_group_name_H-M   'P 1'
#
loop_
_entity.id
_entity.type
_entity.pdbx_description
1 polymer 'Transient receptor potential cation channel subfamily V member 3'
2 non-polymer '(2S)-3-(hexadecanoyloxy)-2-[(9Z)-octadec-9-enoyloxy]propyl 2-(trimethylammonio)ethyl phosphate'
3 non-polymer Dyclonine
4 non-polymer 'SODIUM ION'
5 water water
#
_entity_poly.entity_id   1
_entity_poly.type   'polypeptide(L)'
_entity_poly.pdbx_seq_one_letter_code
;MGAHSKEMAPLMGKRTTAPGGNPVVLTEKRPADLTPTKKSAHFFLEIEGFEPNPTVTKTSPPIFSKPMDSNIRQCLSGNC
DDMDSPQSPQDDVTETPSNPNSPSANLAKEEQRQKKKRLKKRIFAAVSEGCVEELRELLQDLQDLCRRRRGLDVPDFLMH
KLTASDTGKTCLMKALLNINPNTKEIVRILLAFAEENDILDRFINAEYTEEAYEGQTALNIAIERRQGDITAVLIAAGAD
VNAHAKGVFFNPKYQHEGFYFGETPLALAACTNQPEIVQLLMENEQTDITSQDSRGNNILHALVTVAEDFKTQNDFVKRM
YDMILLRSGNWELETMRNNDGLTPLQLAAKMGKAEILKYILSREIKEKPLRSLSRKFTDWAYGPVSSSLYDLTNVDTTTD
NSVLEIIVYNTNIDNRHEMLTLEPLHTLLHTKWKKFAKYMFFLSFCFYFFYNITLTLVSYYRPREDEDLPHPLALTHKMS
WLQLLGRMFVLIWATCISVKEGIAIFLLRPSDLQSILSDAWFHFVFFVQAVLVILSVFLYLFAYKEYLACLVLAMALGWA
NMLYYTRGFQSMGMYSVMIQKVILHDVLKFLFVYILFLLGFGVALASLIEKCSKDKKDCSSYGSFSDAVLELFKLTIGLG
DLNIQQNSTYPILFLFLLITYVILTFVLLLNMLIALMGETVENVSKESERIWRLQRARTILEFEKMLPEWLRSRFRMGEL
CKVADEDFRLCLRINEVKWTEWKTHVSFLNEDPGPIRRTADLNKIQDSSRSNSKTTLYAFDELDEFPETSVLVPRGSAAA
WSHPQFEK
;
_entity_poly.pdbx_strand_id   A,B,C,D
#
# COMPACT_ATOMS: atom_id res chain seq x y z
N ARG A 118 71.34 -13.62 -4.27
CA ARG A 118 71.18 -13.52 -5.72
C ARG A 118 70.42 -14.72 -6.28
N LEU A 119 70.44 -15.84 -5.56
CA LEU A 119 69.79 -17.04 -6.07
C LEU A 119 68.41 -17.22 -5.44
N LYS A 120 68.23 -16.73 -4.22
CA LYS A 120 66.93 -16.82 -3.56
C LYS A 120 65.93 -15.87 -4.20
N LYS A 121 66.38 -14.67 -4.59
CA LYS A 121 65.47 -13.65 -5.10
C LYS A 121 65.00 -13.98 -6.51
N ARG A 122 65.81 -14.72 -7.27
CA ARG A 122 65.39 -15.10 -8.61
C ARG A 122 64.31 -16.17 -8.57
N ILE A 123 64.29 -16.99 -7.53
CA ILE A 123 63.32 -18.08 -7.45
C ILE A 123 61.94 -17.53 -7.12
N PHE A 124 61.87 -16.62 -6.14
CA PHE A 124 60.59 -16.02 -5.77
C PHE A 124 60.02 -15.15 -6.88
N ALA A 125 60.89 -14.54 -7.69
CA ALA A 125 60.40 -13.69 -8.75
C ALA A 125 59.87 -14.51 -9.92
N ALA A 126 60.53 -15.64 -10.21
CA ALA A 126 60.11 -16.47 -11.33
C ALA A 126 58.85 -17.25 -10.99
N VAL A 127 58.65 -17.55 -9.71
CA VAL A 127 57.53 -18.40 -9.32
C VAL A 127 56.25 -17.57 -9.22
N SER A 128 56.38 -16.26 -9.15
CA SER A 128 55.20 -15.40 -9.09
C SER A 128 54.63 -15.16 -10.48
N GLU A 129 55.50 -14.91 -11.45
CA GLU A 129 55.07 -14.56 -12.81
C GLU A 129 54.77 -15.79 -13.66
N GLY A 130 55.00 -16.99 -13.15
CA GLY A 130 54.70 -18.20 -13.89
C GLY A 130 55.68 -18.47 -15.01
N CYS A 131 56.95 -18.66 -14.66
CA CYS A 131 58.03 -18.85 -15.63
C CYS A 131 58.59 -20.25 -15.45
N VAL A 132 58.12 -21.20 -16.26
CA VAL A 132 58.53 -22.58 -16.10
C VAL A 132 59.90 -22.80 -16.74
N GLU A 133 60.29 -21.93 -17.66
CA GLU A 133 61.55 -22.11 -18.38
C GLU A 133 62.74 -21.71 -17.52
N GLU A 134 62.54 -20.73 -16.64
CA GLU A 134 63.62 -20.27 -15.78
C GLU A 134 63.68 -21.10 -14.51
N LEU A 135 62.55 -21.67 -14.11
CA LEU A 135 62.43 -22.44 -12.87
C LEU A 135 63.25 -23.72 -12.91
N ARG A 136 63.24 -24.40 -14.06
CA ARG A 136 63.94 -25.68 -14.16
C ARG A 136 65.45 -25.48 -14.10
N GLU A 137 65.97 -24.54 -14.90
CA GLU A 137 67.41 -24.35 -14.99
C GLU A 137 67.99 -23.75 -13.72
N LEU A 138 67.17 -23.00 -12.97
CA LEU A 138 67.64 -22.50 -11.69
C LEU A 138 67.68 -23.60 -10.64
N LEU A 139 66.68 -24.49 -10.64
CA LEU A 139 66.64 -25.53 -9.62
C LEU A 139 67.69 -26.61 -9.89
N GLN A 140 68.06 -26.78 -11.15
CA GLN A 140 69.23 -27.62 -11.47
C GLN A 140 70.51 -26.95 -11.02
N ASP A 141 70.60 -25.64 -11.20
CA ASP A 141 71.76 -24.88 -10.71
C ASP A 141 71.76 -24.80 -9.20
N LEU A 142 70.57 -24.80 -8.59
CA LEU A 142 70.47 -24.87 -7.14
C LEU A 142 70.86 -26.26 -6.64
N GLN A 143 70.65 -27.28 -7.48
CA GLN A 143 71.04 -28.64 -7.11
C GLN A 143 72.55 -28.83 -7.22
N ASP A 144 73.16 -28.24 -8.26
CA ASP A 144 74.58 -28.44 -8.53
C ASP A 144 75.46 -27.78 -7.48
N LEU A 145 74.95 -26.74 -6.82
CA LEU A 145 75.74 -26.02 -5.83
C LEU A 145 75.90 -26.86 -4.56
N CYS A 146 74.95 -27.75 -4.28
CA CYS A 146 75.02 -28.53 -3.06
C CYS A 146 75.83 -29.80 -3.26
N ARG A 147 76.15 -30.14 -4.51
CA ARG A 147 77.04 -31.27 -4.73
C ARG A 147 78.50 -30.87 -4.56
N ARG A 148 78.85 -29.64 -4.95
CA ARG A 148 80.20 -29.14 -4.76
C ARG A 148 80.34 -28.41 -3.42
N ARG A 149 79.80 -29.01 -2.36
CA ARG A 149 79.59 -28.29 -1.13
C ARG A 149 80.20 -29.15 -0.02
N ARG A 150 79.97 -28.76 1.23
CA ARG A 150 80.39 -29.53 2.39
C ARG A 150 79.79 -30.93 2.42
N GLY A 151 78.52 -31.05 2.02
CA GLY A 151 77.82 -32.32 2.03
C GLY A 151 77.49 -32.86 3.39
N LEU A 152 77.61 -32.04 4.45
CA LEU A 152 77.30 -32.48 5.80
C LEU A 152 75.80 -32.35 6.06
N ASP A 153 75.28 -31.14 5.95
CA ASP A 153 73.84 -30.89 6.13
C ASP A 153 73.18 -30.53 4.81
N VAL A 154 72.61 -31.56 4.20
CA VAL A 154 71.88 -31.37 2.94
C VAL A 154 70.45 -30.88 3.16
N PRO A 155 69.64 -31.41 4.11
CA PRO A 155 68.33 -30.79 4.33
C PRO A 155 68.37 -29.39 4.93
N ASP A 156 69.17 -29.17 5.99
CA ASP A 156 69.07 -27.93 6.75
C ASP A 156 69.63 -26.74 5.98
N PHE A 157 70.41 -26.99 4.94
CA PHE A 157 70.86 -25.92 4.07
C PHE A 157 69.79 -25.55 3.06
N LEU A 158 69.15 -26.56 2.45
CA LEU A 158 68.20 -26.28 1.37
C LEU A 158 66.87 -25.76 1.89
N MET A 159 66.56 -26.00 3.15
CA MET A 159 65.38 -25.38 3.72
C MET A 159 65.61 -23.90 3.98
N HIS A 160 66.88 -23.50 4.13
CA HIS A 160 67.18 -22.09 4.32
C HIS A 160 67.16 -21.34 2.99
N LYS A 161 67.36 -22.06 1.89
CA LYS A 161 67.46 -21.39 0.59
C LYS A 161 66.09 -21.06 0.03
N LEU A 162 65.08 -21.85 0.37
CA LEU A 162 63.75 -21.67 -0.19
C LEU A 162 62.82 -20.87 0.72
N THR A 163 63.25 -20.50 1.91
CA THR A 163 62.36 -19.96 2.93
C THR A 163 62.87 -18.59 3.38
N ALA A 164 61.97 -17.61 3.39
CA ALA A 164 62.31 -16.31 3.97
C ALA A 164 62.46 -16.45 5.48
N SER A 165 63.34 -15.63 6.04
CA SER A 165 63.73 -15.79 7.44
C SER A 165 62.75 -15.10 8.37
N ASP A 166 62.33 -13.89 8.01
CA ASP A 166 61.46 -13.10 8.88
C ASP A 166 60.05 -13.67 8.88
N THR A 167 59.40 -13.65 7.71
CA THR A 167 57.98 -13.99 7.66
C THR A 167 57.78 -15.50 7.68
N GLY A 168 58.82 -16.27 7.39
CA GLY A 168 58.72 -17.71 7.36
C GLY A 168 58.05 -18.29 6.13
N LYS A 169 57.78 -17.46 5.12
CA LYS A 169 57.11 -17.91 3.92
C LYS A 169 58.07 -18.71 3.03
N THR A 170 57.58 -19.81 2.47
CA THR A 170 58.37 -20.65 1.58
C THR A 170 57.99 -20.37 0.14
N CYS A 171 58.61 -21.10 -0.79
CA CYS A 171 58.34 -20.90 -2.20
C CYS A 171 57.02 -21.54 -2.61
N LEU A 172 56.56 -22.54 -1.86
CA LEU A 172 55.30 -23.18 -2.19
C LEU A 172 54.13 -22.30 -1.79
N MET A 173 54.28 -21.54 -0.70
CA MET A 173 53.26 -20.59 -0.31
C MET A 173 53.21 -19.41 -1.27
N LYS A 174 54.37 -19.04 -1.82
CA LYS A 174 54.45 -17.89 -2.70
C LYS A 174 53.80 -18.16 -4.05
N ALA A 175 53.83 -19.42 -4.49
CA ALA A 175 53.28 -19.78 -5.78
C ALA A 175 51.76 -19.77 -5.75
N LEU A 176 51.18 -20.02 -4.58
CA LEU A 176 49.73 -20.19 -4.47
C LEU A 176 49.04 -18.86 -4.21
N LEU A 177 49.74 -17.90 -3.60
CA LEU A 177 49.18 -16.58 -3.38
C LEU A 177 48.99 -15.84 -4.69
N ASN A 178 49.88 -16.10 -5.66
CA ASN A 178 49.82 -15.49 -6.99
C ASN A 178 49.38 -16.55 -8.00
N ILE A 179 48.07 -16.69 -8.16
CA ILE A 179 47.52 -17.69 -9.05
C ILE A 179 47.69 -17.24 -10.49
N ASN A 180 48.42 -18.03 -11.27
CA ASN A 180 48.66 -17.84 -12.70
C ASN A 180 47.85 -18.83 -13.51
N PRO A 181 47.77 -18.69 -14.83
CA PRO A 181 47.22 -19.78 -15.66
C PRO A 181 48.16 -20.96 -15.85
N ASN A 182 49.35 -20.97 -15.24
CA ASN A 182 50.20 -22.15 -15.27
C ASN A 182 50.72 -22.52 -13.88
N THR A 183 49.87 -22.41 -12.85
CA THR A 183 50.35 -22.60 -11.48
C THR A 183 50.55 -24.08 -11.15
N LYS A 184 49.67 -24.94 -11.66
CA LYS A 184 49.71 -26.35 -11.26
C LYS A 184 50.86 -27.09 -11.92
N GLU A 185 51.42 -26.54 -13.01
CA GLU A 185 52.64 -27.12 -13.56
C GLU A 185 53.85 -26.70 -12.75
N ILE A 186 53.76 -25.55 -12.07
CA ILE A 186 54.87 -25.09 -11.26
C ILE A 186 54.96 -25.90 -9.98
N VAL A 187 53.80 -26.17 -9.35
CA VAL A 187 53.75 -26.89 -8.09
C VAL A 187 54.27 -28.32 -8.26
N ARG A 188 53.98 -28.93 -9.41
CA ARG A 188 54.44 -30.29 -9.68
C ARG A 188 55.95 -30.34 -9.84
N ILE A 189 56.54 -29.25 -10.36
CA ILE A 189 57.99 -29.17 -10.45
C ILE A 189 58.61 -29.00 -9.06
N LEU A 190 57.96 -28.20 -8.22
CA LEU A 190 58.47 -27.94 -6.87
C LEU A 190 58.40 -29.20 -6.00
N LEU A 191 57.35 -30.00 -6.18
CA LEU A 191 57.22 -31.19 -5.36
C LEU A 191 58.10 -32.32 -5.86
N ALA A 192 58.24 -32.46 -7.17
CA ALA A 192 59.11 -33.49 -7.73
C ALA A 192 60.57 -33.18 -7.44
N PHE A 193 60.92 -31.91 -7.31
CA PHE A 193 62.26 -31.54 -6.86
C PHE A 193 62.51 -31.97 -5.42
N ALA A 194 61.46 -31.97 -4.59
CA ALA A 194 61.65 -32.28 -3.18
C ALA A 194 61.65 -33.78 -2.93
N GLU A 195 61.42 -34.58 -3.99
CA GLU A 195 61.43 -36.03 -3.82
C GLU A 195 62.86 -36.57 -3.73
N GLU A 196 63.79 -36.04 -4.52
CA GLU A 196 65.13 -36.61 -4.55
C GLU A 196 66.03 -36.04 -3.46
N ASN A 197 65.47 -35.49 -2.40
CA ASN A 197 66.28 -35.09 -1.25
C ASN A 197 65.59 -35.47 0.07
N ASP A 198 64.48 -36.21 -0.02
CA ASP A 198 63.76 -36.76 1.13
C ASP A 198 63.31 -35.69 2.11
N ILE A 199 62.94 -34.51 1.59
CA ILE A 199 62.49 -33.42 2.44
C ILE A 199 61.07 -33.05 2.05
N LEU A 200 60.34 -34.02 1.51
CA LEU A 200 58.97 -33.77 1.06
C LEU A 200 58.04 -33.52 2.24
N ASP A 201 58.34 -34.11 3.40
CA ASP A 201 57.47 -33.93 4.55
C ASP A 201 57.61 -32.53 5.13
N ARG A 202 58.84 -32.08 5.36
CA ARG A 202 59.07 -30.81 6.04
C ARG A 202 58.96 -29.61 5.12
N PHE A 203 58.92 -29.83 3.81
CA PHE A 203 58.70 -28.72 2.89
C PHE A 203 57.22 -28.47 2.66
N ILE A 204 56.40 -29.51 2.75
CA ILE A 204 54.98 -29.39 2.50
C ILE A 204 54.22 -29.03 3.79
N ASN A 205 54.91 -29.05 4.92
CA ASN A 205 54.30 -28.84 6.22
C ASN A 205 55.01 -27.70 6.96
N ALA A 206 55.24 -26.59 6.27
CA ALA A 206 55.89 -25.43 6.85
C ALA A 206 54.85 -24.42 7.31
N GLU A 207 55.22 -23.59 8.28
CA GLU A 207 54.30 -22.64 8.90
C GLU A 207 54.92 -21.27 9.01
N TYR A 208 54.06 -20.25 9.06
CA TYR A 208 54.49 -18.92 9.41
C TYR A 208 54.95 -18.87 10.86
N THR A 209 55.88 -17.95 11.13
CA THR A 209 56.32 -17.69 12.49
C THR A 209 55.90 -16.30 12.97
N GLU A 210 55.38 -15.46 12.08
CA GLU A 210 54.92 -14.13 12.45
C GLU A 210 53.66 -14.26 13.30
N GLU A 211 53.52 -13.42 14.32
CA GLU A 211 52.44 -13.54 15.28
C GLU A 211 51.07 -13.22 14.70
N ALA A 212 50.99 -12.55 13.57
CA ALA A 212 49.73 -12.24 12.93
C ALA A 212 49.26 -13.33 11.98
N TYR A 213 50.09 -14.33 11.72
CA TYR A 213 49.69 -15.41 10.83
C TYR A 213 50.10 -16.77 11.34
N GLU A 214 50.40 -16.92 12.63
CA GLU A 214 50.99 -18.13 13.20
C GLU A 214 50.16 -19.38 13.00
N GLY A 215 50.65 -20.32 12.18
CA GLY A 215 50.03 -21.61 11.98
C GLY A 215 49.49 -21.82 10.58
N GLN A 216 49.52 -20.79 9.75
CA GLN A 216 48.99 -20.95 8.40
C GLN A 216 49.96 -21.72 7.52
N THR A 217 49.45 -22.76 6.87
CA THR A 217 50.24 -23.61 5.99
C THR A 217 49.77 -23.39 4.57
N ALA A 218 50.33 -24.18 3.64
CA ALA A 218 49.99 -24.04 2.24
C ALA A 218 48.66 -24.72 1.92
N LEU A 219 48.13 -25.48 2.87
CA LEU A 219 46.81 -26.09 2.64
C LEU A 219 45.70 -25.11 2.99
N ASN A 220 45.97 -24.14 3.85
CA ASN A 220 45.00 -23.09 4.11
C ASN A 220 44.92 -22.13 2.94
N ILE A 221 45.99 -22.02 2.15
CA ILE A 221 45.99 -21.08 1.03
C ILE A 221 45.34 -21.72 -0.19
N ALA A 222 45.45 -23.03 -0.32
CA ALA A 222 44.86 -23.70 -1.48
C ALA A 222 43.35 -23.84 -1.34
N ILE A 223 42.85 -23.86 -0.11
CA ILE A 223 41.40 -23.95 0.09
C ILE A 223 40.78 -22.56 0.01
N GLU A 224 41.50 -21.53 0.45
CA GLU A 224 40.95 -20.19 0.46
C GLU A 224 40.90 -19.61 -0.94
N ARG A 225 41.84 -20.00 -1.80
CA ARG A 225 41.87 -19.55 -3.19
C ARG A 225 40.96 -20.36 -4.09
N ARG A 226 40.15 -21.23 -3.48
CA ARG A 226 39.13 -22.07 -4.11
C ARG A 226 39.71 -22.99 -5.17
N GLN A 227 40.88 -23.57 -4.90
CA GLN A 227 41.53 -24.48 -5.82
C GLN A 227 41.19 -25.92 -5.42
N GLY A 228 40.49 -26.63 -6.30
CA GLY A 228 40.14 -27.99 -6.00
C GLY A 228 41.18 -29.01 -6.40
N ASP A 229 41.83 -28.78 -7.55
CA ASP A 229 42.74 -29.78 -8.09
C ASP A 229 44.11 -29.75 -7.42
N ILE A 230 44.57 -28.55 -7.04
CA ILE A 230 45.84 -28.44 -6.35
C ILE A 230 45.72 -28.97 -4.93
N THR A 231 44.52 -28.91 -4.36
CA THR A 231 44.29 -29.37 -2.99
C THR A 231 44.40 -30.89 -2.90
N ALA A 232 43.85 -31.60 -3.89
CA ALA A 232 43.90 -33.05 -3.87
C ALA A 232 45.31 -33.57 -4.13
N VAL A 233 46.13 -32.80 -4.83
CA VAL A 233 47.53 -33.16 -5.03
C VAL A 233 48.30 -33.05 -3.72
N LEU A 234 48.00 -32.01 -2.94
CA LEU A 234 48.75 -31.76 -1.71
C LEU A 234 48.40 -32.77 -0.63
N ILE A 235 47.12 -33.15 -0.51
CA ILE A 235 46.70 -34.04 0.56
C ILE A 235 47.27 -35.44 0.36
N ALA A 236 47.29 -35.91 -0.88
CA ALA A 236 47.91 -37.20 -1.18
C ALA A 236 49.37 -37.00 -1.57
N ALA A 237 50.07 -36.22 -0.75
CA ALA A 237 51.51 -36.10 -0.83
C ALA A 237 52.09 -35.97 0.57
N GLY A 238 51.23 -36.02 1.59
CA GLY A 238 51.66 -35.96 2.97
C GLY A 238 51.36 -34.66 3.70
N ALA A 239 50.47 -33.82 3.18
CA ALA A 239 50.15 -32.58 3.88
C ALA A 239 49.28 -32.88 5.10
N ASP A 240 49.52 -32.16 6.18
CA ASP A 240 48.75 -32.38 7.40
C ASP A 240 47.38 -31.73 7.26
N VAL A 241 46.34 -32.49 7.60
CA VAL A 241 44.97 -31.99 7.55
C VAL A 241 44.45 -31.59 8.92
N ASN A 242 45.34 -31.35 9.89
CA ASN A 242 44.95 -30.99 11.25
C ASN A 242 45.78 -29.83 11.76
N ALA A 243 45.94 -28.81 10.92
CA ALA A 243 46.65 -27.61 11.34
C ALA A 243 45.73 -26.70 12.13
N HIS A 244 46.32 -25.77 12.88
CA HIS A 244 45.55 -24.85 13.70
C HIS A 244 46.14 -23.45 13.55
N ALA A 245 45.47 -22.63 12.73
CA ALA A 245 45.88 -21.24 12.58
C ALA A 245 45.58 -20.45 13.83
N LYS A 246 46.62 -20.13 14.59
CA LYS A 246 46.46 -19.52 15.91
C LYS A 246 46.88 -18.05 15.89
N GLY A 247 46.70 -17.38 14.76
CA GLY A 247 47.20 -16.03 14.63
C GLY A 247 46.37 -14.98 15.32
N VAL A 248 46.50 -13.73 14.89
CA VAL A 248 45.72 -12.63 15.44
C VAL A 248 44.74 -12.23 14.35
N PHE A 249 45.14 -12.40 13.11
CA PHE A 249 44.26 -12.19 11.96
C PHE A 249 43.13 -13.22 11.91
N PHE A 250 43.38 -14.44 12.36
CA PHE A 250 42.37 -15.46 12.37
C PHE A 250 41.57 -15.50 13.66
N ASN A 251 41.98 -14.70 14.66
CA ASN A 251 41.26 -14.61 15.93
C ASN A 251 41.11 -13.14 16.28
N PRO A 252 40.30 -12.41 15.51
CA PRO A 252 40.36 -10.95 15.60
C PRO A 252 39.64 -10.44 16.84
N LYS A 253 39.93 -9.19 17.17
CA LYS A 253 39.24 -8.49 18.24
C LYS A 253 38.02 -7.74 17.72
N TYR A 254 38.12 -7.22 16.50
CA TYR A 254 37.03 -6.51 15.85
C TYR A 254 36.78 -7.13 14.48
N GLN A 255 35.57 -6.93 13.97
CA GLN A 255 35.07 -7.67 12.82
C GLN A 255 35.83 -7.39 11.54
N HIS A 256 36.27 -6.17 11.34
CA HIS A 256 36.93 -5.82 10.09
C HIS A 256 38.42 -6.10 10.09
N GLU A 257 38.99 -6.51 11.22
CA GLU A 257 40.44 -6.71 11.32
C GLU A 257 40.87 -8.12 10.97
N GLY A 258 39.94 -8.98 10.58
CA GLY A 258 40.27 -10.36 10.35
C GLY A 258 39.05 -11.19 10.07
N PHE A 259 39.21 -12.51 10.21
CA PHE A 259 38.17 -13.46 9.84
C PHE A 259 38.30 -14.68 10.72
N TYR A 260 37.39 -14.83 11.68
CA TYR A 260 37.31 -16.05 12.49
C TYR A 260 36.48 -17.07 11.74
N PHE A 261 37.07 -18.23 11.48
CA PHE A 261 36.39 -19.31 10.79
C PHE A 261 36.39 -20.64 11.52
N GLY A 262 37.30 -20.85 12.47
CA GLY A 262 37.24 -22.06 13.26
C GLY A 262 38.57 -22.78 13.40
N GLU A 263 39.61 -22.24 12.78
CA GLU A 263 41.01 -22.64 12.89
C GLU A 263 41.37 -24.04 12.40
N THR A 264 40.63 -24.61 11.44
CA THR A 264 41.03 -25.89 10.86
C THR A 264 40.82 -25.82 9.36
N PRO A 265 41.44 -26.72 8.58
CA PRO A 265 41.08 -26.82 7.15
C PRO A 265 39.67 -27.33 6.88
N LEU A 266 39.01 -27.95 7.86
CA LEU A 266 37.64 -28.41 7.62
C LEU A 266 36.65 -27.31 7.92
N ALA A 267 36.98 -26.41 8.85
CA ALA A 267 36.08 -25.31 9.12
C ALA A 267 36.18 -24.24 8.04
N LEU A 268 37.31 -24.16 7.36
CA LEU A 268 37.47 -23.16 6.31
C LEU A 268 36.74 -23.59 5.04
N ALA A 269 36.75 -24.89 4.75
CA ALA A 269 36.07 -25.40 3.56
C ALA A 269 34.57 -25.36 3.72
N ALA A 270 34.09 -25.35 4.96
CA ALA A 270 32.65 -25.31 5.22
C ALA A 270 32.13 -23.88 5.30
N CYS A 271 32.90 -22.97 5.90
CA CYS A 271 32.45 -21.60 6.10
C CYS A 271 32.61 -20.73 4.87
N THR A 272 33.20 -21.24 3.79
CA THR A 272 33.29 -20.53 2.52
C THR A 272 32.57 -21.26 1.39
N ASN A 273 31.66 -22.18 1.72
CA ASN A 273 30.73 -22.82 0.78
C ASN A 273 31.46 -23.60 -0.31
N GLN A 274 32.21 -24.62 0.11
CA GLN A 274 32.93 -25.50 -0.82
C GLN A 274 32.59 -26.94 -0.48
N PRO A 275 31.43 -27.44 -0.91
CA PRO A 275 30.95 -28.73 -0.40
C PRO A 275 31.68 -29.94 -0.93
N GLU A 276 32.44 -29.79 -2.03
CA GLU A 276 33.14 -30.93 -2.60
C GLU A 276 34.48 -31.18 -1.93
N ILE A 277 35.02 -30.16 -1.25
CA ILE A 277 36.27 -30.34 -0.53
C ILE A 277 35.98 -30.80 0.90
N VAL A 278 34.78 -30.52 1.39
CA VAL A 278 34.35 -31.01 2.70
C VAL A 278 34.19 -32.52 2.65
N GLN A 279 33.62 -33.03 1.56
CA GLN A 279 33.45 -34.47 1.39
C GLN A 279 34.79 -35.15 1.18
N LEU A 280 35.72 -34.47 0.52
CA LEU A 280 37.02 -35.06 0.24
C LEU A 280 37.87 -35.13 1.50
N LEU A 281 37.59 -34.26 2.47
CA LEU A 281 38.37 -34.23 3.70
C LEU A 281 37.82 -35.18 4.75
N MET A 282 36.52 -35.46 4.73
CA MET A 282 35.97 -36.41 5.69
C MET A 282 36.16 -37.86 5.27
N GLU A 283 36.33 -38.12 3.98
CA GLU A 283 36.63 -39.47 3.52
C GLU A 283 38.06 -39.89 3.81
N ASN A 284 38.95 -38.94 4.08
CA ASN A 284 40.27 -39.24 4.59
C ASN A 284 40.12 -39.76 6.02
N GLU A 285 41.07 -40.57 6.48
CA GLU A 285 41.00 -41.17 7.79
C GLU A 285 41.77 -40.42 8.85
N GLN A 286 42.63 -39.48 8.48
CA GLN A 286 43.37 -38.68 9.45
C GLN A 286 42.60 -37.48 9.94
N THR A 287 41.42 -37.23 9.38
CA THR A 287 40.63 -36.08 9.78
C THR A 287 40.05 -36.28 11.17
N ASP A 288 40.39 -35.38 12.08
CA ASP A 288 39.88 -35.43 13.46
C ASP A 288 38.69 -34.49 13.51
N ILE A 289 37.49 -35.05 13.47
CA ILE A 289 36.27 -34.26 13.27
C ILE A 289 35.75 -33.79 14.61
N THR A 290 36.36 -34.26 15.71
CA THR A 290 35.92 -33.91 17.05
C THR A 290 37.00 -33.20 17.83
N SER A 291 37.65 -32.22 17.20
CA SER A 291 38.74 -31.47 17.82
C SER A 291 38.26 -30.09 18.23
N GLN A 292 39.01 -29.46 19.14
CA GLN A 292 38.63 -28.17 19.71
C GLN A 292 39.74 -27.16 19.54
N ASP A 293 39.38 -25.94 19.17
CA ASP A 293 40.37 -24.87 18.99
C ASP A 293 40.59 -24.06 20.25
N SER A 294 41.18 -22.87 20.09
CA SER A 294 41.57 -21.97 21.16
C SER A 294 40.41 -21.50 22.04
N ARG A 295 39.22 -21.30 21.48
CA ARG A 295 38.06 -20.94 22.27
C ARG A 295 37.36 -22.15 22.88
N GLY A 296 37.76 -23.35 22.49
CA GLY A 296 37.04 -24.55 22.87
C GLY A 296 35.98 -24.98 21.89
N ASN A 297 35.72 -24.18 20.86
CA ASN A 297 34.71 -24.50 19.86
C ASN A 297 35.10 -25.72 19.05
N ASN A 298 34.10 -26.43 18.54
CA ASN A 298 34.35 -27.46 17.55
C ASN A 298 33.68 -27.04 16.25
N ILE A 299 33.55 -27.98 15.30
CA ILE A 299 33.06 -27.65 13.96
C ILE A 299 31.62 -27.19 13.99
N LEU A 300 30.84 -27.63 14.98
CA LEU A 300 29.43 -27.24 14.99
C LEU A 300 29.22 -25.95 15.76
N HIS A 301 30.14 -25.61 16.67
CA HIS A 301 30.11 -24.28 17.29
C HIS A 301 30.53 -23.21 16.29
N ALA A 302 31.39 -23.58 15.34
CA ALA A 302 31.95 -22.58 14.42
C ALA A 302 30.97 -22.18 13.34
N LEU A 303 30.10 -23.10 12.93
CA LEU A 303 29.10 -22.78 11.92
C LEU A 303 27.99 -21.92 12.48
N VAL A 304 27.75 -22.00 13.79
CA VAL A 304 26.75 -21.14 14.42
C VAL A 304 27.25 -19.72 14.47
N THR A 305 28.57 -19.54 14.63
CA THR A 305 29.13 -18.21 14.81
C THR A 305 29.09 -17.39 13.53
N VAL A 306 29.27 -18.04 12.39
CA VAL A 306 29.32 -17.35 11.10
C VAL A 306 27.96 -17.30 10.42
N ALA A 307 26.91 -17.73 11.10
CA ALA A 307 25.59 -17.81 10.48
C ALA A 307 24.91 -16.46 10.49
N GLU A 308 24.17 -16.17 9.42
CA GLU A 308 23.52 -14.89 9.23
C GLU A 308 22.14 -15.14 8.67
N ASP A 309 21.51 -14.09 8.15
CA ASP A 309 20.11 -14.12 7.76
C ASP A 309 19.90 -14.83 6.43
N PHE A 310 18.71 -14.69 5.86
CA PHE A 310 18.46 -15.13 4.50
C PHE A 310 18.88 -14.10 3.48
N LYS A 311 18.84 -12.83 3.83
CA LYS A 311 19.12 -11.74 2.91
C LYS A 311 20.61 -11.64 2.56
N THR A 312 21.48 -12.29 3.33
CA THR A 312 22.91 -12.23 3.09
C THR A 312 23.50 -13.57 2.64
N GLN A 313 23.32 -14.64 3.40
CA GLN A 313 24.02 -15.90 3.12
C GLN A 313 23.18 -16.90 2.33
N ASN A 314 21.87 -16.80 2.47
CA ASN A 314 20.78 -17.34 1.64
C ASN A 314 20.53 -18.84 1.84
N ASP A 315 21.53 -19.70 2.08
CA ASP A 315 21.15 -21.05 2.50
C ASP A 315 22.19 -21.88 3.26
N PHE A 316 23.48 -21.62 3.10
CA PHE A 316 24.39 -22.75 3.00
C PHE A 316 24.84 -23.25 4.37
N VAL A 317 24.67 -22.47 5.43
CA VAL A 317 25.13 -22.91 6.74
C VAL A 317 24.21 -23.97 7.29
N LYS A 318 22.92 -23.88 6.98
CA LYS A 318 21.96 -24.89 7.38
C LYS A 318 22.19 -26.20 6.62
N ARG A 319 22.73 -26.11 5.40
CA ARG A 319 22.96 -27.33 4.62
C ARG A 319 24.30 -27.96 4.95
N MET A 320 25.24 -27.18 5.47
CA MET A 320 26.51 -27.76 5.90
C MET A 320 26.39 -28.37 7.28
N TYR A 321 25.35 -28.01 8.04
CA TYR A 321 25.24 -28.43 9.42
C TYR A 321 24.90 -29.91 9.51
N ASP A 322 24.03 -30.38 8.62
CA ASP A 322 23.59 -31.77 8.70
C ASP A 322 24.42 -32.68 7.81
N MET A 323 25.14 -32.12 6.83
CA MET A 323 26.12 -32.90 6.09
C MET A 323 27.21 -33.42 7.01
N ILE A 324 27.63 -32.57 7.94
CA ILE A 324 28.68 -32.94 8.90
C ILE A 324 28.09 -33.79 10.02
N LEU A 325 26.84 -33.51 10.38
CA LEU A 325 26.22 -34.21 11.50
C LEU A 325 25.90 -35.65 11.17
N LEU A 326 25.35 -35.90 9.97
CA LEU A 326 24.92 -37.25 9.61
C LEU A 326 26.12 -38.16 9.36
N ARG A 327 27.24 -37.59 8.92
CA ARG A 327 28.44 -38.36 8.65
C ARG A 327 29.08 -38.82 9.95
N SER A 328 28.97 -38.03 11.01
CA SER A 328 29.50 -38.41 12.31
C SER A 328 28.70 -39.58 12.87
N GLY A 329 27.40 -39.38 13.07
CA GLY A 329 26.51 -40.49 13.38
C GLY A 329 26.19 -40.72 14.83
N ASN A 330 26.52 -39.79 15.71
CA ASN A 330 26.18 -39.92 17.13
C ASN A 330 26.09 -38.53 17.75
N TRP A 331 25.85 -38.51 19.06
CA TRP A 331 25.61 -37.27 19.80
C TRP A 331 26.88 -36.70 20.41
N GLU A 332 28.05 -37.00 19.85
CA GLU A 332 29.27 -36.51 20.47
C GLU A 332 29.50 -35.04 20.14
N LEU A 333 29.14 -34.61 18.93
CA LEU A 333 29.36 -33.22 18.58
C LEU A 333 28.31 -32.31 19.20
N GLU A 334 27.06 -32.76 19.25
CA GLU A 334 25.94 -31.97 19.74
C GLU A 334 25.94 -31.80 21.25
N THR A 335 26.73 -32.57 22.00
CA THR A 335 26.71 -32.50 23.46
C THR A 335 28.06 -32.09 24.01
N MET A 336 28.78 -31.25 23.29
CA MET A 336 30.13 -30.84 23.67
C MET A 336 30.11 -29.37 24.10
N ARG A 337 30.95 -29.04 25.08
CA ARG A 337 30.87 -27.75 25.74
C ARG A 337 32.17 -26.98 25.59
N ASN A 338 32.08 -25.74 25.11
CA ASN A 338 33.26 -24.89 24.95
C ASN A 338 33.67 -24.25 26.27
N ASN A 339 34.55 -23.25 26.20
CA ASN A 339 35.09 -22.61 27.39
C ASN A 339 34.12 -21.63 28.05
N ASP A 340 33.05 -21.24 27.37
CA ASP A 340 31.92 -20.62 28.04
C ASP A 340 30.99 -21.64 28.68
N GLY A 341 31.17 -22.92 28.36
CA GLY A 341 30.28 -23.95 28.85
C GLY A 341 28.95 -23.98 28.15
N LEU A 342 28.94 -23.99 26.81
CA LEU A 342 27.72 -23.97 26.04
C LEU A 342 27.77 -25.05 24.98
N THR A 343 26.63 -25.59 24.62
CA THR A 343 26.50 -26.55 23.53
C THR A 343 26.17 -25.79 22.25
N PRO A 344 26.21 -26.44 21.06
CA PRO A 344 25.77 -25.71 19.85
C PRO A 344 24.31 -25.30 19.85
N LEU A 345 23.46 -25.95 20.64
CA LEU A 345 22.06 -25.53 20.75
C LEU A 345 21.94 -24.25 21.56
N GLN A 346 22.72 -24.14 22.62
CA GLN A 346 22.59 -22.99 23.52
C GLN A 346 23.36 -21.80 22.99
N LEU A 347 24.30 -22.03 22.09
CA LEU A 347 25.08 -20.92 21.54
C LEU A 347 24.30 -20.20 20.45
N ALA A 348 23.36 -20.87 19.81
CA ALA A 348 22.54 -20.21 18.80
C ALA A 348 21.47 -19.36 19.44
N ALA A 349 21.10 -19.67 20.68
CA ALA A 349 20.09 -18.89 21.38
C ALA A 349 20.72 -17.70 22.09
N LYS A 350 21.94 -17.87 22.59
CA LYS A 350 22.71 -16.79 23.17
C LYS A 350 23.06 -15.71 22.16
N MET A 351 23.29 -16.07 20.90
CA MET A 351 23.73 -15.13 19.89
C MET A 351 22.61 -14.62 18.99
N GLY A 352 21.43 -15.18 19.07
CA GLY A 352 20.30 -14.64 18.34
C GLY A 352 20.15 -15.13 16.92
N LYS A 353 20.48 -16.39 16.64
CA LYS A 353 20.36 -16.97 15.31
C LYS A 353 19.04 -17.73 15.22
N ALA A 354 18.06 -17.10 14.58
CA ALA A 354 16.71 -17.63 14.58
C ALA A 354 16.46 -18.57 13.42
N GLU A 355 17.46 -18.78 12.57
CA GLU A 355 17.28 -19.69 11.45
C GLU A 355 18.01 -21.02 11.69
N ILE A 356 19.15 -20.97 12.37
CA ILE A 356 19.79 -22.20 12.83
C ILE A 356 18.97 -22.83 13.93
N LEU A 357 18.32 -22.02 14.76
CA LEU A 357 17.60 -22.55 15.91
C LEU A 357 16.27 -23.17 15.48
N LYS A 358 15.67 -22.62 14.43
CA LYS A 358 14.47 -23.22 13.84
C LYS A 358 14.77 -24.58 13.24
N TYR A 359 15.99 -24.76 12.73
CA TYR A 359 16.38 -26.04 12.14
C TYR A 359 16.59 -27.11 13.20
N ILE A 360 17.21 -26.75 14.33
CA ILE A 360 17.65 -27.76 15.28
C ILE A 360 16.48 -28.29 16.10
N LEU A 361 15.54 -27.41 16.46
CA LEU A 361 14.48 -27.80 17.38
C LEU A 361 13.45 -28.72 16.75
N SER A 362 13.33 -28.72 15.43
CA SER A 362 12.32 -29.51 14.75
C SER A 362 12.95 -30.37 13.68
N ARG A 363 13.98 -31.12 14.04
CA ARG A 363 14.84 -31.85 13.11
C ARG A 363 14.34 -33.28 12.98
N GLU A 364 13.69 -33.59 11.86
CA GLU A 364 13.07 -34.89 11.63
C GLU A 364 13.88 -35.63 10.57
N ILE A 365 14.46 -36.76 10.94
CA ILE A 365 15.24 -37.59 10.02
C ILE A 365 14.49 -38.90 9.85
N LYS A 366 14.03 -39.16 8.63
CA LYS A 366 13.13 -40.27 8.38
C LYS A 366 13.82 -41.55 7.93
N GLU A 367 15.14 -41.56 7.82
CA GLU A 367 15.88 -42.74 7.37
C GLU A 367 15.85 -43.82 8.44
N LYS A 368 16.11 -45.05 8.05
CA LYS A 368 16.02 -46.14 9.01
C LYS A 368 17.22 -46.29 9.96
N PRO A 369 18.50 -46.27 9.52
CA PRO A 369 19.56 -46.51 10.52
C PRO A 369 19.88 -45.32 11.39
N LEU A 370 19.51 -44.11 10.96
CA LEU A 370 19.83 -42.89 11.69
C LEU A 370 18.53 -42.16 12.02
N ARG A 371 17.84 -42.61 13.06
CA ARG A 371 16.60 -41.99 13.46
C ARG A 371 16.67 -41.48 14.88
N SER A 372 17.64 -41.96 15.67
CA SER A 372 17.84 -41.41 17.00
C SER A 372 18.51 -40.05 16.99
N LEU A 373 18.88 -39.53 15.82
CA LEU A 373 19.42 -38.18 15.69
C LEU A 373 18.32 -37.17 15.42
N SER A 374 17.09 -37.48 15.81
CA SER A 374 15.96 -36.61 15.58
C SER A 374 15.52 -35.96 16.87
N ARG A 375 14.90 -34.80 16.73
CA ARG A 375 14.23 -34.16 17.84
C ARG A 375 12.75 -33.97 17.61
N LYS A 376 12.18 -34.62 16.60
CA LYS A 376 10.76 -34.54 16.26
C LYS A 376 10.33 -35.86 15.65
N PHE A 377 9.38 -36.53 16.29
CA PHE A 377 8.94 -37.84 15.86
C PHE A 377 7.50 -37.77 15.42
N THR A 378 7.01 -38.84 14.83
CA THR A 378 5.61 -38.92 14.43
C THR A 378 4.96 -40.10 15.12
N ASP A 379 3.99 -39.82 15.98
CA ASP A 379 3.44 -40.87 16.82
C ASP A 379 2.45 -41.74 16.05
N TRP A 380 1.56 -41.15 15.26
CA TRP A 380 0.63 -41.88 14.40
C TRP A 380 0.16 -40.95 13.31
N ALA A 381 -0.40 -41.53 12.25
CA ALA A 381 -0.96 -40.73 11.17
C ALA A 381 -2.03 -41.54 10.46
N TYR A 382 -3.06 -40.83 9.98
CA TYR A 382 -4.17 -41.46 9.28
C TYR A 382 -4.83 -40.42 8.42
N GLY A 383 -4.65 -40.49 7.12
CA GLY A 383 -5.22 -39.51 6.23
C GLY A 383 -4.52 -38.18 6.40
N PRO A 384 -5.27 -37.10 6.40
CA PRO A 384 -4.69 -35.78 6.68
C PRO A 384 -4.65 -35.38 8.15
N VAL A 385 -4.29 -36.33 9.02
CA VAL A 385 -4.32 -36.11 10.47
C VAL A 385 -3.10 -36.79 11.05
N SER A 386 -2.26 -36.05 11.78
CA SER A 386 -1.06 -36.61 12.36
C SER A 386 -0.93 -36.16 13.80
N SER A 387 0.07 -36.70 14.49
CA SER A 387 0.33 -36.38 15.89
C SER A 387 1.81 -36.53 16.13
N SER A 388 2.49 -35.44 16.45
CA SER A 388 3.94 -35.43 16.54
C SER A 388 4.39 -35.38 17.99
N LEU A 389 5.69 -35.55 18.18
CA LEU A 389 6.31 -35.57 19.51
C LEU A 389 7.63 -34.80 19.46
N TYR A 390 7.63 -33.57 19.96
CA TYR A 390 8.84 -32.79 20.08
C TYR A 390 9.68 -33.29 21.25
N ASP A 391 10.88 -32.77 21.37
CA ASP A 391 11.80 -33.17 22.42
C ASP A 391 12.11 -31.99 23.31
N LEU A 392 12.15 -32.23 24.62
CA LEU A 392 12.29 -31.14 25.58
C LEU A 392 13.47 -31.36 26.51
N THR A 393 14.62 -31.76 25.98
CA THR A 393 15.70 -32.20 26.86
C THR A 393 16.45 -31.02 27.45
N ASN A 394 16.84 -30.04 26.63
CA ASN A 394 17.51 -28.86 27.14
C ASN A 394 16.72 -27.60 26.85
N VAL A 395 15.47 -27.71 26.44
CA VAL A 395 14.69 -26.52 26.10
C VAL A 395 13.62 -26.23 27.14
N ASP A 396 13.54 -27.02 28.20
CA ASP A 396 12.60 -26.74 29.27
C ASP A 396 13.39 -26.31 30.50
N THR A 397 12.70 -25.83 31.52
CA THR A 397 13.34 -25.19 32.66
C THR A 397 13.53 -26.13 33.83
N THR A 398 13.80 -27.41 33.56
CA THR A 398 14.15 -28.35 34.60
C THR A 398 15.63 -28.38 34.91
N THR A 399 16.46 -27.76 34.07
CA THR A 399 17.90 -27.71 34.28
C THR A 399 18.34 -26.25 34.25
N ASP A 400 19.49 -25.98 34.84
CA ASP A 400 20.01 -24.62 34.78
C ASP A 400 20.56 -24.33 33.39
N ASN A 401 20.45 -23.06 33.01
CA ASN A 401 20.96 -22.47 31.76
C ASN A 401 20.35 -23.16 30.54
N SER A 402 19.04 -23.05 30.37
CA SER A 402 18.32 -23.76 29.33
C SER A 402 17.91 -22.79 28.22
N VAL A 403 17.31 -23.35 27.17
CA VAL A 403 17.07 -22.57 25.95
C VAL A 403 15.92 -21.59 26.17
N LEU A 404 14.94 -21.96 27.00
CA LEU A 404 13.83 -21.07 27.26
C LEU A 404 14.24 -19.92 28.16
N GLU A 405 15.16 -20.18 29.08
CA GLU A 405 15.60 -19.15 30.01
C GLU A 405 16.55 -18.16 29.34
N ILE A 406 17.40 -18.65 28.43
CA ILE A 406 18.41 -17.80 27.77
C ILE A 406 17.76 -16.74 26.91
N ILE A 407 16.72 -17.12 26.16
CA ILE A 407 16.11 -16.21 25.20
C ILE A 407 15.37 -15.08 25.92
N VAL A 408 14.77 -15.38 27.06
CA VAL A 408 13.92 -14.39 27.74
C VAL A 408 14.76 -13.32 28.43
N TYR A 409 15.85 -13.73 29.09
CA TYR A 409 16.70 -12.82 29.84
C TYR A 409 17.87 -12.28 29.04
N ASN A 410 17.73 -12.14 27.73
CA ASN A 410 18.86 -11.81 26.86
C ASN A 410 18.73 -10.37 26.41
N THR A 411 19.45 -9.47 27.06
CA THR A 411 19.31 -8.04 26.75
C THR A 411 20.16 -7.61 25.56
N ASN A 412 21.10 -8.44 25.10
CA ASN A 412 21.98 -8.01 24.02
C ASN A 412 21.26 -8.02 22.68
N ILE A 413 20.59 -9.12 22.35
CA ILE A 413 20.02 -9.29 21.03
C ILE A 413 18.72 -8.49 20.94
N ASP A 414 18.22 -8.32 19.73
CA ASP A 414 17.03 -7.50 19.54
C ASP A 414 15.88 -8.20 18.86
N ASN A 415 16.00 -9.47 18.49
CA ASN A 415 14.93 -10.22 17.84
C ASN A 415 14.40 -11.32 18.73
N ARG A 416 14.22 -11.06 20.03
CA ARG A 416 13.72 -12.06 20.95
C ARG A 416 12.29 -12.46 20.67
N HIS A 417 11.45 -11.54 20.20
CA HIS A 417 10.06 -11.84 19.95
C HIS A 417 9.82 -12.53 18.61
N GLU A 418 10.88 -12.93 17.93
CA GLU A 418 10.80 -13.77 16.75
C GLU A 418 11.42 -15.14 16.99
N MET A 419 11.99 -15.35 18.18
CA MET A 419 12.50 -16.64 18.60
C MET A 419 11.60 -17.31 19.60
N LEU A 420 10.59 -16.60 20.12
CA LEU A 420 9.60 -17.17 21.02
C LEU A 420 8.34 -17.61 20.29
N THR A 421 8.32 -17.53 18.97
CA THR A 421 7.19 -18.02 18.18
C THR A 421 7.50 -19.35 17.52
N LEU A 422 8.64 -19.95 17.85
CA LEU A 422 9.04 -21.21 17.25
C LEU A 422 8.32 -22.35 17.97
N GLU A 423 8.22 -23.50 17.32
CA GLU A 423 7.11 -24.43 17.55
C GLU A 423 7.11 -25.21 18.88
N PRO A 424 8.24 -25.65 19.47
CA PRO A 424 8.11 -26.22 20.82
C PRO A 424 8.12 -25.17 21.91
N LEU A 425 8.42 -23.91 21.59
CA LEU A 425 8.56 -22.89 22.61
C LEU A 425 7.29 -22.05 22.73
N HIS A 426 6.53 -21.96 21.64
CA HIS A 426 5.28 -21.23 21.65
C HIS A 426 4.24 -21.96 22.50
N THR A 427 4.25 -23.28 22.46
CA THR A 427 3.22 -24.09 23.11
C THR A 427 3.64 -24.42 24.54
N LEU A 428 4.90 -24.20 24.88
CA LEU A 428 5.38 -24.54 26.20
C LEU A 428 5.15 -23.39 27.19
N LEU A 429 4.99 -22.17 26.67
CA LEU A 429 4.64 -21.04 27.51
C LEU A 429 3.13 -20.94 27.67
N HIS A 430 2.39 -21.32 26.63
CA HIS A 430 0.93 -21.29 26.67
C HIS A 430 0.37 -22.29 27.67
N THR A 431 1.09 -23.39 27.90
CA THR A 431 0.62 -24.40 28.83
C THR A 431 0.94 -24.01 30.27
N LYS A 432 2.01 -23.24 30.48
CA LYS A 432 2.35 -22.80 31.83
C LYS A 432 1.36 -21.77 32.34
N TRP A 433 0.80 -20.96 31.45
CA TRP A 433 -0.13 -19.92 31.81
C TRP A 433 -1.47 -20.49 32.26
N LYS A 434 -1.92 -21.57 31.64
CA LYS A 434 -3.21 -22.14 31.99
C LYS A 434 -3.17 -23.03 33.22
N LYS A 435 -2.01 -23.56 33.59
CA LYS A 435 -1.93 -24.44 34.74
C LYS A 435 -1.75 -23.71 36.06
N PHE A 436 -0.82 -22.77 36.16
CA PHE A 436 -0.60 -22.11 37.44
C PHE A 436 -0.40 -20.61 37.35
N ALA A 437 -0.01 -20.09 36.19
CA ALA A 437 0.54 -18.74 36.19
C ALA A 437 -0.51 -17.66 36.00
N LYS A 438 -1.74 -18.04 35.63
CA LYS A 438 -2.79 -17.02 35.55
C LYS A 438 -3.53 -16.91 36.87
N TYR A 439 -3.30 -17.87 37.77
CA TYR A 439 -3.94 -17.85 39.07
C TYR A 439 -3.05 -17.14 40.08
N MET A 440 -1.74 -17.22 39.87
CA MET A 440 -0.81 -16.48 40.70
C MET A 440 -0.77 -15.01 40.31
N PHE A 441 -1.29 -14.68 39.13
CA PHE A 441 -1.26 -13.30 38.67
C PHE A 441 -2.52 -12.56 39.12
N PHE A 442 -3.57 -13.30 39.44
CA PHE A 442 -4.77 -12.69 40.00
C PHE A 442 -4.61 -12.46 41.50
N LEU A 443 -3.89 -13.35 42.18
CA LEU A 443 -3.68 -13.18 43.61
C LEU A 443 -2.71 -12.06 43.90
N SER A 444 -1.85 -11.74 42.95
CA SER A 444 -0.93 -10.62 43.12
C SER A 444 -1.62 -9.30 42.83
N PHE A 445 -2.74 -9.35 42.11
CA PHE A 445 -3.46 -8.14 41.77
C PHE A 445 -4.44 -7.76 42.87
N CYS A 446 -5.03 -8.76 43.53
CA CYS A 446 -5.96 -8.50 44.62
C CYS A 446 -5.26 -7.87 45.82
N PHE A 447 -4.07 -8.38 46.15
CA PHE A 447 -3.40 -7.91 47.36
C PHE A 447 -2.79 -6.53 47.16
N TYR A 448 -2.51 -6.14 45.92
CA TYR A 448 -1.98 -4.80 45.70
C TYR A 448 -3.12 -3.81 45.50
N PHE A 449 -4.31 -4.32 45.18
CA PHE A 449 -5.48 -3.48 45.13
C PHE A 449 -5.93 -3.10 46.52
N PHE A 450 -5.83 -4.04 47.46
CA PHE A 450 -6.28 -3.78 48.83
C PHE A 450 -5.25 -2.96 49.58
N TYR A 451 -4.03 -2.94 49.08
CA TYR A 451 -2.97 -2.15 49.70
C TYR A 451 -3.15 -0.66 49.43
N ASN A 452 -3.75 -0.31 48.30
CA ASN A 452 -3.95 1.11 47.98
C ASN A 452 -5.28 1.61 48.52
N ILE A 453 -6.26 0.73 48.70
CA ILE A 453 -7.52 1.14 49.31
C ILE A 453 -7.33 1.40 50.79
N THR A 454 -6.59 0.54 51.47
CA THR A 454 -6.35 0.70 52.89
C THR A 454 -5.42 1.86 53.18
N LEU A 455 -4.49 2.13 52.26
CA LEU A 455 -3.59 3.26 52.44
C LEU A 455 -4.31 4.58 52.19
N THR A 456 -5.41 4.54 51.42
CA THR A 456 -6.15 5.76 51.15
C THR A 456 -7.10 6.09 52.30
N LEU A 457 -7.79 5.08 52.82
CA LEU A 457 -8.84 5.32 53.81
C LEU A 457 -8.26 5.72 55.16
N VAL A 458 -7.10 5.22 55.53
CA VAL A 458 -6.52 5.58 56.82
C VAL A 458 -5.84 6.94 56.73
N SER A 459 -5.61 7.42 55.51
CA SER A 459 -4.97 8.71 55.35
C SER A 459 -5.98 9.80 55.05
N TYR A 460 -7.16 9.41 54.58
CA TYR A 460 -8.22 10.38 54.30
C TYR A 460 -8.99 10.72 55.56
N TYR A 461 -9.32 9.72 56.37
CA TYR A 461 -10.02 9.89 57.64
C TYR A 461 -9.06 10.12 58.80
N ARG A 462 -8.28 11.19 58.76
CA ARG A 462 -7.38 11.49 59.86
C ARG A 462 -8.15 12.06 61.05
N HIS A 471 -0.79 11.40 63.58
CA HIS A 471 -0.28 10.70 62.41
C HIS A 471 -1.26 9.57 62.10
N PRO A 472 -1.43 9.23 60.81
CA PRO A 472 -2.50 8.30 60.44
C PRO A 472 -2.26 6.87 60.86
N LEU A 473 -1.01 6.44 60.77
CA LEU A 473 -0.71 5.03 60.61
C LEU A 473 -0.30 4.37 61.92
N ALA A 474 -0.45 3.04 61.97
CA ALA A 474 0.08 2.09 62.95
C ALA A 474 -0.59 2.15 64.33
N LEU A 475 -1.41 3.18 64.57
CA LEU A 475 -2.28 3.30 65.76
C LEU A 475 -1.52 3.08 67.07
N THR A 476 -0.67 4.04 67.42
CA THR A 476 0.19 3.87 68.59
C THR A 476 -0.55 4.06 69.92
N HIS A 477 -1.85 4.34 69.92
CA HIS A 477 -2.64 4.42 71.14
C HIS A 477 -3.82 3.45 71.08
N LYS A 478 -3.65 2.27 71.68
CA LYS A 478 -4.58 1.17 71.54
C LYS A 478 -5.88 1.40 72.31
N MET A 479 -6.99 1.50 71.57
CA MET A 479 -8.32 1.56 72.17
C MET A 479 -9.08 0.27 71.94
N SER A 480 -8.33 -0.79 71.59
CA SER A 480 -8.82 -2.11 71.20
C SER A 480 -9.79 -2.05 70.02
N TRP A 481 -9.53 -1.18 69.06
CA TRP A 481 -10.44 -0.96 67.94
C TRP A 481 -10.42 -2.14 66.98
N LEU A 482 -11.59 -2.62 66.60
CA LEU A 482 -11.68 -3.67 65.59
C LEU A 482 -11.33 -3.08 64.23
N GLN A 483 -10.96 -3.96 63.29
CA GLN A 483 -10.32 -3.61 62.02
C GLN A 483 -9.05 -2.79 62.26
N LEU A 484 -8.26 -3.25 63.23
CA LEU A 484 -6.92 -2.74 63.50
C LEU A 484 -5.89 -3.30 62.53
N LEU A 485 -6.26 -4.34 61.78
CA LEU A 485 -5.35 -4.96 60.81
C LEU A 485 -4.95 -4.02 59.69
N GLY A 486 -5.82 -3.06 59.36
CA GLY A 486 -5.58 -2.11 58.30
C GLY A 486 -4.36 -1.24 58.50
N ARG A 487 -4.08 -0.89 59.76
CA ARG A 487 -2.87 -0.15 60.05
C ARG A 487 -1.66 -1.08 60.09
N MET A 488 -1.90 -2.37 60.27
CA MET A 488 -0.82 -3.35 60.34
C MET A 488 -0.49 -3.88 58.94
N PHE A 489 -1.52 -4.12 58.14
CA PHE A 489 -1.34 -4.73 56.82
C PHE A 489 -0.58 -3.83 55.87
N VAL A 490 -0.76 -2.51 56.00
CA VAL A 490 -0.02 -1.56 55.18
C VAL A 490 1.45 -1.56 55.57
N LEU A 491 1.72 -1.70 56.87
CA LEU A 491 3.08 -1.58 57.37
C LEU A 491 3.90 -2.83 57.06
N ILE A 492 3.26 -4.00 57.11
CA ILE A 492 3.96 -5.26 56.84
C ILE A 492 4.25 -5.40 55.34
N TRP A 493 3.23 -5.13 54.51
CA TRP A 493 3.33 -5.36 53.08
C TRP A 493 4.29 -4.38 52.42
N ALA A 494 4.54 -3.24 53.06
CA ALA A 494 5.46 -2.27 52.48
C ALA A 494 6.91 -2.64 52.82
N THR A 495 7.11 -3.54 53.77
CA THR A 495 8.45 -4.06 54.01
C THR A 495 8.76 -5.25 53.11
N CYS A 496 7.72 -6.03 52.77
CA CYS A 496 7.92 -7.21 51.94
C CYS A 496 8.19 -6.82 50.49
N ILE A 497 7.76 -5.64 50.06
CA ILE A 497 8.07 -5.19 48.71
C ILE A 497 9.49 -4.64 48.66
N SER A 498 9.88 -3.88 49.68
CA SER A 498 11.17 -3.19 49.67
C SER A 498 12.34 -4.16 49.78
N VAL A 499 12.14 -5.25 50.52
CA VAL A 499 13.15 -6.30 50.59
C VAL A 499 13.24 -7.04 49.25
N LYS A 500 12.08 -7.38 48.69
CA LYS A 500 12.02 -8.14 47.45
C LYS A 500 12.54 -7.34 46.27
N GLU A 501 12.34 -6.02 46.29
CA GLU A 501 12.88 -5.20 45.22
C GLU A 501 14.30 -4.77 45.52
N GLY A 502 14.73 -4.91 46.76
CA GLY A 502 16.13 -4.66 47.07
C GLY A 502 17.05 -5.71 46.47
N ILE A 503 16.52 -6.92 46.26
CA ILE A 503 17.31 -7.99 45.67
C ILE A 503 17.34 -7.84 44.16
N ALA A 504 16.18 -7.63 43.55
CA ALA A 504 16.07 -7.69 42.09
C ALA A 504 16.70 -6.48 41.41
N ILE A 505 16.83 -5.36 42.13
CA ILE A 505 17.62 -4.25 41.62
C ILE A 505 19.10 -4.59 41.70
N PHE A 506 19.50 -5.26 42.78
CA PHE A 506 20.91 -5.56 43.01
C PHE A 506 21.45 -6.61 42.05
N LEU A 507 20.63 -7.58 41.67
CA LEU A 507 21.09 -8.63 40.76
C LEU A 507 21.13 -8.13 39.33
N LEU A 508 20.07 -7.47 38.89
CA LEU A 508 19.94 -6.98 37.52
C LEU A 508 20.86 -5.80 37.26
N ARG A 509 21.78 -5.97 36.28
CA ARG A 509 22.51 -4.84 35.70
C ARG A 509 22.92 -5.09 34.25
N PRO A 510 22.00 -4.99 33.27
CA PRO A 510 22.44 -4.72 31.88
C PRO A 510 22.59 -3.22 31.62
N SER A 511 23.80 -2.70 31.91
CA SER A 511 24.07 -1.28 31.95
C SER A 511 23.88 -0.60 30.59
N ASP A 512 22.78 0.14 30.47
CA ASP A 512 22.27 0.69 29.22
C ASP A 512 21.16 1.66 29.56
N LEU A 513 20.97 2.67 28.71
CA LEU A 513 19.82 3.56 28.86
C LEU A 513 18.55 2.90 28.34
N GLN A 514 18.69 1.89 27.48
CA GLN A 514 17.53 1.18 26.96
C GLN A 514 16.98 0.18 27.97
N SER A 515 17.78 -0.15 28.99
CA SER A 515 17.37 -1.16 29.96
C SER A 515 16.27 -0.64 30.88
N ILE A 516 16.40 0.61 31.33
CA ILE A 516 15.47 1.17 32.31
C ILE A 516 14.11 1.44 31.68
N LEU A 517 14.10 1.83 30.39
CA LEU A 517 12.88 2.16 29.69
C LEU A 517 12.08 0.95 29.24
N SER A 518 12.58 -0.25 29.44
CA SER A 518 11.90 -1.40 28.86
C SER A 518 11.68 -2.54 29.82
N ASP A 519 12.60 -2.78 30.76
CA ASP A 519 12.44 -3.95 31.60
C ASP A 519 12.25 -3.59 33.08
N ALA A 520 13.21 -2.85 33.64
CA ALA A 520 13.22 -2.55 35.06
C ALA A 520 12.73 -1.14 35.36
N TRP A 521 11.74 -0.65 34.62
CA TRP A 521 11.08 0.59 35.03
C TRP A 521 10.26 0.34 36.29
N PHE A 522 9.58 -0.80 36.37
CA PHE A 522 8.68 -1.03 37.47
C PHE A 522 9.39 -1.65 38.66
N HIS A 523 10.63 -2.07 38.50
CA HIS A 523 11.39 -2.56 39.65
C HIS A 523 11.80 -1.40 40.54
N PHE A 524 11.97 -0.22 39.95
CA PHE A 524 12.34 0.95 40.74
C PHE A 524 11.11 1.57 41.38
N VAL A 525 10.02 1.70 40.63
CA VAL A 525 8.90 2.51 41.10
C VAL A 525 7.93 1.69 41.95
N PHE A 526 8.27 0.45 42.25
CA PHE A 526 7.62 -0.19 43.38
C PHE A 526 8.51 -0.11 44.61
N PHE A 527 9.79 0.17 44.39
CA PHE A 527 10.72 0.30 45.49
C PHE A 527 10.70 1.70 46.05
N VAL A 528 10.35 2.68 45.21
CA VAL A 528 10.21 4.07 45.66
C VAL A 528 9.05 4.19 46.64
N GLN A 529 7.90 3.63 46.27
CA GLN A 529 6.70 3.73 47.09
C GLN A 529 6.86 3.00 48.43
N ALA A 530 7.52 1.86 48.42
CA ALA A 530 7.70 1.11 49.66
C ALA A 530 8.69 1.77 50.59
N VAL A 531 9.53 2.66 50.06
CA VAL A 531 10.38 3.48 50.92
C VAL A 531 9.57 4.62 51.52
N LEU A 532 8.76 5.29 50.69
CA LEU A 532 8.06 6.50 51.11
C LEU A 532 7.01 6.23 52.18
N VAL A 533 6.48 5.01 52.23
CA VAL A 533 5.56 4.66 53.31
C VAL A 533 6.33 4.45 54.61
N ILE A 534 7.49 3.79 54.52
CA ILE A 534 8.27 3.49 55.71
C ILE A 534 8.99 4.74 56.20
N LEU A 535 9.51 5.54 55.28
CA LEU A 535 10.29 6.71 55.66
C LEU A 535 9.41 7.79 56.29
N SER A 536 8.13 7.83 55.90
CA SER A 536 7.21 8.81 56.49
C SER A 536 6.89 8.46 57.94
N VAL A 537 6.98 7.19 58.30
CA VAL A 537 6.78 6.80 59.69
C VAL A 537 8.01 7.17 60.51
N PHE A 538 9.18 7.07 59.89
CA PHE A 538 10.41 7.37 60.62
C PHE A 538 10.63 8.86 60.78
N LEU A 539 10.03 9.68 59.90
CA LEU A 539 10.13 11.12 60.06
C LEU A 539 9.27 11.60 61.23
N TYR A 540 8.10 10.98 61.42
CA TYR A 540 7.14 11.49 62.39
C TYR A 540 7.64 11.30 63.82
N LEU A 541 8.42 10.25 64.05
CA LEU A 541 8.71 9.84 65.43
C LEU A 541 9.61 10.82 66.18
N PHE A 542 10.44 11.59 65.48
CA PHE A 542 11.12 12.62 66.27
C PHE A 542 10.32 13.92 66.35
N ALA A 543 10.36 14.74 65.28
CA ALA A 543 9.52 15.94 65.21
C ALA A 543 9.23 16.41 63.79
N TYR A 544 9.73 15.69 62.77
CA TYR A 544 10.27 16.34 61.57
C TYR A 544 9.23 17.04 60.69
N LYS A 545 7.93 16.84 60.92
CA LYS A 545 6.81 17.64 60.38
C LYS A 545 6.61 17.48 58.87
N GLU A 546 7.51 16.76 58.19
CA GLU A 546 7.37 16.49 56.75
C GLU A 546 6.72 15.12 56.55
N TYR A 547 5.79 14.74 57.43
CA TYR A 547 5.21 13.41 57.43
C TYR A 547 3.90 13.37 56.66
N LEU A 548 3.60 14.43 55.92
CA LEU A 548 2.37 14.46 55.14
C LEU A 548 2.74 14.67 53.69
N ALA A 549 3.95 15.18 53.45
CA ALA A 549 4.46 15.30 52.10
C ALA A 549 4.70 13.94 51.48
N CYS A 550 5.31 13.03 52.25
CA CYS A 550 5.65 11.71 51.73
C CYS A 550 4.42 10.84 51.54
N LEU A 551 3.41 11.02 52.39
CA LEU A 551 2.24 10.14 52.34
C LEU A 551 1.37 10.45 51.13
N VAL A 552 1.36 11.70 50.67
CA VAL A 552 0.61 12.01 49.45
C VAL A 552 1.40 11.55 48.22
N LEU A 553 2.73 11.64 48.28
CA LEU A 553 3.56 11.07 47.24
C LEU A 553 3.40 9.55 47.17
N ALA A 554 3.31 8.90 48.33
CA ALA A 554 3.16 7.45 48.36
C ALA A 554 1.78 7.02 47.90
N MET A 555 0.78 7.88 48.04
CA MET A 555 -0.54 7.53 47.57
C MET A 555 -0.72 7.84 46.09
N ALA A 556 -0.20 8.98 45.63
CA ALA A 556 -0.42 9.37 44.24
C ALA A 556 0.42 8.53 43.29
N LEU A 557 1.61 8.10 43.73
CA LEU A 557 2.40 7.17 42.94
C LEU A 557 1.81 5.77 43.01
N GLY A 558 1.13 5.44 44.10
CA GLY A 558 0.65 4.07 44.29
C GLY A 558 -0.55 3.75 43.43
N TRP A 559 -1.16 4.76 42.82
CA TRP A 559 -2.24 4.49 41.87
C TRP A 559 -1.76 4.54 40.44
N ALA A 560 -0.60 5.12 40.19
CA ALA A 560 -0.03 5.14 38.86
C ALA A 560 0.52 3.77 38.51
N ASN A 561 0.97 3.03 39.52
CA ASN A 561 1.62 1.76 39.30
C ASN A 561 0.69 0.64 38.86
N MET A 562 -0.63 0.83 38.99
CA MET A 562 -1.57 -0.26 38.79
C MET A 562 -1.94 -0.42 37.32
N LEU A 563 -1.29 0.31 36.42
CA LEU A 563 -1.42 0.02 34.99
C LEU A 563 -0.50 -1.12 34.57
N TYR A 564 0.45 -1.49 35.43
CA TYR A 564 1.29 -2.66 35.29
C TYR A 564 0.46 -3.93 35.12
N TYR A 565 -0.66 -4.03 35.82
CA TYR A 565 -1.38 -5.29 35.89
C TYR A 565 -2.28 -5.53 34.69
N THR A 566 -2.17 -4.71 33.65
CA THR A 566 -2.98 -4.87 32.45
C THR A 566 -2.50 -5.98 31.53
N ARG A 567 -1.36 -6.58 31.79
CA ARG A 567 -0.78 -7.54 30.85
C ARG A 567 -1.34 -8.94 30.99
N GLY A 568 -2.45 -9.09 31.70
CA GLY A 568 -3.12 -10.37 31.79
C GLY A 568 -4.14 -10.56 30.68
N PHE A 569 -4.55 -9.45 30.06
CA PHE A 569 -5.53 -9.47 28.98
C PHE A 569 -4.88 -8.97 27.72
N GLN A 570 -5.22 -9.61 26.59
CA GLN A 570 -4.65 -9.25 25.31
C GLN A 570 -5.16 -7.90 24.84
N SER A 571 -6.42 -7.59 25.16
CA SER A 571 -7.05 -6.35 24.74
C SER A 571 -6.48 -5.14 25.45
N MET A 572 -6.48 -5.17 26.79
CA MET A 572 -5.95 -4.03 27.53
C MET A 572 -4.43 -4.01 27.54
N GLY A 573 -3.79 -5.15 27.32
CA GLY A 573 -2.34 -5.20 27.43
C GLY A 573 -1.65 -4.51 26.27
N MET A 574 -2.16 -4.73 25.06
CA MET A 574 -1.58 -4.14 23.86
C MET A 574 -1.83 -2.64 23.82
N TYR A 575 -2.90 -2.16 24.46
CA TYR A 575 -3.17 -0.73 24.55
C TYR A 575 -2.11 -0.03 25.38
N SER A 576 -1.70 -0.65 26.49
CA SER A 576 -0.73 -0.01 27.36
C SER A 576 0.67 -0.03 26.76
N VAL A 577 0.94 -0.99 25.87
CA VAL A 577 2.20 -1.01 25.12
C VAL A 577 2.32 0.24 24.28
N MET A 578 1.24 0.63 23.59
CA MET A 578 1.30 1.79 22.71
C MET A 578 1.33 3.09 23.50
N ILE A 579 1.02 3.06 24.79
CA ILE A 579 1.24 4.24 25.63
C ILE A 579 2.74 4.49 25.77
N GLN A 580 3.52 3.42 25.83
CA GLN A 580 4.97 3.54 25.99
C GLN A 580 5.61 4.14 24.74
N LYS A 581 5.17 3.70 23.57
CA LYS A 581 5.78 4.15 22.32
C LYS A 581 5.40 5.59 21.99
N VAL A 582 4.29 6.07 22.55
CA VAL A 582 3.84 7.44 22.30
C VAL A 582 4.55 8.42 23.23
N ILE A 583 4.81 8.01 24.48
CA ILE A 583 5.50 8.90 25.40
C ILE A 583 6.95 9.07 25.01
N LEU A 584 7.61 7.99 24.57
CA LEU A 584 9.01 8.09 24.16
C LEU A 584 9.18 8.86 22.85
N HIS A 585 8.49 8.44 21.81
CA HIS A 585 8.78 8.87 20.45
C HIS A 585 8.08 10.17 20.08
N ASP A 586 7.12 10.64 20.87
CA ASP A 586 6.32 11.79 20.42
C ASP A 586 6.21 12.92 21.43
N VAL A 587 6.07 12.61 22.72
CA VAL A 587 5.63 13.61 23.68
C VAL A 587 6.83 14.35 24.28
N LEU A 588 7.96 13.67 24.39
CA LEU A 588 9.13 14.29 25.02
C LEU A 588 9.76 15.34 24.13
N LYS A 589 9.56 15.23 22.81
CA LYS A 589 10.09 16.23 21.89
C LYS A 589 9.17 17.43 21.80
N PHE A 590 7.88 17.23 22.02
CA PHE A 590 6.92 18.33 22.07
C PHE A 590 7.18 19.26 23.23
N LEU A 591 7.59 18.69 24.37
CA LEU A 591 7.71 19.49 25.60
C LEU A 591 8.91 20.41 25.55
N PHE A 592 9.96 20.02 24.84
CA PHE A 592 11.16 20.83 24.81
C PHE A 592 10.98 22.07 23.94
N VAL A 593 10.13 21.96 22.91
CA VAL A 593 9.92 23.08 22.01
C VAL A 593 8.94 24.07 22.63
N TYR A 594 7.99 23.57 23.41
CA TYR A 594 6.95 24.42 23.99
C TYR A 594 7.49 25.27 25.14
N ILE A 595 8.38 24.70 25.95
CA ILE A 595 8.99 25.44 27.06
C ILE A 595 9.92 26.52 26.52
N LEU A 596 10.49 26.30 25.34
CA LEU A 596 11.31 27.27 24.66
C LEU A 596 10.51 28.52 24.28
N PHE A 597 9.20 28.38 24.09
CA PHE A 597 8.34 29.52 23.84
C PHE A 597 7.68 30.02 25.12
N LEU A 598 7.46 29.12 26.08
CA LEU A 598 6.76 29.48 27.31
C LEU A 598 7.68 30.31 28.22
N LEU A 599 8.98 30.00 28.22
CA LEU A 599 9.94 30.85 28.92
C LEU A 599 10.54 31.89 27.97
N GLY A 600 10.24 31.76 26.68
CA GLY A 600 10.62 32.76 25.71
C GLY A 600 9.67 33.93 25.70
N PHE A 601 8.37 33.65 25.56
CA PHE A 601 7.36 34.70 25.64
C PHE A 601 7.16 35.17 27.08
N GLY A 602 7.19 34.23 28.02
CA GLY A 602 6.79 34.47 29.40
C GLY A 602 7.50 35.56 30.18
N VAL A 603 8.83 35.63 30.09
CA VAL A 603 9.54 36.69 30.77
C VAL A 603 9.45 37.96 29.93
N ALA A 604 9.35 37.80 28.61
CA ALA A 604 9.33 38.92 27.69
C ALA A 604 7.94 39.47 27.42
N LEU A 605 6.97 39.20 28.29
CA LEU A 605 5.68 39.87 28.25
C LEU A 605 5.59 41.08 29.16
N ALA A 606 6.54 41.25 30.09
CA ALA A 606 6.47 42.35 31.05
C ALA A 606 6.84 43.70 30.44
N SER A 607 6.09 44.13 29.42
CA SER A 607 6.40 45.37 28.72
C SER A 607 5.24 46.35 28.82
N LEU A 608 4.02 45.93 28.47
CA LEU A 608 2.88 46.83 28.59
C LEU A 608 2.27 46.76 29.99
N ILE A 609 2.68 45.78 30.78
CA ILE A 609 2.25 45.63 32.17
C ILE A 609 3.41 45.24 33.08
N GLU A 610 3.93 46.22 33.80
CA GLU A 610 4.99 45.97 34.79
C GLU A 610 4.94 46.99 35.90
N TYR A 622 6.85 43.29 37.93
CA TYR A 622 5.62 42.53 37.73
C TYR A 622 5.72 41.19 38.44
N GLY A 623 6.94 40.80 38.81
CA GLY A 623 7.17 39.43 39.20
C GLY A 623 6.89 38.47 38.08
N SER A 624 7.42 38.77 36.89
CA SER A 624 6.95 38.26 35.61
C SER A 624 7.09 36.75 35.48
N PHE A 625 8.14 36.20 36.07
CA PHE A 625 8.49 34.80 35.85
C PHE A 625 7.54 33.85 36.57
N SER A 626 6.87 34.33 37.61
CA SER A 626 5.84 33.51 38.24
C SER A 626 4.47 33.85 37.69
N ASP A 627 4.27 35.10 37.29
CA ASP A 627 2.93 35.59 37.00
C ASP A 627 2.62 35.58 35.50
N ALA A 628 3.47 36.25 34.70
CA ALA A 628 3.23 36.33 33.25
C ALA A 628 3.44 34.98 32.58
N VAL A 629 4.22 34.10 33.20
CA VAL A 629 4.24 32.71 32.77
C VAL A 629 2.93 32.03 33.13
N LEU A 630 2.34 32.40 34.26
CA LEU A 630 1.11 31.74 34.69
C LEU A 630 -0.08 32.23 33.88
N GLU A 631 -0.04 33.47 33.39
CA GLU A 631 -1.16 33.97 32.60
C GLU A 631 -1.12 33.42 31.18
N LEU A 632 0.00 32.79 30.80
CA LEU A 632 0.04 32.11 29.51
C LEU A 632 -0.19 30.61 29.66
N PHE A 633 -0.11 30.09 30.88
CA PHE A 633 -0.44 28.68 31.07
C PHE A 633 -1.90 28.50 31.45
N LYS A 634 -2.47 29.47 32.16
CA LYS A 634 -3.91 29.44 32.44
C LYS A 634 -4.70 29.56 31.15
N LEU A 635 -4.24 30.43 30.25
CA LEU A 635 -4.83 30.61 28.93
C LEU A 635 -4.76 29.35 28.07
N THR A 636 -3.81 28.46 28.33
CA THR A 636 -3.65 27.25 27.55
C THR A 636 -4.54 26.13 28.10
N ILE A 637 -4.78 26.14 29.42
CA ILE A 637 -5.74 25.25 30.04
C ILE A 637 -7.13 25.54 29.52
N GLY A 638 -7.48 26.82 29.46
CA GLY A 638 -8.77 27.20 28.93
C GLY A 638 -9.43 28.36 29.64
N LEU A 639 -9.10 28.61 30.90
CA LEU A 639 -9.61 29.80 31.56
C LEU A 639 -8.75 31.00 31.18
N GLY A 640 -9.27 32.20 31.40
CA GLY A 640 -8.51 33.38 31.04
C GLY A 640 -9.00 34.59 31.80
N ASP A 641 -8.06 35.50 32.06
CA ASP A 641 -8.38 36.66 32.87
C ASP A 641 -7.91 37.91 32.15
N LEU A 642 -8.86 38.71 31.71
CA LEU A 642 -8.61 39.81 30.78
C LEU A 642 -8.56 41.17 31.47
N ASN A 643 -8.34 41.19 32.78
CA ASN A 643 -8.19 42.46 33.50
C ASN A 643 -6.83 43.08 33.25
N ILE A 644 -5.84 42.26 32.88
CA ILE A 644 -4.51 42.77 32.59
C ILE A 644 -4.45 43.41 31.21
N GLN A 645 -5.28 42.95 30.28
CA GLN A 645 -5.37 43.59 28.97
C GLN A 645 -6.11 44.92 29.04
N GLN A 646 -7.11 45.01 29.92
CA GLN A 646 -7.77 46.29 30.15
C GLN A 646 -6.89 47.27 30.90
N ASN A 647 -6.02 46.76 31.78
CA ASN A 647 -5.14 47.61 32.58
C ASN A 647 -3.74 47.64 31.96
N SER A 648 -3.68 47.54 30.64
CA SER A 648 -2.42 47.61 29.92
C SER A 648 -2.05 49.06 29.63
N THR A 649 -0.76 49.26 29.34
CA THR A 649 -0.31 50.55 28.82
C THR A 649 -0.95 50.84 27.46
N TYR A 650 -0.90 49.85 26.56
CA TYR A 650 -1.49 49.96 25.24
C TYR A 650 -2.64 48.96 25.11
N PRO A 651 -3.80 49.42 24.65
CA PRO A 651 -4.82 48.52 24.12
C PRO A 651 -4.38 47.96 22.77
N ILE A 652 -5.36 47.46 22.00
CA ILE A 652 -5.36 46.27 21.13
C ILE A 652 -4.00 45.75 20.61
N LEU A 653 -2.99 46.62 20.46
CA LEU A 653 -1.59 46.22 20.36
C LEU A 653 -1.15 45.18 21.40
N PHE A 654 -1.74 45.16 22.62
CA PHE A 654 -1.51 44.05 23.53
C PHE A 654 -2.33 42.82 23.13
N LEU A 655 -2.13 42.39 21.89
CA LEU A 655 -2.50 41.08 21.40
C LEU A 655 -1.39 40.45 20.60
N PHE A 656 -0.37 41.20 20.15
CA PHE A 656 0.60 40.66 19.20
C PHE A 656 1.49 39.60 19.84
N LEU A 657 1.89 39.79 21.09
CA LEU A 657 2.57 38.70 21.77
C LEU A 657 1.57 37.67 22.29
N LEU A 658 0.28 38.00 22.26
CA LEU A 658 -0.74 37.07 22.74
C LEU A 658 -1.38 36.31 21.58
N ILE A 659 -1.34 36.87 20.37
CA ILE A 659 -1.76 36.13 19.19
C ILE A 659 -0.65 35.18 18.74
N THR A 660 0.60 35.65 18.71
CA THR A 660 1.74 34.84 18.28
C THR A 660 1.95 33.64 19.20
N TYR A 661 1.48 33.74 20.44
CA TYR A 661 1.47 32.58 21.31
C TYR A 661 0.42 31.57 20.89
N VAL A 662 -0.78 32.03 20.52
CA VAL A 662 -1.88 31.11 20.22
C VAL A 662 -1.75 30.44 18.86
N ILE A 663 -1.16 31.12 17.88
CA ILE A 663 -0.89 30.54 16.57
C ILE A 663 0.08 29.37 16.66
N LEU A 664 1.14 29.53 17.45
CA LEU A 664 2.17 28.49 17.51
C LEU A 664 1.71 27.28 18.31
N THR A 665 1.07 27.50 19.45
CA THR A 665 0.87 26.39 20.39
C THR A 665 -0.36 25.57 20.02
N PHE A 666 -1.23 26.12 19.19
CA PHE A 666 -2.48 25.42 18.88
C PHE A 666 -2.50 24.94 17.44
N VAL A 667 -2.29 25.84 16.50
CA VAL A 667 -2.34 25.51 15.09
C VAL A 667 -1.09 24.70 14.75
N LEU A 668 0.06 25.16 15.15
CA LEU A 668 1.28 24.50 14.71
C LEU A 668 1.67 23.30 15.57
N LEU A 669 1.96 23.51 16.86
CA LEU A 669 2.64 22.47 17.63
C LEU A 669 1.76 21.29 18.01
N LEU A 670 0.53 21.52 18.43
CA LEU A 670 -0.34 20.41 18.83
C LEU A 670 -0.86 19.61 17.65
N ASN A 671 -1.14 20.28 16.54
CA ASN A 671 -1.68 19.57 15.38
C ASN A 671 -0.62 18.78 14.66
N MET A 672 0.66 19.09 14.93
CA MET A 672 1.73 18.29 14.37
C MET A 672 2.06 17.12 15.29
N LEU A 673 1.61 17.18 16.53
CA LEU A 673 1.75 16.04 17.42
C LEU A 673 0.80 14.91 17.02
N ILE A 674 -0.45 15.27 16.68
CA ILE A 674 -1.45 14.29 16.23
C ILE A 674 -1.02 13.68 14.89
N ALA A 675 -0.37 14.48 14.06
CA ALA A 675 0.09 13.99 12.76
C ALA A 675 1.25 13.02 12.90
N LEU A 676 1.96 13.07 14.03
CA LEU A 676 3.06 12.13 14.23
C LEU A 676 2.64 10.90 15.02
N MET A 677 1.62 11.02 15.87
CA MET A 677 1.11 9.85 16.56
C MET A 677 0.38 8.92 15.61
N GLY A 678 -0.18 9.46 14.53
CA GLY A 678 -0.80 8.61 13.53
C GLY A 678 0.23 7.80 12.76
N GLU A 679 1.41 8.38 12.56
CA GLU A 679 2.50 7.65 11.92
C GLU A 679 3.10 6.62 12.87
N THR A 680 3.07 6.91 14.18
CA THR A 680 3.73 6.05 15.15
C THR A 680 2.87 4.84 15.50
N VAL A 681 1.54 5.03 15.58
CA VAL A 681 0.62 3.93 15.83
C VAL A 681 0.61 2.97 14.64
N GLU A 682 0.77 3.51 13.43
CA GLU A 682 0.71 2.69 12.22
C GLU A 682 1.88 1.72 12.12
N ASN A 683 3.03 2.08 12.68
CA ASN A 683 4.18 1.20 12.60
C ASN A 683 4.24 0.18 13.74
N VAL A 684 3.69 0.52 14.91
CA VAL A 684 3.77 -0.38 16.06
C VAL A 684 2.57 -1.31 16.16
N SER A 685 1.56 -1.14 15.32
CA SER A 685 0.38 -1.98 15.40
C SER A 685 0.63 -3.39 14.89
N LYS A 686 1.59 -3.56 13.98
CA LYS A 686 1.93 -4.89 13.51
C LYS A 686 2.86 -5.63 14.47
N GLU A 687 3.55 -4.92 15.36
CA GLU A 687 4.49 -5.54 16.27
C GLU A 687 3.97 -5.66 17.70
N SER A 688 2.79 -5.12 17.99
CA SER A 688 2.37 -4.98 19.39
C SER A 688 1.93 -6.33 19.97
N GLU A 689 1.63 -7.31 19.13
CA GLU A 689 1.21 -8.60 19.65
C GLU A 689 2.41 -9.42 20.11
N ARG A 690 3.54 -9.27 19.42
CA ARG A 690 4.73 -10.01 19.83
C ARG A 690 5.46 -9.31 20.96
N ILE A 691 5.50 -7.97 20.94
CA ILE A 691 6.23 -7.24 21.97
C ILE A 691 5.43 -7.23 23.27
N TRP A 692 4.14 -7.57 23.20
CA TRP A 692 3.38 -7.83 24.41
C TRP A 692 3.72 -9.20 24.99
N ARG A 693 3.92 -10.20 24.13
CA ARG A 693 4.16 -11.56 24.63
C ARG A 693 5.56 -11.71 25.20
N LEU A 694 6.45 -10.78 24.88
CA LEU A 694 7.77 -10.78 25.51
C LEU A 694 7.69 -10.26 26.93
N GLN A 695 6.63 -9.52 27.24
CA GLN A 695 6.42 -9.03 28.59
C GLN A 695 5.83 -10.10 29.47
N ARG A 696 4.91 -10.89 28.92
CA ARG A 696 4.20 -11.87 29.72
C ARG A 696 5.05 -13.11 29.93
N ALA A 697 6.04 -13.35 29.06
CA ALA A 697 6.87 -14.53 29.19
C ALA A 697 7.88 -14.38 30.32
N ARG A 698 8.27 -13.14 30.62
CA ARG A 698 9.16 -12.89 31.74
C ARG A 698 8.41 -13.00 33.06
N THR A 699 7.09 -12.79 33.02
CA THR A 699 6.25 -12.93 34.20
C THR A 699 6.12 -14.40 34.61
N ILE A 700 5.91 -15.28 33.63
CA ILE A 700 5.69 -16.70 33.88
C ILE A 700 6.94 -17.33 34.47
N LEU A 701 8.10 -16.89 34.01
CA LEU A 701 9.35 -17.51 34.44
C LEU A 701 9.84 -16.96 35.77
N GLU A 702 9.11 -16.03 36.37
CA GLU A 702 9.46 -15.59 37.72
C GLU A 702 8.49 -16.14 38.75
N PHE A 703 7.27 -16.45 38.33
CA PHE A 703 6.35 -17.18 39.19
C PHE A 703 6.81 -18.61 39.40
N GLU A 704 7.55 -19.14 38.44
CA GLU A 704 7.97 -20.54 38.53
C GLU A 704 9.12 -20.71 39.52
N LYS A 705 9.92 -19.67 39.71
CA LYS A 705 11.05 -19.77 40.64
C LYS A 705 10.58 -19.76 42.09
N MET A 706 9.47 -19.08 42.39
CA MET A 706 8.95 -19.04 43.76
C MET A 706 7.91 -20.14 43.99
N LEU A 707 8.28 -21.36 43.62
CA LEU A 707 7.46 -22.52 43.93
C LEU A 707 8.33 -23.56 44.63
N PRO A 708 7.81 -24.21 45.65
CA PRO A 708 8.57 -25.28 46.31
C PRO A 708 8.67 -26.51 45.42
N GLU A 709 9.58 -27.41 45.81
CA GLU A 709 9.96 -28.51 44.94
C GLU A 709 8.87 -29.58 44.86
N TRP A 710 8.02 -29.67 45.89
CA TRP A 710 6.92 -30.63 45.83
C TRP A 710 5.82 -30.14 44.90
N LEU A 711 5.82 -28.85 44.58
CA LEU A 711 4.74 -28.29 43.76
C LEU A 711 5.21 -28.07 42.33
N ARG A 712 6.52 -28.05 42.11
CA ARG A 712 7.07 -28.07 40.75
C ARG A 712 6.74 -29.37 40.05
N SER A 713 6.71 -30.46 40.81
CA SER A 713 6.55 -31.79 40.22
C SER A 713 5.13 -32.01 39.71
N ARG A 714 4.15 -31.40 40.37
CA ARG A 714 2.77 -31.58 39.97
C ARG A 714 2.45 -30.79 38.70
N PHE A 715 2.96 -29.56 38.60
CA PHE A 715 2.80 -28.75 37.40
C PHE A 715 4.03 -29.00 36.54
N ARG A 716 3.99 -30.03 35.71
CA ARG A 716 5.12 -30.33 34.85
C ARG A 716 4.65 -30.98 33.57
N MET A 717 5.10 -30.43 32.45
CA MET A 717 4.77 -30.93 31.13
C MET A 717 5.66 -32.11 30.76
N GLY A 718 5.21 -32.87 29.80
CA GLY A 718 6.08 -33.93 29.31
C GLY A 718 5.53 -35.30 29.62
N GLU A 719 5.96 -36.28 28.83
CA GLU A 719 5.59 -37.68 29.02
C GLU A 719 6.73 -38.55 28.52
N LEU A 720 7.07 -39.58 29.28
CA LEU A 720 8.15 -40.47 28.87
C LEU A 720 7.71 -41.34 27.71
N CYS A 721 8.32 -41.12 26.56
CA CYS A 721 8.03 -41.88 25.36
C CYS A 721 9.19 -42.82 25.09
N LYS A 722 8.97 -43.78 24.21
CA LYS A 722 10.02 -44.70 23.79
C LYS A 722 10.26 -44.46 22.31
N VAL A 723 11.30 -43.71 21.99
CA VAL A 723 11.51 -43.22 20.65
C VAL A 723 12.52 -44.07 19.87
N ALA A 724 13.27 -44.92 20.57
CA ALA A 724 14.22 -45.82 19.93
C ALA A 724 14.49 -46.99 20.86
N ASP A 725 15.54 -47.74 20.61
CA ASP A 725 15.93 -48.86 21.46
C ASP A 725 16.58 -48.28 22.72
N GLU A 726 15.86 -48.38 23.83
CA GLU A 726 16.22 -47.90 25.17
C GLU A 726 16.48 -46.41 25.23
N ASP A 727 15.89 -45.62 24.34
CA ASP A 727 16.03 -44.16 24.37
C ASP A 727 14.68 -43.61 24.84
N PHE A 728 14.61 -43.25 26.11
CA PHE A 728 13.42 -42.65 26.67
C PHE A 728 13.62 -41.15 26.83
N ARG A 729 12.74 -40.36 26.23
CA ARG A 729 12.87 -38.91 26.24
C ARG A 729 11.59 -38.33 26.81
N LEU A 730 11.59 -37.01 27.00
CA LEU A 730 10.51 -36.31 27.69
C LEU A 730 9.85 -35.35 26.72
N CYS A 731 8.71 -35.76 26.15
CA CYS A 731 8.21 -35.24 24.90
C CYS A 731 6.94 -34.42 25.08
N LEU A 732 6.56 -33.70 24.02
CA LEU A 732 5.42 -32.78 24.04
C LEU A 732 4.62 -32.93 22.75
N ARG A 733 3.39 -33.44 22.86
CA ARG A 733 2.59 -33.82 21.71
C ARG A 733 1.78 -32.65 21.13
N ILE A 734 1.87 -32.46 19.81
CA ILE A 734 1.15 -31.42 19.09
C ILE A 734 0.50 -32.04 17.86
N ASN A 735 -0.79 -31.77 17.65
CA ASN A 735 -1.55 -32.32 16.53
C ASN A 735 -1.57 -31.36 15.34
N GLU A 736 -1.94 -31.90 14.18
CA GLU A 736 -1.84 -31.15 12.93
C GLU A 736 -2.80 -31.75 11.92
N VAL A 737 -3.30 -30.90 11.01
CA VAL A 737 -4.13 -31.31 9.88
C VAL A 737 -3.56 -30.68 8.62
N LYS A 738 -3.23 -31.51 7.62
CA LYS A 738 -2.54 -31.04 6.42
C LYS A 738 -3.19 -31.65 5.18
N TRP A 739 -3.65 -30.78 4.27
CA TRP A 739 -4.42 -31.22 3.11
C TRP A 739 -3.65 -31.12 1.80
N THR A 740 -2.39 -30.70 1.82
CA THR A 740 -1.69 -30.35 0.60
C THR A 740 -0.66 -31.36 0.13
N GLU A 741 -0.04 -32.11 1.03
CA GLU A 741 0.95 -33.11 0.67
C GLU A 741 0.37 -34.49 0.90
N TRP A 742 0.15 -35.24 -0.18
CA TRP A 742 -0.41 -36.57 -0.08
C TRP A 742 0.70 -37.59 -0.29
N LYS A 743 1.11 -38.24 0.78
CA LYS A 743 2.14 -39.27 0.73
C LYS A 743 1.67 -40.46 1.56
N THR A 744 2.34 -41.59 1.37
CA THR A 744 2.09 -42.75 2.21
C THR A 744 3.08 -42.76 3.37
N HIS A 745 2.62 -43.25 4.51
CA HIS A 745 3.32 -43.07 5.77
C HIS A 745 4.15 -44.30 6.10
N VAL A 746 5.45 -44.10 6.26
CA VAL A 746 6.35 -45.17 6.65
C VAL A 746 6.91 -44.98 8.06
N SER A 747 7.21 -43.76 8.48
CA SER A 747 7.76 -43.49 9.80
C SER A 747 6.63 -43.23 10.79
N PHE A 748 6.50 -44.10 11.78
CA PHE A 748 5.52 -43.97 12.85
C PHE A 748 5.90 -44.88 14.00
N LEU A 749 5.64 -44.42 15.22
CA LEU A 749 5.88 -45.20 16.42
C LEU A 749 4.76 -46.19 16.74
N ASN A 750 3.55 -45.94 16.26
CA ASN A 750 2.40 -46.82 16.51
C ASN A 750 1.66 -47.11 15.22
N GLU A 751 1.38 -48.39 14.98
CA GLU A 751 0.56 -48.79 13.85
C GLU A 751 -0.88 -48.33 14.04
N ASP A 752 -1.41 -48.52 15.25
CA ASP A 752 -2.81 -48.26 15.53
C ASP A 752 -2.96 -46.85 16.07
N PRO A 753 -3.59 -45.94 15.33
CA PRO A 753 -3.64 -44.54 15.75
C PRO A 753 -4.62 -44.26 16.88
N GLY A 754 -4.88 -43.00 17.16
CA GLY A 754 -5.88 -42.65 18.12
C GLY A 754 -5.25 -42.25 19.44
N PRO A 755 -6.06 -41.64 20.33
CA PRO A 755 -5.53 -41.13 21.59
C PRO A 755 -5.03 -42.20 22.55
N ILE A 756 -5.79 -43.28 22.68
CA ILE A 756 -5.62 -44.33 23.71
C ILE A 756 -5.66 -43.71 25.11
N ARG B 118 17.33 24.08 -66.40
CA ARG B 118 16.58 22.94 -66.92
C ARG B 118 17.31 21.62 -66.66
N LEU B 119 18.63 21.69 -66.49
CA LEU B 119 19.41 20.47 -66.32
C LEU B 119 19.71 20.22 -64.85
N LYS B 120 19.80 21.29 -64.05
CA LYS B 120 20.05 21.14 -62.63
C LYS B 120 18.82 20.60 -61.92
N LYS B 121 17.63 21.05 -62.33
CA LYS B 121 16.40 20.69 -61.64
C LYS B 121 16.01 19.24 -61.91
N ARG B 122 16.41 18.71 -63.06
CA ARG B 122 16.10 17.32 -63.36
C ARG B 122 16.96 16.36 -62.53
N ILE B 123 18.16 16.80 -62.15
CA ILE B 123 19.06 15.93 -61.41
C ILE B 123 18.59 15.77 -59.97
N PHE B 124 18.20 16.90 -59.35
CA PHE B 124 17.71 16.86 -57.98
C PHE B 124 16.39 16.11 -57.86
N ALA B 125 15.57 16.17 -58.91
CA ALA B 125 14.29 15.49 -58.86
C ALA B 125 14.44 13.99 -59.04
N ALA B 126 15.37 13.58 -59.90
CA ALA B 126 15.56 12.16 -60.16
C ALA B 126 16.29 11.49 -59.01
N VAL B 127 17.11 12.24 -58.27
CA VAL B 127 17.92 11.64 -57.23
C VAL B 127 17.11 11.48 -55.95
N SER B 128 15.98 12.19 -55.85
CA SER B 128 15.13 12.06 -54.67
C SER B 128 14.24 10.83 -54.78
N GLU B 129 13.66 10.60 -55.96
CA GLU B 129 12.71 9.51 -56.15
C GLU B 129 13.38 8.18 -56.45
N GLY B 130 14.70 8.15 -56.57
CA GLY B 130 15.40 6.91 -56.82
C GLY B 130 15.25 6.39 -58.22
N CYS B 131 15.70 7.17 -59.20
CA CYS B 131 15.53 6.84 -60.62
C CYS B 131 16.93 6.63 -61.22
N VAL B 132 17.35 5.37 -61.30
CA VAL B 132 18.70 5.07 -61.78
C VAL B 132 18.75 5.13 -63.31
N GLU B 133 17.59 4.98 -63.95
CA GLU B 133 17.56 4.94 -65.40
C GLU B 133 17.70 6.34 -66.00
N GLU B 134 17.21 7.36 -65.29
CA GLU B 134 17.29 8.72 -65.79
C GLU B 134 18.61 9.36 -65.37
N LEU B 135 19.18 8.87 -64.27
CA LEU B 135 20.40 9.44 -63.69
C LEU B 135 21.62 9.23 -64.60
N ARG B 136 21.70 8.05 -65.22
CA ARG B 136 22.85 7.73 -66.05
C ARG B 136 22.86 8.56 -67.32
N GLU B 137 21.73 8.62 -68.01
CA GLU B 137 21.66 9.30 -69.30
C GLU B 137 21.74 10.81 -69.14
N LEU B 138 21.33 11.33 -67.98
CA LEU B 138 21.51 12.75 -67.73
C LEU B 138 22.97 13.09 -67.44
N LEU B 139 23.66 12.23 -66.68
CA LEU B 139 25.04 12.53 -66.31
C LEU B 139 25.97 12.34 -67.50
N GLN B 140 25.60 11.46 -68.44
CA GLN B 140 26.32 11.40 -69.71
C GLN B 140 26.06 12.64 -70.55
N ASP B 141 24.81 13.13 -70.53
CA ASP B 141 24.48 14.37 -71.23
C ASP B 141 25.10 15.56 -70.52
N LEU B 142 25.25 15.48 -69.20
CA LEU B 142 25.95 16.51 -68.45
C LEU B 142 27.45 16.47 -68.74
N GLN B 143 27.96 15.28 -69.08
CA GLN B 143 29.37 15.15 -69.43
C GLN B 143 29.64 15.68 -70.84
N ASP B 144 28.71 15.44 -71.78
CA ASP B 144 28.91 15.80 -73.17
C ASP B 144 28.87 17.30 -73.38
N LEU B 145 28.20 18.03 -72.48
CA LEU B 145 28.10 19.48 -72.62
C LEU B 145 29.41 20.15 -72.30
N CYS B 146 30.23 19.53 -71.45
CA CYS B 146 31.49 20.16 -71.06
C CYS B 146 32.61 19.83 -72.04
N ARG B 147 32.38 18.87 -72.94
CA ARG B 147 33.37 18.61 -73.97
C ARG B 147 33.24 19.60 -75.11
N ARG B 148 32.00 20.00 -75.44
CA ARG B 148 31.79 21.02 -76.47
C ARG B 148 31.75 22.42 -75.89
N ARG B 149 32.70 22.71 -75.01
CA ARG B 149 32.61 23.87 -74.15
C ARG B 149 33.92 24.63 -74.30
N ARG B 150 34.11 25.66 -73.46
CA ARG B 150 35.36 26.41 -73.41
C ARG B 150 36.55 25.53 -73.05
N GLY B 151 36.35 24.58 -72.14
CA GLY B 151 37.42 23.70 -71.69
C GLY B 151 38.48 24.35 -70.84
N LEU B 152 38.23 25.58 -70.35
CA LEU B 152 39.20 26.28 -69.51
C LEU B 152 39.06 25.82 -68.06
N ASP B 153 37.88 26.04 -67.48
CA ASP B 153 37.59 25.62 -66.12
C ASP B 153 36.60 24.44 -66.09
N VAL B 154 37.20 23.26 -66.00
CA VAL B 154 36.39 22.04 -65.92
C VAL B 154 35.91 21.75 -64.50
N PRO B 155 36.73 21.87 -63.43
CA PRO B 155 36.15 21.70 -62.08
C PRO B 155 35.17 22.80 -61.67
N ASP B 156 35.53 24.07 -61.85
CA ASP B 156 34.76 25.15 -61.25
C ASP B 156 33.41 25.36 -61.93
N PHE B 157 33.25 24.81 -63.14
CA PHE B 157 31.95 24.83 -63.79
C PHE B 157 31.06 23.71 -63.26
N LEU B 158 31.62 22.51 -63.10
CA LEU B 158 30.79 21.36 -62.74
C LEU B 158 30.42 21.37 -61.26
N MET B 159 31.18 22.08 -60.44
CA MET B 159 30.76 22.23 -59.06
C MET B 159 29.59 23.20 -58.95
N HIS B 160 29.43 24.08 -59.93
CA HIS B 160 28.30 24.99 -59.93
C HIS B 160 27.03 24.29 -60.41
N LYS B 161 27.19 23.22 -61.19
CA LYS B 161 26.03 22.57 -61.80
C LYS B 161 25.34 21.64 -60.81
N LEU B 162 26.11 21.09 -59.87
CA LEU B 162 25.55 20.12 -58.94
C LEU B 162 25.16 20.71 -57.59
N THR B 163 25.40 22.01 -57.37
CA THR B 163 25.29 22.60 -56.05
C THR B 163 24.33 23.79 -56.10
N ALA B 164 23.37 23.82 -55.18
CA ALA B 164 22.52 24.98 -55.04
C ALA B 164 23.34 26.15 -54.50
N SER B 165 22.94 27.36 -54.91
CA SER B 165 23.76 28.53 -54.62
C SER B 165 23.46 29.10 -53.24
N ASP B 166 22.19 29.16 -52.87
CA ASP B 166 21.79 29.76 -51.62
C ASP B 166 22.14 28.85 -50.45
N THR B 167 21.54 27.67 -50.41
CA THR B 167 21.68 26.81 -49.24
C THR B 167 23.02 26.07 -49.25
N GLY B 168 23.67 25.99 -50.40
CA GLY B 168 24.92 25.28 -50.51
C GLY B 168 24.81 23.78 -50.57
N LYS B 169 23.60 23.25 -50.69
CA LYS B 169 23.39 21.81 -50.72
C LYS B 169 23.80 21.24 -52.07
N THR B 170 24.47 20.09 -52.05
CA THR B 170 24.90 19.40 -53.26
C THR B 170 23.97 18.24 -53.54
N CYS B 171 24.27 17.50 -54.61
CA CYS B 171 23.42 16.38 -54.99
C CYS B 171 23.67 15.17 -54.12
N LEU B 172 24.85 15.10 -53.50
CA LEU B 172 25.14 13.96 -52.62
C LEU B 172 24.43 14.11 -51.29
N MET B 173 24.26 15.35 -50.84
CA MET B 173 23.49 15.59 -49.63
C MET B 173 22.01 15.34 -49.87
N LYS B 174 21.54 15.64 -51.09
CA LYS B 174 20.12 15.51 -51.42
C LYS B 174 19.71 14.05 -51.50
N ALA B 175 20.63 13.17 -51.90
CA ALA B 175 20.30 11.77 -52.05
C ALA B 175 20.16 11.08 -50.70
N LEU B 176 20.87 11.59 -49.69
CA LEU B 176 20.90 10.93 -48.39
C LEU B 176 19.78 11.39 -47.48
N LEU B 177 19.28 12.61 -47.69
CA LEU B 177 18.14 13.09 -46.91
C LEU B 177 16.88 12.33 -47.26
N ASN B 178 16.76 11.88 -48.51
CA ASN B 178 15.61 11.11 -49.00
C ASN B 178 16.06 9.67 -49.22
N ILE B 179 15.98 8.86 -48.16
CA ILE B 179 16.42 7.48 -48.21
C ILE B 179 15.38 6.66 -48.97
N ASN B 180 15.81 6.05 -50.07
CA ASN B 180 15.01 5.16 -50.92
C ASN B 180 15.46 3.72 -50.71
N PRO B 181 14.72 2.73 -51.22
CA PRO B 181 15.26 1.37 -51.27
C PRO B 181 16.32 1.13 -52.34
N ASN B 182 16.73 2.15 -53.10
CA ASN B 182 17.85 2.01 -54.02
C ASN B 182 18.85 3.15 -53.87
N THR B 183 19.14 3.60 -52.65
CA THR B 183 19.96 4.78 -52.47
C THR B 183 21.44 4.48 -52.69
N LYS B 184 21.90 3.30 -52.27
CA LYS B 184 23.33 3.01 -52.30
C LYS B 184 23.81 2.71 -53.72
N GLU B 185 22.89 2.38 -54.63
CA GLU B 185 23.27 2.27 -56.04
C GLU B 185 23.39 3.64 -56.67
N ILE B 186 22.67 4.62 -56.14
CA ILE B 186 22.73 5.98 -56.67
C ILE B 186 24.03 6.64 -56.27
N VAL B 187 24.43 6.45 -55.00
CA VAL B 187 25.64 7.08 -54.47
C VAL B 187 26.88 6.57 -55.20
N ARG B 188 26.88 5.29 -55.55
CA ARG B 188 28.00 4.69 -56.25
C ARG B 188 28.13 5.25 -57.66
N ILE B 189 26.99 5.60 -58.28
CA ILE B 189 27.03 6.25 -59.59
C ILE B 189 27.56 7.67 -59.46
N LEU B 190 27.17 8.37 -58.40
CA LEU B 190 27.59 9.76 -58.20
C LEU B 190 29.08 9.84 -57.90
N LEU B 191 29.61 8.86 -57.16
CA LEU B 191 31.03 8.90 -56.83
C LEU B 191 31.89 8.44 -57.98
N ALA B 192 31.44 7.43 -58.74
CA ALA B 192 32.19 6.96 -59.89
C ALA B 192 32.20 7.99 -61.01
N PHE B 193 31.16 8.83 -61.07
CA PHE B 193 31.18 9.95 -62.00
C PHE B 193 32.22 10.99 -61.61
N ALA B 194 32.49 11.13 -60.31
CA ALA B 194 33.43 12.16 -59.86
C ALA B 194 34.87 11.69 -59.95
N GLU B 195 35.08 10.43 -60.35
CA GLU B 195 36.44 9.93 -60.47
C GLU B 195 37.11 10.42 -61.75
N GLU B 196 36.36 10.48 -62.86
CA GLU B 196 36.99 10.83 -64.13
C GLU B 196 37.07 12.33 -64.35
N ASN B 197 37.00 13.14 -63.30
CA ASN B 197 37.25 14.56 -63.42
C ASN B 197 38.11 15.09 -62.27
N ASP B 198 38.60 14.17 -61.42
CA ASP B 198 39.54 14.47 -60.33
C ASP B 198 38.98 15.48 -59.34
N ILE B 199 37.68 15.44 -59.11
CA ILE B 199 37.04 16.37 -58.18
C ILE B 199 36.40 15.56 -57.06
N LEU B 200 36.93 14.37 -56.79
CA LEU B 200 36.37 13.50 -55.76
C LEU B 200 36.59 14.09 -54.37
N ASP B 201 37.66 14.85 -54.18
CA ASP B 201 37.94 15.41 -52.87
C ASP B 201 36.97 16.53 -52.53
N ARG B 202 36.79 17.48 -53.46
CA ARG B 202 36.00 18.67 -53.17
C ARG B 202 34.51 18.45 -53.34
N PHE B 203 34.11 17.32 -53.94
CA PHE B 203 32.69 17.00 -54.02
C PHE B 203 32.21 16.25 -52.78
N ILE B 204 33.09 15.47 -52.17
CA ILE B 204 32.73 14.67 -51.01
C ILE B 204 32.92 15.46 -49.71
N ASN B 205 33.52 16.65 -49.80
CA ASN B 205 33.85 17.45 -48.63
C ASN B 205 33.23 18.85 -48.77
N ALA B 206 31.96 18.91 -49.15
CA ALA B 206 31.27 20.18 -49.29
C ALA B 206 30.47 20.49 -48.03
N GLU B 207 30.20 21.77 -47.81
CA GLU B 207 29.54 22.22 -46.58
C GLU B 207 28.44 23.20 -46.89
N TYR B 208 27.47 23.29 -45.98
CA TYR B 208 26.48 24.35 -46.02
C TYR B 208 27.14 25.70 -45.75
N THR B 209 26.55 26.75 -46.31
CA THR B 209 26.97 28.11 -46.05
C THR B 209 25.91 28.89 -45.29
N GLU B 210 24.71 28.34 -45.12
CA GLU B 210 23.66 28.99 -44.36
C GLU B 210 24.02 29.00 -42.88
N GLU B 211 23.72 30.09 -42.19
CA GLU B 211 24.14 30.26 -40.81
C GLU B 211 23.47 29.33 -39.82
N ALA B 212 22.35 28.71 -40.19
CA ALA B 212 21.66 27.76 -39.33
C ALA B 212 22.16 26.35 -39.51
N TYR B 213 23.00 26.09 -40.49
CA TYR B 213 23.53 24.75 -40.68
C TYR B 213 25.01 24.73 -40.99
N GLU B 214 25.76 25.79 -40.68
CA GLU B 214 27.14 25.97 -41.10
C GLU B 214 28.09 24.87 -40.63
N GLY B 215 28.59 24.07 -41.56
CA GLY B 215 29.59 23.05 -41.28
C GLY B 215 29.09 21.63 -41.47
N GLN B 216 27.80 21.46 -41.75
CA GLN B 216 27.28 20.11 -41.92
C GLN B 216 27.67 19.55 -43.27
N THR B 217 28.26 18.36 -43.27
CA THR B 217 28.69 17.68 -44.48
C THR B 217 27.81 16.46 -44.70
N ALA B 218 28.16 15.67 -45.72
CA ALA B 218 27.36 14.49 -46.04
C ALA B 218 27.69 13.33 -45.12
N LEU B 219 28.74 13.47 -44.30
CA LEU B 219 29.04 12.41 -43.34
C LEU B 219 28.22 12.59 -42.08
N ASN B 220 27.78 13.81 -41.79
CA ASN B 220 26.86 14.02 -40.68
C ASN B 220 25.47 13.50 -41.01
N ILE B 221 25.13 13.44 -42.31
CA ILE B 221 23.80 13.00 -42.69
C ILE B 221 23.74 11.48 -42.77
N ALA B 222 24.87 10.85 -43.09
CA ALA B 222 24.88 9.40 -43.20
C ALA B 222 24.91 8.74 -41.83
N ILE B 223 25.44 9.43 -40.82
CA ILE B 223 25.45 8.87 -39.48
C ILE B 223 24.12 9.13 -38.79
N GLU B 224 23.49 10.26 -39.08
CA GLU B 224 22.25 10.60 -38.41
C GLU B 224 21.09 9.75 -38.93
N ARG B 225 21.14 9.37 -40.20
CA ARG B 225 20.12 8.51 -40.81
C ARG B 225 20.36 7.04 -40.53
N ARG B 226 21.31 6.74 -39.66
CA ARG B 226 21.67 5.42 -39.16
C ARG B 226 22.08 4.48 -40.28
N GLN B 227 22.83 4.98 -41.25
CA GLN B 227 23.29 4.16 -42.38
C GLN B 227 24.70 3.69 -42.08
N GLY B 228 24.87 2.38 -41.97
CA GLY B 228 26.19 1.83 -41.70
C GLY B 228 27.01 1.57 -42.94
N ASP B 229 26.36 1.10 -44.00
CA ASP B 229 27.10 0.66 -45.19
C ASP B 229 27.50 1.83 -46.06
N ILE B 230 26.66 2.85 -46.14
CA ILE B 230 27.00 4.03 -46.93
C ILE B 230 28.10 4.83 -46.25
N THR B 231 28.17 4.73 -44.91
CA THR B 231 29.17 5.47 -44.15
C THR B 231 30.57 4.92 -44.41
N ALA B 232 30.71 3.60 -44.47
CA ALA B 232 32.02 3.00 -44.70
C ALA B 232 32.51 3.23 -46.13
N VAL B 233 31.58 3.42 -47.06
CA VAL B 233 31.95 3.75 -48.43
C VAL B 233 32.52 5.17 -48.50
N LEU B 234 31.92 6.08 -47.74
CA LEU B 234 32.32 7.48 -47.79
C LEU B 234 33.67 7.71 -47.12
N ILE B 235 33.93 7.03 -46.01
CA ILE B 235 35.16 7.26 -45.25
C ILE B 235 36.37 6.77 -46.03
N ALA B 236 36.24 5.62 -46.68
CA ALA B 236 37.30 5.10 -47.53
C ALA B 236 37.10 5.58 -48.97
N ALA B 237 36.84 6.88 -49.10
CA ALA B 237 36.85 7.55 -50.39
C ALA B 237 37.42 8.95 -50.24
N GLY B 238 37.83 9.30 -49.02
CA GLY B 238 38.43 10.59 -48.76
C GLY B 238 37.59 11.57 -47.99
N ALA B 239 36.53 11.14 -47.33
CA ALA B 239 35.70 12.07 -46.56
C ALA B 239 36.42 12.46 -45.28
N ASP B 240 36.30 13.72 -44.90
CA ASP B 240 36.96 14.20 -43.69
C ASP B 240 36.19 13.73 -42.47
N VAL B 241 36.90 13.18 -41.49
CA VAL B 241 36.31 12.72 -40.25
C VAL B 241 36.52 13.71 -39.11
N ASN B 242 36.82 14.96 -39.41
CA ASN B 242 37.09 15.99 -38.40
C ASN B 242 36.35 17.27 -38.75
N ALA B 243 35.08 17.16 -39.13
CA ALA B 243 34.29 18.34 -39.42
C ALA B 243 33.73 18.91 -38.11
N HIS B 244 33.31 20.17 -38.17
CA HIS B 244 32.79 20.85 -36.98
C HIS B 244 31.53 21.61 -37.39
N ALA B 245 30.37 21.05 -37.07
CA ALA B 245 29.11 21.73 -37.32
C ALA B 245 28.94 22.90 -36.36
N LYS B 246 29.10 24.11 -36.88
CA LYS B 246 29.13 25.31 -36.06
C LYS B 246 27.87 26.13 -36.25
N GLY B 247 26.74 25.49 -36.51
CA GLY B 247 25.54 26.21 -36.84
C GLY B 247 24.83 26.82 -35.65
N VAL B 248 23.54 27.10 -35.81
CA VAL B 248 22.73 27.63 -34.71
C VAL B 248 21.79 26.52 -34.29
N PHE B 249 21.42 25.68 -35.24
CA PHE B 249 20.64 24.49 -34.97
C PHE B 249 21.41 23.47 -34.15
N PHE B 250 22.72 23.40 -34.31
CA PHE B 250 23.53 22.47 -33.55
C PHE B 250 24.06 23.08 -32.27
N ASN B 251 23.85 24.39 -32.06
CA ASN B 251 24.26 25.06 -30.84
C ASN B 251 23.11 25.91 -30.35
N PRO B 252 22.03 25.26 -29.90
CA PRO B 252 20.78 26.00 -29.71
C PRO B 252 20.81 26.84 -28.45
N LYS B 253 19.88 27.78 -28.37
CA LYS B 253 19.67 28.59 -27.18
C LYS B 253 18.64 27.95 -26.26
N TYR B 254 17.64 27.29 -26.84
CA TYR B 254 16.61 26.59 -26.08
C TYR B 254 16.53 25.15 -26.57
N GLN B 255 15.98 24.28 -25.72
CA GLN B 255 16.08 22.84 -25.89
C GLN B 255 15.35 22.33 -27.13
N HIS B 256 14.20 22.94 -27.44
CA HIS B 256 13.41 22.43 -28.55
C HIS B 256 13.81 23.01 -29.89
N GLU B 257 14.73 23.96 -29.93
CA GLU B 257 15.10 24.62 -31.18
C GLU B 257 16.23 23.93 -31.90
N GLY B 258 16.74 22.83 -31.38
CA GLY B 258 17.89 22.20 -31.97
C GLY B 258 18.38 21.04 -31.12
N PHE B 259 19.62 20.65 -31.39
CA PHE B 259 20.20 19.47 -30.76
C PHE B 259 21.69 19.65 -30.63
N TYR B 260 22.17 19.90 -29.42
CA TYR B 260 23.60 19.95 -29.13
C TYR B 260 24.09 18.54 -28.89
N PHE B 261 25.06 18.10 -29.68
CA PHE B 261 25.64 16.78 -29.54
C PHE B 261 27.14 16.76 -29.38
N GLY B 262 27.85 17.81 -29.78
CA GLY B 262 29.28 17.85 -29.53
C GLY B 262 30.11 18.26 -30.72
N GLU B 263 29.46 18.52 -31.85
CA GLU B 263 30.00 19.08 -33.08
C GLU B 263 31.05 18.25 -33.80
N THR B 264 31.06 16.93 -33.67
CA THR B 264 31.97 16.10 -34.46
C THR B 264 31.21 14.88 -34.96
N PRO B 265 31.73 14.18 -35.98
CA PRO B 265 31.14 12.87 -36.34
C PRO B 265 31.34 11.78 -35.29
N LEU B 266 32.26 11.95 -34.34
CA LEU B 266 32.42 10.92 -33.31
C LEU B 266 31.48 11.18 -32.14
N ALA B 267 31.13 12.43 -31.90
CA ALA B 267 30.18 12.72 -30.83
C ALA B 267 28.76 12.39 -31.27
N LEU B 268 28.49 12.45 -32.57
CA LEU B 268 27.16 12.15 -33.06
C LEU B 268 26.90 10.65 -33.06
N ALA B 269 27.92 9.85 -33.38
CA ALA B 269 27.77 8.41 -33.39
C ALA B 269 27.66 7.84 -31.99
N ALA B 270 28.15 8.56 -30.99
CA ALA B 270 28.09 8.11 -29.62
C ALA B 270 26.81 8.56 -28.93
N CYS B 271 26.34 9.78 -29.21
CA CYS B 271 25.18 10.33 -28.55
C CYS B 271 23.86 9.85 -29.13
N THR B 272 23.89 9.07 -30.22
CA THR B 272 22.70 8.45 -30.77
C THR B 272 22.77 6.93 -30.76
N ASN B 273 23.64 6.35 -29.93
CA ASN B 273 23.69 4.92 -29.64
C ASN B 273 23.97 4.08 -30.89
N GLN B 274 25.14 4.30 -31.49
CA GLN B 274 25.57 3.53 -32.65
C GLN B 274 26.98 3.00 -32.40
N PRO B 275 27.10 1.91 -31.64
CA PRO B 275 28.43 1.51 -31.16
C PRO B 275 29.34 0.91 -32.21
N GLU B 276 28.79 0.49 -33.36
CA GLU B 276 29.63 -0.13 -34.38
C GLU B 276 30.28 0.90 -35.28
N ILE B 277 29.73 2.12 -35.32
CA ILE B 277 30.33 3.19 -36.10
C ILE B 277 31.36 3.95 -35.26
N VAL B 278 31.21 3.88 -33.93
CA VAL B 278 32.19 4.47 -33.03
C VAL B 278 33.50 3.69 -33.11
N GLN B 279 33.40 2.36 -33.17
CA GLN B 279 34.59 1.52 -33.29
C GLN B 279 35.23 1.68 -34.66
N LEU B 280 34.42 1.91 -35.69
CA LEU B 280 34.94 2.05 -37.04
C LEU B 280 35.67 3.38 -37.21
N LEU B 281 35.30 4.37 -36.40
CA LEU B 281 35.90 5.69 -36.52
C LEU B 281 37.17 5.82 -35.69
N MET B 282 37.27 5.08 -34.59
CA MET B 282 38.49 5.14 -33.78
C MET B 282 39.60 4.26 -34.35
N GLU B 283 39.27 3.23 -35.12
CA GLU B 283 40.30 2.42 -35.77
C GLU B 283 40.95 3.14 -36.95
N ASN B 284 40.31 4.18 -37.47
CA ASN B 284 40.95 5.06 -38.45
C ASN B 284 42.03 5.85 -37.72
N GLU B 285 43.05 6.29 -38.46
CA GLU B 285 44.17 7.00 -37.87
C GLU B 285 44.05 8.51 -37.97
N GLN B 286 43.13 9.04 -38.78
CA GLN B 286 42.94 10.48 -38.87
C GLN B 286 42.01 11.03 -37.81
N THR B 287 41.42 10.16 -36.99
CA THR B 287 40.49 10.60 -35.96
C THR B 287 41.25 11.31 -34.85
N ASP B 288 40.90 12.55 -34.60
CA ASP B 288 41.50 13.35 -33.53
C ASP B 288 40.57 13.25 -32.33
N ILE B 289 40.92 12.41 -31.37
CA ILE B 289 40.02 12.03 -30.29
C ILE B 289 40.14 13.03 -29.15
N THR B 290 41.12 13.94 -29.24
CA THR B 290 41.38 14.92 -28.19
C THR B 290 41.19 16.34 -28.69
N SER B 291 40.12 16.59 -29.43
CA SER B 291 39.84 17.91 -29.99
C SER B 291 38.74 18.61 -29.20
N GLN B 292 38.66 19.93 -29.36
CA GLN B 292 37.74 20.75 -28.59
C GLN B 292 36.87 21.60 -29.51
N ASP B 293 35.59 21.68 -29.20
CA ASP B 293 34.66 22.46 -30.00
C ASP B 293 34.53 23.90 -29.51
N SER B 294 33.46 24.57 -29.96
CA SER B 294 33.18 25.98 -29.68
C SER B 294 33.04 26.31 -28.20
N ARG B 295 32.50 25.41 -27.39
CA ARG B 295 32.42 25.63 -25.96
C ARG B 295 33.69 25.24 -25.23
N GLY B 296 34.63 24.61 -25.91
CA GLY B 296 35.78 24.03 -25.27
C GLY B 296 35.62 22.59 -24.84
N ASN B 297 34.42 22.03 -24.98
CA ASN B 297 34.16 20.67 -24.59
C ASN B 297 34.91 19.68 -25.47
N ASN B 298 35.21 18.51 -24.92
CA ASN B 298 35.71 17.41 -25.73
C ASN B 298 34.68 16.29 -25.68
N ILE B 299 35.07 15.10 -26.13
CA ILE B 299 34.14 13.97 -26.28
C ILE B 299 33.59 13.53 -24.93
N LEU B 300 34.35 13.73 -23.85
CA LEU B 300 33.87 13.25 -22.56
C LEU B 300 33.05 14.31 -21.84
N HIS B 301 33.25 15.59 -22.18
CA HIS B 301 32.34 16.62 -21.70
C HIS B 301 30.99 16.53 -22.39
N ALA B 302 30.97 16.04 -23.63
CA ALA B 302 29.73 16.04 -24.41
C ALA B 302 28.79 14.93 -23.99
N LEU B 303 29.34 13.80 -23.54
CA LEU B 303 28.49 12.70 -23.08
C LEU B 303 27.87 13.00 -21.73
N VAL B 304 28.51 13.85 -20.93
CA VAL B 304 27.93 14.24 -19.66
C VAL B 304 26.73 15.15 -19.89
N THR B 305 26.78 15.96 -20.94
CA THR B 305 25.74 16.95 -21.16
C THR B 305 24.44 16.30 -21.62
N VAL B 306 24.52 15.22 -22.39
CA VAL B 306 23.34 14.58 -22.94
C VAL B 306 22.84 13.43 -22.04
N ALA B 307 23.43 13.27 -20.87
CA ALA B 307 23.09 12.15 -20.00
C ALA B 307 21.82 12.44 -19.23
N GLU B 308 21.02 11.40 -19.03
CA GLU B 308 19.72 11.51 -18.37
C GLU B 308 19.56 10.32 -17.44
N ASP B 309 18.32 10.10 -17.00
CA ASP B 309 18.05 9.13 -15.95
C ASP B 309 18.05 7.69 -16.47
N PHE B 310 17.56 6.76 -15.66
CA PHE B 310 17.31 5.41 -16.13
C PHE B 310 15.97 5.28 -16.83
N LYS B 311 14.99 6.09 -16.46
CA LYS B 311 13.65 5.99 -16.99
C LYS B 311 13.55 6.47 -18.43
N THR B 312 14.57 7.17 -18.94
CA THR B 312 14.54 7.68 -20.30
C THR B 312 15.59 7.03 -21.20
N GLN B 313 16.87 7.05 -20.84
CA GLN B 313 17.93 6.61 -21.75
C GLN B 313 18.37 5.18 -21.50
N ASN B 314 18.22 4.71 -20.27
CA ASN B 314 18.22 3.33 -19.78
C ASN B 314 19.61 2.71 -19.66
N ASP B 315 20.59 2.99 -20.54
CA ASP B 315 21.94 2.54 -20.20
C ASP B 315 23.10 3.23 -20.86
N PHE B 316 22.93 3.83 -22.04
CA PHE B 316 23.99 3.69 -23.03
C PHE B 316 25.09 4.71 -22.87
N VAL B 317 24.85 5.78 -22.13
CA VAL B 317 25.89 6.82 -22.00
C VAL B 317 26.98 6.35 -21.07
N LYS B 318 26.63 5.54 -20.07
CA LYS B 318 27.62 4.95 -19.18
C LYS B 318 28.46 3.92 -19.90
N ARG B 319 27.90 3.26 -20.91
CA ARG B 319 28.64 2.24 -21.64
C ARG B 319 29.48 2.84 -22.76
N MET B 320 29.12 4.02 -23.25
CA MET B 320 29.96 4.70 -24.23
C MET B 320 31.11 5.42 -23.57
N TYR B 321 31.02 5.67 -22.27
CA TYR B 321 32.01 6.49 -21.59
C TYR B 321 33.32 5.75 -21.44
N ASP B 322 33.26 4.45 -21.15
CA ASP B 322 34.48 3.70 -20.92
C ASP B 322 34.97 3.00 -22.18
N MET B 323 34.11 2.83 -23.18
CA MET B 323 34.57 2.38 -24.48
C MET B 323 35.55 3.39 -25.08
N ILE B 324 35.26 4.67 -24.93
CA ILE B 324 36.11 5.72 -25.45
C ILE B 324 37.31 5.93 -24.54
N LEU B 325 37.10 5.74 -23.23
CA LEU B 325 38.16 6.00 -22.26
C LEU B 325 39.27 4.97 -22.33
N LEU B 326 38.90 3.68 -22.42
CA LEU B 326 39.89 2.61 -22.40
C LEU B 326 40.71 2.58 -23.69
N ARG B 327 40.11 3.01 -24.80
CA ARG B 327 40.79 3.03 -26.08
C ARG B 327 41.85 4.12 -26.10
N SER B 328 41.61 5.22 -25.41
CA SER B 328 42.59 6.30 -25.33
C SER B 328 43.81 5.85 -24.53
N GLY B 329 43.60 5.48 -23.27
CA GLY B 329 44.61 4.81 -22.50
C GLY B 329 45.44 5.67 -21.58
N ASN B 330 45.04 6.91 -21.33
CA ASN B 330 45.76 7.77 -20.40
C ASN B 330 44.81 8.83 -19.87
N TRP B 331 45.34 9.73 -19.04
CA TRP B 331 44.55 10.73 -18.32
C TRP B 331 44.44 12.05 -19.08
N GLU B 332 44.58 12.03 -20.40
CA GLU B 332 44.54 13.30 -21.13
C GLU B 332 43.11 13.79 -21.29
N LEU B 333 42.15 12.89 -21.47
CA LEU B 333 40.78 13.33 -21.64
C LEU B 333 40.14 13.71 -20.31
N GLU B 334 40.45 12.97 -19.25
CA GLU B 334 39.85 13.18 -17.94
C GLU B 334 40.38 14.41 -17.21
N THR B 335 41.47 15.01 -17.67
CA THR B 335 42.07 16.14 -16.98
C THR B 335 42.09 17.39 -17.85
N MET B 336 41.09 17.55 -18.70
CA MET B 336 41.03 18.65 -19.65
C MET B 336 39.92 19.61 -19.25
N ARG B 337 40.15 20.89 -19.49
CA ARG B 337 39.30 21.93 -18.95
C ARG B 337 38.67 22.77 -20.05
N ASN B 338 37.35 22.90 -20.03
CA ASN B 338 36.64 23.70 -21.03
C ASN B 338 36.70 25.19 -20.71
N ASN B 339 35.86 25.99 -21.37
CA ASN B 339 35.89 27.43 -21.21
C ASN B 339 35.23 27.92 -19.93
N ASP B 340 34.46 27.07 -19.25
CA ASP B 340 34.10 27.34 -17.87
C ASP B 340 35.20 26.94 -16.90
N GLY B 341 36.22 26.21 -17.37
CA GLY B 341 37.25 25.72 -16.50
C GLY B 341 36.83 24.53 -15.65
N LEU B 342 36.25 23.51 -16.26
CA LEU B 342 35.75 22.35 -15.54
C LEU B 342 36.24 21.09 -16.23
N THR B 343 36.44 20.04 -15.46
CA THR B 343 36.80 18.73 -15.97
C THR B 343 35.52 17.92 -16.17
N PRO B 344 35.56 16.75 -16.83
CA PRO B 344 34.34 15.93 -16.91
C PRO B 344 33.81 15.43 -15.57
N LEU B 345 34.66 15.35 -14.54
CA LEU B 345 34.20 14.97 -13.22
C LEU B 345 33.41 16.09 -12.56
N GLN B 346 33.87 17.34 -12.75
CA GLN B 346 33.24 18.46 -12.06
C GLN B 346 32.02 18.94 -12.82
N LEU B 347 31.91 18.59 -14.09
CA LEU B 347 30.77 19.02 -14.89
C LEU B 347 29.55 18.14 -14.61
N ALA B 348 29.77 16.91 -14.16
CA ALA B 348 28.66 16.05 -13.82
C ALA B 348 28.07 16.41 -12.47
N ALA B 349 28.87 17.05 -11.61
CA ALA B 349 28.39 17.46 -10.31
C ALA B 349 27.72 18.82 -10.37
N LYS B 350 28.21 19.69 -11.23
CA LYS B 350 27.59 20.98 -11.51
C LYS B 350 26.21 20.84 -12.13
N MET B 351 25.99 19.83 -12.96
CA MET B 351 24.74 19.67 -13.69
C MET B 351 23.78 18.68 -13.06
N GLY B 352 24.19 17.95 -12.04
CA GLY B 352 23.27 17.09 -11.32
C GLY B 352 23.05 15.72 -11.91
N LYS B 353 24.09 15.11 -12.49
CA LYS B 353 23.98 13.77 -13.07
C LYS B 353 24.48 12.75 -12.06
N ALA B 354 23.53 12.09 -11.41
CA ALA B 354 23.87 11.22 -10.29
C ALA B 354 24.16 9.81 -10.74
N GLU B 355 24.07 9.53 -12.03
CA GLU B 355 24.36 8.19 -12.51
C GLU B 355 25.71 8.13 -13.21
N ILE B 356 26.09 9.20 -13.89
CA ILE B 356 27.45 9.30 -14.42
C ILE B 356 28.43 9.48 -13.26
N LEU B 357 28.02 10.18 -12.21
CA LEU B 357 28.94 10.49 -11.12
C LEU B 357 29.15 9.27 -10.23
N LYS B 358 28.14 8.42 -10.11
CA LYS B 358 28.29 7.15 -9.41
C LYS B 358 29.26 6.23 -10.13
N TYR B 359 29.30 6.32 -11.46
CA TYR B 359 30.21 5.49 -12.23
C TYR B 359 31.65 5.94 -12.08
N ILE B 360 31.91 7.24 -12.06
CA ILE B 360 33.28 7.73 -12.15
C ILE B 360 34.00 7.59 -10.80
N LEU B 361 33.29 7.80 -9.70
CA LEU B 361 33.94 7.84 -8.40
C LEU B 361 34.37 6.47 -7.91
N SER B 362 33.76 5.40 -8.41
CA SER B 362 34.05 4.06 -7.94
C SER B 362 34.41 3.16 -9.10
N ARG B 363 35.34 3.59 -9.94
CA ARG B 363 35.64 2.95 -11.21
C ARG B 363 36.80 1.99 -11.02
N GLU B 364 36.52 0.70 -11.01
CA GLU B 364 37.51 -0.34 -10.76
C GLU B 364 37.76 -1.11 -12.04
N ILE B 365 39.00 -1.05 -12.54
CA ILE B 365 39.40 -1.75 -13.75
C ILE B 365 40.41 -2.81 -13.35
N LYS B 366 40.05 -4.08 -13.54
CA LYS B 366 40.84 -5.19 -13.00
C LYS B 366 41.83 -5.77 -13.99
N GLU B 367 41.92 -5.24 -15.21
CA GLU B 367 42.85 -5.76 -16.21
C GLU B 367 44.28 -5.43 -15.83
N LYS B 368 45.22 -6.14 -16.41
CA LYS B 368 46.62 -5.93 -16.05
C LYS B 368 47.29 -4.71 -16.68
N PRO B 369 47.22 -4.44 -18.00
CA PRO B 369 47.99 -3.29 -18.50
C PRO B 369 47.33 -1.94 -18.22
N LEU B 370 46.05 -1.91 -17.92
CA LEU B 370 45.33 -0.66 -17.71
C LEU B 370 44.69 -0.70 -16.33
N ARG B 371 45.48 -0.42 -15.31
CA ARG B 371 44.98 -0.42 -13.95
C ARG B 371 45.17 0.93 -13.29
N SER B 372 46.05 1.77 -13.84
CA SER B 372 46.19 3.13 -13.34
C SER B 372 45.04 4.03 -13.75
N LEU B 373 44.09 3.53 -14.54
CA LEU B 373 42.89 4.28 -14.89
C LEU B 373 41.77 4.00 -13.92
N SER B 374 42.10 3.59 -12.70
CA SER B 374 41.09 3.26 -11.70
C SER B 374 41.06 4.35 -10.64
N ARG B 375 39.90 4.47 -9.99
CA ARG B 375 39.76 5.28 -8.81
C ARG B 375 39.35 4.49 -7.59
N LYS B 376 39.41 3.16 -7.64
CA LYS B 376 39.04 2.28 -6.55
C LYS B 376 39.90 1.03 -6.62
N PHE B 377 40.69 0.78 -5.58
CA PHE B 377 41.61 -0.33 -5.58
C PHE B 377 41.20 -1.32 -4.50
N THR B 378 41.86 -2.47 -4.48
CA THR B 378 41.60 -3.47 -3.45
C THR B 378 42.89 -3.75 -2.71
N ASP B 379 42.93 -3.43 -1.43
CA ASP B 379 44.17 -3.50 -0.69
C ASP B 379 44.51 -4.94 -0.30
N TRP B 380 43.55 -5.70 0.20
CA TRP B 380 43.71 -7.11 0.52
C TRP B 380 42.34 -7.77 0.54
N ALA B 381 42.33 -9.09 0.49
CA ALA B 381 41.08 -9.83 0.58
C ALA B 381 41.36 -11.24 1.10
N TYR B 382 40.43 -11.77 1.87
CA TYR B 382 40.56 -13.10 2.44
C TYR B 382 39.17 -13.61 2.77
N GLY B 383 38.67 -14.56 2.00
CA GLY B 383 37.35 -15.08 2.23
C GLY B 383 36.31 -14.04 1.86
N PRO B 384 35.28 -13.91 2.67
CA PRO B 384 34.29 -12.84 2.47
C PRO B 384 34.61 -11.52 3.16
N VAL B 385 35.86 -11.09 3.12
CA VAL B 385 36.32 -9.90 3.83
C VAL B 385 37.32 -9.18 2.93
N SER B 386 37.07 -7.91 2.64
CA SER B 386 37.95 -7.14 1.76
C SER B 386 38.20 -5.78 2.38
N SER B 387 39.10 -5.03 1.75
CA SER B 387 39.46 -3.69 2.21
C SER B 387 39.86 -2.88 0.99
N SER B 388 39.10 -1.84 0.68
CA SER B 388 39.27 -1.09 -0.55
C SER B 388 39.93 0.25 -0.27
N LEU B 389 40.29 0.94 -1.35
CA LEU B 389 40.97 2.24 -1.28
C LEU B 389 40.40 3.15 -2.35
N TYR B 390 39.53 4.07 -1.96
CA TYR B 390 39.02 5.08 -2.87
C TYR B 390 40.07 6.14 -3.14
N ASP B 391 39.78 7.03 -4.08
CA ASP B 391 40.71 8.09 -4.45
C ASP B 391 40.08 9.44 -4.16
N LEU B 392 40.88 10.35 -3.62
CA LEU B 392 40.38 11.63 -3.16
C LEU B 392 41.10 12.80 -3.80
N THR B 393 41.33 12.75 -5.10
CA THR B 393 42.22 13.74 -5.70
C THR B 393 41.52 15.06 -5.94
N ASN B 394 40.32 15.04 -6.52
CA ASN B 394 39.57 16.27 -6.72
C ASN B 394 38.23 16.24 -6.00
N VAL B 395 38.02 15.29 -5.09
CA VAL B 395 36.74 15.19 -4.42
C VAL B 395 36.84 15.62 -2.96
N ASP B 396 38.01 16.05 -2.51
CA ASP B 396 38.14 16.54 -1.15
C ASP B 396 38.40 18.04 -1.23
N THR B 397 38.35 18.72 -0.08
CA THR B 397 38.36 20.18 -0.04
C THR B 397 39.75 20.73 0.21
N THR B 398 40.78 20.10 -0.32
CA THR B 398 42.13 20.65 -0.28
C THR B 398 42.44 21.57 -1.44
N THR B 399 41.60 21.57 -2.47
CA THR B 399 41.78 22.44 -3.63
C THR B 399 40.52 23.26 -3.84
N ASP B 400 40.66 24.37 -4.54
CA ASP B 400 39.48 25.16 -4.85
C ASP B 400 38.66 24.49 -5.93
N ASN B 401 37.34 24.70 -5.84
CA ASN B 401 36.31 24.25 -6.77
C ASN B 401 36.32 22.72 -6.89
N SER B 402 36.00 22.02 -5.81
CA SER B 402 36.10 20.58 -5.75
C SER B 402 34.71 19.96 -5.77
N VAL B 403 34.66 18.63 -5.80
CA VAL B 403 33.40 17.94 -6.04
C VAL B 403 32.52 17.99 -4.80
N LEU B 404 33.12 18.00 -3.62
CA LEU B 404 32.33 18.08 -2.39
C LEU B 404 31.76 19.47 -2.19
N GLU B 405 32.49 20.49 -2.61
CA GLU B 405 32.04 21.86 -2.44
C GLU B 405 30.96 22.22 -3.44
N ILE B 406 31.06 21.71 -4.68
CA ILE B 406 30.13 22.05 -5.75
C ILE B 406 28.73 21.55 -5.44
N ILE B 407 28.62 20.32 -4.92
CA ILE B 407 27.31 19.71 -4.70
C ILE B 407 26.57 20.41 -3.57
N VAL B 408 27.28 20.87 -2.56
CA VAL B 408 26.62 21.43 -1.37
C VAL B 408 26.08 22.83 -1.65
N TYR B 409 26.84 23.66 -2.35
CA TYR B 409 26.45 25.03 -2.63
C TYR B 409 25.74 25.20 -3.97
N ASN B 410 25.00 24.19 -4.42
CA ASN B 410 24.44 24.20 -5.77
C ASN B 410 22.95 24.43 -5.67
N THR B 411 22.50 25.66 -5.88
CA THR B 411 21.09 25.99 -5.72
C THR B 411 20.25 25.66 -6.94
N ASN B 412 20.88 25.39 -8.09
CA ASN B 412 20.10 25.16 -9.30
C ASN B 412 19.43 23.79 -9.30
N ILE B 413 20.20 22.74 -9.00
CA ILE B 413 19.70 21.37 -9.12
C ILE B 413 18.82 21.06 -7.93
N ASP B 414 18.07 19.97 -8.02
CA ASP B 414 17.14 19.64 -6.96
C ASP B 414 17.34 18.26 -6.34
N ASN B 415 18.31 17.48 -6.80
CA ASN B 415 18.57 16.16 -6.24
C ASN B 415 19.91 16.09 -5.51
N ARG B 416 20.23 17.12 -4.73
CA ARG B 416 21.49 17.16 -4.00
C ARG B 416 21.57 16.10 -2.92
N HIS B 417 20.46 15.75 -2.29
CA HIS B 417 20.47 14.77 -1.21
C HIS B 417 20.46 13.33 -1.72
N GLU B 418 20.62 13.13 -3.02
CA GLU B 418 20.83 11.82 -3.59
C GLU B 418 22.21 11.70 -4.21
N MET B 419 23.00 12.77 -4.20
CA MET B 419 24.37 12.77 -4.62
C MET B 419 25.34 12.82 -3.45
N LEU B 420 24.84 13.05 -2.24
CA LEU B 420 25.65 13.03 -1.03
C LEU B 420 25.58 11.70 -0.32
N THR B 421 24.92 10.71 -0.90
CA THR B 421 24.88 9.36 -0.34
C THR B 421 25.80 8.41 -1.09
N LEU B 422 26.59 8.92 -2.02
CA LEU B 422 27.49 8.11 -2.80
C LEU B 422 28.75 7.81 -2.00
N GLU B 423 29.46 6.76 -2.35
CA GLU B 423 30.29 6.02 -1.40
C GLU B 423 31.57 6.68 -0.89
N PRO B 424 32.34 7.47 -1.67
CA PRO B 424 33.44 8.20 -1.01
C PRO B 424 32.99 9.50 -0.39
N LEU B 425 31.77 9.95 -0.64
CA LEU B 425 31.33 11.25 -0.15
C LEU B 425 30.51 11.11 1.12
N HIS B 426 29.87 9.97 1.31
CA HIS B 426 29.11 9.71 2.52
C HIS B 426 30.02 9.55 3.72
N THR B 427 31.19 8.94 3.52
CA THR B 427 32.09 8.61 4.61
C THR B 427 33.06 9.75 4.87
N LEU B 428 33.14 10.70 3.93
CA LEU B 428 34.09 11.79 4.07
C LEU B 428 33.49 12.94 4.88
N LEU B 429 32.16 13.00 4.94
CA LEU B 429 31.50 13.99 5.81
C LEU B 429 31.33 13.44 7.21
N HIS B 430 31.13 12.13 7.34
CA HIS B 430 30.97 11.50 8.63
C HIS B 430 32.25 11.56 9.45
N THR B 431 33.39 11.60 8.78
CA THR B 431 34.67 11.64 9.48
C THR B 431 35.00 13.06 9.91
N LYS B 432 34.52 14.06 9.18
CA LYS B 432 34.77 15.45 9.56
C LYS B 432 33.99 15.83 10.80
N TRP B 433 32.81 15.25 10.98
CA TRP B 433 31.95 15.54 12.12
C TRP B 433 32.53 15.01 13.41
N LYS B 434 33.17 13.85 13.37
CA LYS B 434 33.70 13.26 14.60
C LYS B 434 35.04 13.83 15.01
N LYS B 435 35.79 14.42 14.09
CA LYS B 435 37.10 14.95 14.42
C LYS B 435 37.06 16.37 14.98
N PHE B 436 36.37 17.30 14.33
CA PHE B 436 36.38 18.68 14.81
C PHE B 436 35.03 19.36 14.79
N ALA B 437 34.07 18.88 13.99
CA ALA B 437 32.94 19.74 13.68
C ALA B 437 31.80 19.57 14.66
N LYS B 438 31.84 18.55 15.52
CA LYS B 438 30.79 18.45 16.54
C LYS B 438 31.21 19.15 17.82
N TYR B 439 32.49 19.52 17.90
CA TYR B 439 32.99 20.25 19.06
C TYR B 439 32.91 21.74 18.84
N MET B 440 33.01 22.16 17.58
CA MET B 440 32.82 23.56 17.24
C MET B 440 31.35 23.92 17.22
N PHE B 441 30.48 22.92 17.18
CA PHE B 441 29.05 23.19 17.13
C PHE B 441 28.46 23.27 18.53
N PHE B 442 29.17 22.70 19.51
CA PHE B 442 28.76 22.84 20.90
C PHE B 442 29.23 24.16 21.47
N LEU B 443 30.40 24.63 21.05
CA LEU B 443 30.91 25.90 21.55
C LEU B 443 30.15 27.07 20.97
N SER B 444 29.52 26.88 19.82
CA SER B 444 28.70 27.94 19.23
C SER B 444 27.33 27.97 19.88
N PHE B 445 26.94 26.88 20.52
CA PHE B 445 25.64 26.81 21.17
C PHE B 445 25.70 27.36 22.60
N CYS B 446 26.82 27.15 23.28
CA CYS B 446 26.98 27.67 24.63
C CYS B 446 27.04 29.19 24.64
N PHE B 447 27.75 29.78 23.69
CA PHE B 447 27.95 31.23 23.71
C PHE B 447 26.69 31.96 23.27
N TYR B 448 25.82 31.32 22.51
CA TYR B 448 24.58 31.98 22.12
C TYR B 448 23.50 31.73 23.16
N PHE B 449 23.69 30.71 23.99
CA PHE B 449 22.80 30.49 25.11
C PHE B 449 23.04 31.52 26.19
N PHE B 450 24.31 31.87 26.41
CA PHE B 450 24.65 32.81 27.46
C PHE B 450 24.36 34.24 27.02
N TYR B 451 24.24 34.44 25.72
CA TYR B 451 23.92 35.76 25.19
C TYR B 451 22.47 36.12 25.42
N ASN B 452 21.59 35.12 25.47
CA ASN B 452 20.16 35.41 25.69
C ASN B 452 19.82 35.43 27.16
N ILE B 453 20.59 34.72 27.99
CA ILE B 453 20.37 34.77 29.43
C ILE B 453 20.82 36.12 29.98
N THR B 454 21.97 36.61 29.52
CA THR B 454 22.49 37.88 30.00
C THR B 454 21.68 39.05 29.45
N LEU B 455 21.13 38.90 28.26
CA LEU B 455 20.29 39.95 27.69
C LEU B 455 18.94 40.00 28.40
N THR B 456 18.52 38.89 28.99
CA THR B 456 17.23 38.87 29.69
C THR B 456 17.36 39.45 31.09
N LEU B 457 18.43 39.08 31.82
CA LEU B 457 18.54 39.46 33.21
C LEU B 457 18.86 40.93 33.39
N VAL B 458 19.60 41.53 32.46
CA VAL B 458 19.90 42.96 32.61
C VAL B 458 18.74 43.80 32.13
N SER B 459 17.78 43.19 31.45
CA SER B 459 16.62 43.94 30.97
C SER B 459 15.42 43.72 31.86
N TYR B 460 15.43 42.63 32.64
CA TYR B 460 14.34 42.35 33.57
C TYR B 460 14.53 43.11 34.87
N TYR B 461 15.74 43.13 35.39
CA TYR B 461 16.08 43.85 36.62
C TYR B 461 16.52 45.28 36.33
N ARG B 462 15.62 46.09 35.79
CA ARG B 462 15.94 47.49 35.54
C ARG B 462 15.88 48.30 36.83
N HIS B 471 18.35 53.39 31.44
CA HIS B 471 18.49 52.42 30.36
C HIS B 471 19.25 51.23 30.93
N PRO B 472 18.96 50.01 30.44
CA PRO B 472 19.52 48.81 31.09
C PRO B 472 21.01 48.61 30.88
N LEU B 473 21.47 48.94 29.68
CA LEU B 473 22.68 48.34 29.16
C LEU B 473 23.90 49.24 29.32
N ALA B 474 25.08 48.62 29.29
CA ALA B 474 26.42 49.21 29.15
C ALA B 474 26.92 49.97 30.38
N LEU B 475 26.03 50.24 31.35
CA LEU B 475 26.37 50.79 32.68
C LEU B 475 27.22 52.06 32.58
N THR B 476 26.62 53.14 32.12
CA THR B 476 27.38 54.37 31.88
C THR B 476 27.74 55.12 33.16
N HIS B 477 27.35 54.64 34.34
CA HIS B 477 27.75 55.24 35.61
C HIS B 477 28.48 54.22 36.49
N LYS B 478 29.80 54.24 36.45
CA LYS B 478 30.63 53.21 37.07
C LYS B 478 30.63 53.28 38.59
N MET B 479 30.10 52.24 39.24
CA MET B 479 30.18 52.13 40.69
C MET B 479 31.15 51.01 41.07
N SER B 480 32.02 50.62 40.13
CA SER B 480 32.96 49.51 40.21
C SER B 480 32.29 48.19 40.52
N TRP B 481 31.11 47.96 39.97
CA TRP B 481 30.31 46.77 40.28
C TRP B 481 30.93 45.53 39.66
N LEU B 482 31.07 44.46 40.46
CA LEU B 482 31.54 43.20 39.93
C LEU B 482 30.43 42.58 39.07
N GLN B 483 30.83 41.64 38.20
CA GLN B 483 30.01 41.13 37.10
C GLN B 483 29.52 42.26 36.20
N LEU B 484 30.45 43.17 35.89
CA LEU B 484 30.25 44.23 34.91
C LEU B 484 30.42 43.72 33.48
N LEU B 485 30.96 42.51 33.32
CA LEU B 485 31.18 41.92 32.00
C LEU B 485 29.87 41.67 31.27
N GLY B 486 28.78 41.42 32.00
CA GLY B 486 27.49 41.13 31.43
C GLY B 486 26.93 42.25 30.56
N ARG B 487 27.21 43.49 30.93
CA ARG B 487 26.81 44.62 30.10
C ARG B 487 27.77 44.81 28.94
N MET B 488 28.98 44.27 29.07
CA MET B 488 29.98 44.38 28.02
C MET B 488 29.86 43.25 27.02
N PHE B 489 29.60 42.03 27.51
CA PHE B 489 29.57 40.84 26.68
C PHE B 489 28.42 40.86 25.68
N VAL B 490 27.29 41.46 26.09
CA VAL B 490 26.16 41.59 25.18
C VAL B 490 26.48 42.59 24.08
N LEU B 491 27.22 43.64 24.42
CA LEU B 491 27.47 44.71 23.46
C LEU B 491 28.53 44.31 22.44
N ILE B 492 29.52 43.53 22.86
CA ILE B 492 30.59 43.10 21.95
C ILE B 492 30.07 42.03 21.01
N TRP B 493 29.36 41.03 21.55
CA TRP B 493 28.92 39.88 20.77
C TRP B 493 27.86 40.25 19.75
N ALA B 494 27.16 41.36 19.98
CA ALA B 494 26.14 41.78 19.03
C ALA B 494 26.75 42.55 17.87
N THR B 495 28.00 42.98 18.01
CA THR B 495 28.70 43.56 16.88
C THR B 495 29.39 42.49 16.03
N CYS B 496 29.83 41.40 16.68
CA CYS B 496 30.52 40.33 15.97
C CYS B 496 29.56 39.52 15.12
N ILE B 497 28.27 39.51 15.46
CA ILE B 497 27.29 38.83 14.63
C ILE B 497 26.92 39.69 13.43
N SER B 498 26.74 40.99 13.66
CA SER B 498 26.25 41.89 12.61
C SER B 498 27.29 42.09 11.51
N VAL B 499 28.57 42.09 11.87
CA VAL B 499 29.63 42.14 10.87
C VAL B 499 29.68 40.84 10.09
N LYS B 500 29.62 39.71 10.80
CA LYS B 500 29.74 38.40 10.19
C LYS B 500 28.55 38.10 9.29
N GLU B 501 27.37 38.59 9.65
CA GLU B 501 26.21 38.38 8.79
C GLU B 501 26.10 39.46 7.74
N GLY B 502 26.84 40.56 7.91
CA GLY B 502 26.90 41.56 6.86
C GLY B 502 27.65 41.07 5.64
N ILE B 503 28.57 40.13 5.85
CA ILE B 503 29.34 39.59 4.74
C ILE B 503 28.52 38.50 4.03
N ALA B 504 27.94 37.59 4.80
CA ALA B 504 27.34 36.38 4.22
C ALA B 504 26.02 36.69 3.52
N ILE B 505 25.37 37.79 3.89
CA ILE B 505 24.23 38.26 3.10
C ILE B 505 24.72 38.87 1.79
N PHE B 506 25.83 39.59 1.85
CA PHE B 506 26.34 40.29 0.67
C PHE B 506 26.90 39.34 -0.38
N LEU B 507 27.51 38.24 0.04
CA LEU B 507 28.08 37.30 -0.93
C LEU B 507 27.00 36.44 -1.55
N LEU B 508 26.10 35.91 -0.73
CA LEU B 508 25.06 35.01 -1.18
C LEU B 508 23.97 35.75 -1.97
N ARG B 509 23.77 35.36 -3.22
CA ARG B 509 22.58 35.76 -3.98
C ARG B 509 22.20 34.72 -5.05
N PRO B 510 21.58 33.58 -4.67
CA PRO B 510 20.75 32.84 -5.66
C PRO B 510 19.33 33.38 -5.72
N SER B 511 19.12 34.39 -6.58
CA SER B 511 17.90 35.17 -6.61
C SER B 511 16.66 34.34 -6.97
N ASP B 512 15.83 34.08 -5.97
CA ASP B 512 14.74 33.11 -6.02
C ASP B 512 13.92 33.28 -4.75
N LEU B 513 12.63 32.97 -4.85
CA LEU B 513 11.79 32.95 -3.65
C LEU B 513 12.01 31.67 -2.86
N GLN B 514 12.53 30.63 -3.52
CA GLN B 514 12.81 29.38 -2.82
C GLN B 514 14.10 29.46 -2.02
N SER B 515 14.93 30.47 -2.30
CA SER B 515 16.23 30.57 -1.62
C SER B 515 16.06 30.99 -0.16
N ILE B 516 15.17 31.95 0.10
CA ILE B 516 15.03 32.51 1.44
C ILE B 516 14.36 31.51 2.37
N LEU B 517 13.45 30.70 1.84
CA LEU B 517 12.70 29.72 2.64
C LEU B 517 13.50 28.48 2.99
N SER B 518 14.70 28.33 2.47
CA SER B 518 15.39 27.06 2.63
C SER B 518 16.82 27.20 3.13
N ASP B 519 17.54 28.24 2.72
CA ASP B 519 18.95 28.30 3.10
C ASP B 519 19.27 29.49 3.98
N ALA B 520 18.96 30.70 3.50
CA ALA B 520 19.33 31.93 4.18
C ALA B 520 18.16 32.55 4.93
N TRP B 521 17.29 31.73 5.53
CA TRP B 521 16.33 32.29 6.47
C TRP B 521 17.03 32.76 7.73
N PHE B 522 18.00 31.99 8.21
CA PHE B 522 18.62 32.33 9.49
C PHE B 522 19.77 33.30 9.33
N HIS B 523 20.19 33.57 8.09
CA HIS B 523 21.21 34.59 7.90
C HIS B 523 20.63 35.98 8.09
N PHE B 524 19.32 36.12 7.84
CA PHE B 524 18.69 37.41 8.03
C PHE B 524 18.30 37.61 9.48
N VAL B 525 17.75 36.57 10.12
CA VAL B 525 17.12 36.76 11.43
C VAL B 525 18.13 36.61 12.55
N PHE B 526 19.41 36.45 12.22
CA PHE B 526 20.42 36.72 13.24
C PHE B 526 20.98 38.12 13.02
N PHE B 527 20.76 38.67 11.84
CA PHE B 527 21.24 40.01 11.54
C PHE B 527 20.24 41.05 12.01
N VAL B 528 18.96 40.67 12.06
CA VAL B 528 17.92 41.56 12.57
C VAL B 528 18.13 41.82 14.05
N GLN B 529 18.35 40.75 14.82
CA GLN B 529 18.50 40.87 16.27
C GLN B 529 19.76 41.65 16.64
N ALA B 530 20.84 41.45 15.91
CA ALA B 530 22.09 42.14 16.22
C ALA B 530 22.01 43.62 15.87
N VAL B 531 21.08 44.00 15.00
CA VAL B 531 20.82 45.41 14.76
C VAL B 531 20.00 46.00 15.90
N LEU B 532 18.95 45.28 16.32
CA LEU B 532 17.99 45.81 17.28
C LEU B 532 18.61 46.02 18.67
N VAL B 533 19.65 45.26 19.00
CA VAL B 533 20.36 45.51 20.25
C VAL B 533 21.19 46.78 20.14
N ILE B 534 21.86 46.95 19.00
CA ILE B 534 22.74 48.11 18.81
C ILE B 534 21.93 49.37 18.56
N LEU B 535 20.85 49.25 17.80
CA LEU B 535 20.07 50.43 17.45
C LEU B 535 19.30 50.97 18.65
N SER B 536 18.97 50.10 19.61
CA SER B 536 18.27 50.55 20.81
C SER B 536 19.19 51.36 21.71
N VAL B 537 20.50 51.11 21.63
CA VAL B 537 21.44 51.91 22.40
C VAL B 537 21.61 53.28 21.74
N PHE B 538 21.54 53.31 20.41
CA PHE B 538 21.72 54.58 19.70
C PHE B 538 20.48 55.45 19.80
N LEU B 539 19.31 54.85 20.02
CA LEU B 539 18.11 55.66 20.20
C LEU B 539 18.13 56.37 21.55
N TYR B 540 18.64 55.70 22.58
CA TYR B 540 18.53 56.22 23.94
C TYR B 540 19.39 57.46 24.14
N LEU B 541 20.51 57.55 23.42
CA LEU B 541 21.51 58.56 23.74
C LEU B 541 21.09 59.98 23.42
N PHE B 542 20.16 60.19 22.48
CA PHE B 542 19.67 61.55 22.38
C PHE B 542 18.47 61.80 23.29
N ALA B 543 17.27 61.37 22.88
CA ALA B 543 16.08 61.45 23.73
C ALA B 543 14.99 60.44 23.40
N TYR B 544 15.23 59.57 22.40
CA TYR B 544 14.18 59.18 21.47
C TYR B 544 13.05 58.35 22.06
N LYS B 545 13.20 57.81 23.29
CA LYS B 545 12.14 57.24 24.13
C LYS B 545 11.59 55.91 23.57
N GLU B 546 12.00 55.49 22.38
CA GLU B 546 11.59 54.20 21.82
C GLU B 546 12.65 53.14 22.12
N TYR B 547 13.28 53.22 23.28
CA TYR B 547 14.41 52.35 23.62
C TYR B 547 13.96 51.14 24.41
N LEU B 548 12.66 50.90 24.46
CA LEU B 548 12.16 49.74 25.19
C LEU B 548 11.35 48.89 24.22
N ALA B 549 10.92 49.50 23.13
CA ALA B 549 10.25 48.75 22.08
C ALA B 549 11.22 47.79 21.40
N CYS B 550 12.43 48.26 21.10
CA CYS B 550 13.39 47.44 20.38
C CYS B 550 13.96 46.35 21.26
N LEU B 551 14.09 46.60 22.56
CA LEU B 551 14.72 45.63 23.46
C LEU B 551 13.82 44.43 23.70
N VAL B 552 12.50 44.62 23.66
CA VAL B 552 11.60 43.48 23.80
C VAL B 552 11.53 42.70 22.49
N LEU B 553 11.61 43.41 21.36
CA LEU B 553 11.75 42.75 20.07
C LEU B 553 13.04 41.95 19.98
N ALA B 554 14.13 42.51 20.51
CA ALA B 554 15.42 41.82 20.46
C ALA B 554 15.45 40.63 21.40
N MET B 555 14.65 40.66 22.46
CA MET B 555 14.62 39.51 23.35
C MET B 555 13.66 38.43 22.87
N ALA B 556 12.50 38.83 22.35
CA ALA B 556 11.50 37.84 21.95
C ALA B 556 11.91 37.13 20.67
N LEU B 557 12.59 37.84 19.78
CA LEU B 557 13.16 37.19 18.60
C LEU B 557 14.38 36.35 18.96
N GLY B 558 15.09 36.73 20.01
CA GLY B 558 16.33 36.05 20.34
C GLY B 558 16.12 34.67 20.95
N TRP B 559 14.89 34.36 21.34
CA TRP B 559 14.59 33.02 21.83
C TRP B 559 13.95 32.17 20.75
N ALA B 560 13.44 32.78 19.69
CA ALA B 560 12.88 32.03 18.59
C ALA B 560 14.00 31.42 17.75
N ASN B 561 15.15 32.08 17.73
CA ASN B 561 16.25 31.65 16.88
C ASN B 561 16.95 30.38 17.36
N MET B 562 16.70 29.96 18.60
CA MET B 562 17.49 28.88 19.19
C MET B 562 16.94 27.50 18.82
N LEU B 563 15.94 27.44 17.93
CA LEU B 563 15.56 26.17 17.35
C LEU B 563 16.46 25.77 16.19
N TYR B 564 17.27 26.72 15.71
CA TYR B 564 18.35 26.47 14.75
C TYR B 564 19.30 25.40 15.23
N TYR B 565 19.59 25.37 16.53
CA TYR B 565 20.67 24.53 17.01
C TYR B 565 20.25 23.08 17.23
N THR B 566 19.07 22.70 16.76
CA THR B 566 18.59 21.34 16.91
C THR B 566 19.21 20.36 15.92
N ARG B 567 19.99 20.83 14.95
CA ARG B 567 20.46 19.97 13.88
C ARG B 567 21.72 19.19 14.25
N GLY B 568 22.06 19.15 15.54
CA GLY B 568 23.17 18.33 15.98
C GLY B 568 22.73 16.93 16.35
N PHE B 569 21.43 16.75 16.57
CA PHE B 569 20.87 15.46 16.94
C PHE B 569 19.92 15.01 15.85
N GLN B 570 19.94 13.72 15.55
CA GLN B 570 19.11 13.15 14.50
C GLN B 570 17.65 13.14 14.91
N SER B 571 17.39 12.95 16.21
CA SER B 571 16.04 12.86 16.74
C SER B 571 15.35 14.21 16.73
N MET B 572 15.96 15.23 17.34
CA MET B 572 15.35 16.55 17.37
C MET B 572 15.48 17.27 16.04
N GLY B 573 16.46 16.90 15.23
CA GLY B 573 16.70 17.64 13.99
C GLY B 573 15.63 17.37 12.95
N MET B 574 15.24 16.11 12.81
CA MET B 574 14.23 15.73 11.83
C MET B 574 12.84 16.24 12.22
N TYR B 575 12.61 16.43 13.52
CA TYR B 575 11.36 17.01 14.00
C TYR B 575 11.20 18.46 13.54
N SER B 576 12.29 19.22 13.59
CA SER B 576 12.21 20.63 13.24
C SER B 576 12.10 20.81 11.73
N VAL B 577 12.60 19.84 10.96
CA VAL B 577 12.40 19.83 9.51
C VAL B 577 10.91 19.80 9.17
N MET B 578 10.16 18.93 9.86
CA MET B 578 8.73 18.80 9.57
C MET B 578 7.93 19.99 10.07
N ILE B 579 8.52 20.83 10.92
CA ILE B 579 7.86 22.09 11.27
C ILE B 579 7.86 23.01 10.07
N GLN B 580 8.93 22.95 9.26
CA GLN B 580 9.02 23.80 8.07
C GLN B 580 7.99 23.41 7.01
N LYS B 581 7.82 22.10 6.81
CA LYS B 581 6.92 21.64 5.75
C LYS B 581 5.45 21.84 6.13
N VAL B 582 5.16 21.96 7.42
CA VAL B 582 3.79 22.16 7.88
C VAL B 582 3.41 23.64 7.82
N ILE B 583 4.36 24.53 8.11
CA ILE B 583 4.06 25.96 8.05
C ILE B 583 3.87 26.41 6.61
N LEU B 584 4.69 25.91 5.70
CA LEU B 584 4.56 26.29 4.29
C LEU B 584 3.32 25.71 3.64
N HIS B 585 3.15 24.40 3.71
CA HIS B 585 2.18 23.69 2.89
C HIS B 585 0.79 23.65 3.51
N ASP B 586 0.63 24.01 4.78
CA ASP B 586 -0.66 23.81 5.42
C ASP B 586 -1.23 25.02 6.13
N VAL B 587 -0.39 25.80 6.81
CA VAL B 587 -0.89 26.78 7.77
C VAL B 587 -1.15 28.12 7.09
N LEU B 588 -0.39 28.44 6.06
CA LEU B 588 -0.53 29.74 5.40
C LEU B 588 -1.81 29.81 4.59
N LYS B 589 -2.33 28.66 4.14
CA LYS B 589 -3.57 28.65 3.38
C LYS B 589 -4.77 28.68 4.31
N PHE B 590 -4.61 28.15 5.52
CA PHE B 590 -5.67 28.23 6.53
C PHE B 590 -5.94 29.65 6.96
N LEU B 591 -4.89 30.46 7.05
CA LEU B 591 -5.04 31.81 7.61
C LEU B 591 -5.76 32.74 6.66
N PHE B 592 -5.62 32.52 5.35
CA PHE B 592 -6.24 33.41 4.38
C PHE B 592 -7.74 33.20 4.32
N VAL B 593 -8.20 31.97 4.58
CA VAL B 593 -9.61 31.68 4.49
C VAL B 593 -10.32 32.14 5.77
N TYR B 594 -9.61 32.06 6.90
CA TYR B 594 -10.21 32.40 8.18
C TYR B 594 -10.40 33.90 8.36
N ILE B 595 -9.44 34.69 7.87
CA ILE B 595 -9.53 36.15 7.95
C ILE B 595 -10.64 36.65 7.03
N LEU B 596 -10.92 35.91 5.96
CA LEU B 596 -12.01 36.21 5.05
C LEU B 596 -13.37 36.08 5.74
N PHE B 597 -13.46 35.27 6.77
CA PHE B 597 -14.67 35.18 7.58
C PHE B 597 -14.61 36.07 8.82
N LEU B 598 -13.40 36.29 9.33
CA LEU B 598 -13.24 37.09 10.55
C LEU B 598 -13.47 38.56 10.28
N LEU B 599 -13.07 39.04 9.10
CA LEU B 599 -13.41 40.40 8.68
C LEU B 599 -14.70 40.40 7.86
N GLY B 600 -15.20 39.23 7.51
CA GLY B 600 -16.48 39.10 6.87
C GLY B 600 -17.62 39.16 7.86
N PHE B 601 -17.55 38.33 8.90
CA PHE B 601 -18.56 38.38 9.96
C PHE B 601 -18.36 39.60 10.85
N GLY B 602 -17.09 39.92 11.14
CA GLY B 602 -16.73 40.90 12.15
C GLY B 602 -17.27 42.30 12.03
N VAL B 603 -17.24 42.88 10.84
CA VAL B 603 -17.80 44.21 10.66
C VAL B 603 -19.31 44.08 10.53
N ALA B 604 -19.77 42.95 10.00
CA ALA B 604 -21.18 42.74 9.72
C ALA B 604 -21.94 42.12 10.90
N LEU B 605 -21.39 42.21 12.12
CA LEU B 605 -22.14 41.87 13.33
C LEU B 605 -22.82 43.07 13.97
N ALA B 606 -22.46 44.29 13.59
CA ALA B 606 -23.01 45.47 14.24
C ALA B 606 -24.45 45.78 13.82
N SER B 607 -25.36 44.84 14.06
CA SER B 607 -26.75 44.99 13.63
C SER B 607 -27.69 44.95 14.83
N LEU B 608 -27.59 43.94 15.68
CA LEU B 608 -28.45 43.88 16.86
C LEU B 608 -27.83 44.64 18.03
N ILE B 609 -26.55 45.01 17.90
CA ILE B 609 -25.85 45.81 18.90
C ILE B 609 -24.97 46.88 18.25
N GLU B 610 -25.46 48.11 18.25
CA GLU B 610 -24.69 49.24 17.73
C GLU B 610 -25.11 50.53 18.43
N TYR B 622 -20.72 51.35 17.19
CA TYR B 622 -20.25 50.29 18.08
C TYR B 622 -18.73 50.28 18.13
N GLY B 623 -18.10 50.97 17.18
CA GLY B 623 -16.68 50.77 16.97
C GLY B 623 -16.36 49.35 16.58
N SER B 624 -17.12 48.82 15.61
CA SER B 624 -17.29 47.40 15.37
C SER B 624 -15.99 46.70 14.98
N PHE B 625 -15.12 47.40 14.27
CA PHE B 625 -13.96 46.78 13.67
C PHE B 625 -12.88 46.46 14.71
N SER B 626 -12.90 47.17 15.83
CA SER B 626 -11.99 46.81 16.92
C SER B 626 -12.69 45.88 17.91
N ASP B 627 -14.00 46.04 18.08
CA ASP B 627 -14.70 45.40 19.18
C ASP B 627 -15.40 44.11 18.76
N ALA B 628 -16.25 44.19 17.73
CA ALA B 628 -17.00 43.01 17.30
C ALA B 628 -16.08 41.99 16.63
N VAL B 629 -14.95 42.44 16.11
CA VAL B 629 -13.90 41.50 15.70
C VAL B 629 -13.27 40.87 16.93
N LEU B 630 -13.16 41.63 18.02
CA LEU B 630 -12.49 41.09 19.21
C LEU B 630 -13.41 40.12 19.95
N GLU B 631 -14.72 40.32 19.86
CA GLU B 631 -15.64 39.41 20.54
C GLU B 631 -15.78 38.09 19.78
N LEU B 632 -15.28 38.04 18.54
CA LEU B 632 -15.25 36.78 17.82
C LEU B 632 -13.89 36.13 17.89
N PHE B 633 -12.86 36.87 18.31
CA PHE B 633 -11.56 36.25 18.50
C PHE B 633 -11.38 35.78 19.93
N LYS B 634 -11.97 36.48 20.90
CA LYS B 634 -11.96 36.00 22.27
C LYS B 634 -12.74 34.70 22.40
N LEU B 635 -13.86 34.60 21.69
CA LEU B 635 -14.67 33.39 21.62
C LEU B 635 -13.93 32.21 21.00
N THR B 636 -12.93 32.47 20.16
CA THR B 636 -12.19 31.40 19.51
C THR B 636 -11.05 30.93 20.40
N ILE B 637 -10.48 31.83 21.20
CA ILE B 637 -9.50 31.47 22.23
C ILE B 637 -10.14 30.55 23.25
N GLY B 638 -11.34 30.90 23.70
CA GLY B 638 -12.05 30.06 24.63
C GLY B 638 -12.82 30.80 25.70
N LEU B 639 -12.44 32.03 26.02
CA LEU B 639 -13.26 32.83 26.92
C LEU B 639 -14.41 33.46 26.16
N GLY B 640 -15.42 33.92 26.87
CA GLY B 640 -16.55 34.53 26.20
C GLY B 640 -17.33 35.41 27.13
N ASP B 641 -17.93 36.44 26.56
CA ASP B 641 -18.64 37.42 27.36
C ASP B 641 -20.02 37.64 26.78
N LEU B 642 -21.03 37.21 27.53
CA LEU B 642 -22.39 37.10 27.03
C LEU B 642 -23.28 38.26 27.47
N ASN B 643 -22.69 39.38 27.89
CA ASN B 643 -23.48 40.55 28.25
C ASN B 643 -24.00 41.27 27.03
N ILE B 644 -23.35 41.09 25.88
CA ILE B 644 -23.79 41.72 24.64
C ILE B 644 -24.97 40.96 24.04
N GLN B 645 -25.07 39.66 24.29
CA GLN B 645 -26.22 38.89 23.85
C GLN B 645 -27.45 39.19 24.71
N GLN B 646 -27.24 39.43 26.00
CA GLN B 646 -28.34 39.86 26.85
C GLN B 646 -28.78 41.29 26.56
N ASN B 647 -27.86 42.14 26.14
CA ASN B 647 -28.15 43.54 25.84
C ASN B 647 -28.32 43.74 24.33
N SER B 648 -28.82 42.71 23.66
CA SER B 648 -29.08 42.78 22.23
C SER B 648 -30.45 43.36 21.96
N THR B 649 -30.65 43.83 20.73
CA THR B 649 -31.98 44.21 20.26
C THR B 649 -32.90 43.00 20.24
N TYR B 650 -32.43 41.90 19.65
CA TYR B 650 -33.18 40.65 19.57
C TYR B 650 -32.48 39.58 20.38
N PRO B 651 -33.20 38.89 21.27
CA PRO B 651 -32.73 37.61 21.80
C PRO B 651 -32.80 36.52 20.71
N ILE B 652 -32.81 35.26 21.15
CA ILE B 652 -32.14 34.07 20.59
C ILE B 652 -31.77 34.08 19.11
N LEU B 653 -32.51 34.82 18.26
CA LEU B 653 -32.05 35.22 16.91
C LEU B 653 -30.62 35.77 16.88
N PHE B 654 -30.12 36.41 17.95
CA PHE B 654 -28.69 36.74 18.01
C PHE B 654 -27.87 35.50 18.40
N LEU B 655 -28.02 34.46 17.60
CA LEU B 655 -27.12 33.33 17.52
C LEU B 655 -26.80 32.95 16.09
N PHE B 656 -27.56 33.41 15.09
CA PHE B 656 -27.42 32.91 13.72
C PHE B 656 -26.10 33.35 13.10
N LEU B 657 -25.67 34.58 13.34
CA LEU B 657 -24.33 34.93 12.92
C LEU B 657 -23.29 34.42 13.90
N LEU B 658 -23.71 33.94 15.07
CA LEU B 658 -22.77 33.41 16.06
C LEU B 658 -22.68 31.89 15.98
N ILE B 659 -23.73 31.23 15.47
CA ILE B 659 -23.64 29.80 15.19
C ILE B 659 -22.88 29.55 13.89
N THR B 660 -23.19 30.33 12.84
CA THR B 660 -22.56 30.17 11.53
C THR B 660 -21.05 30.45 11.61
N TYR B 661 -20.64 31.23 12.61
CA TYR B 661 -19.21 31.38 12.86
C TYR B 661 -18.61 30.12 13.46
N VAL B 662 -19.31 29.46 14.39
CA VAL B 662 -18.73 28.33 15.10
C VAL B 662 -18.74 27.05 14.28
N ILE B 663 -19.73 26.87 13.40
CA ILE B 663 -19.76 25.74 12.48
C ILE B 663 -18.58 25.75 11.52
N LEU B 664 -18.27 26.92 10.97
CA LEU B 664 -17.22 26.99 9.96
C LEU B 664 -15.83 26.85 10.57
N THR B 665 -15.58 27.52 11.69
CA THR B 665 -14.19 27.66 12.14
C THR B 665 -13.75 26.45 12.95
N PHE B 666 -14.70 25.63 13.40
CA PHE B 666 -14.34 24.50 14.26
C PHE B 666 -14.56 23.18 13.56
N VAL B 667 -15.77 22.96 13.06
CA VAL B 667 -16.11 21.71 12.41
C VAL B 667 -15.42 21.67 11.05
N LEU B 668 -15.53 22.73 10.28
CA LEU B 668 -15.02 22.67 8.92
C LEU B 668 -13.53 22.99 8.81
N LEU B 669 -13.10 24.19 9.17
CA LEU B 669 -11.77 24.64 8.79
C LEU B 669 -10.64 24.00 9.58
N LEU B 670 -10.78 23.86 10.90
CA LEU B 670 -9.70 23.27 11.69
C LEU B 670 -9.58 21.77 11.50
N ASN B 671 -10.70 21.07 11.33
CA ASN B 671 -10.65 19.62 11.18
C ASN B 671 -10.15 19.23 9.80
N MET B 672 -10.19 20.16 8.85
CA MET B 672 -9.61 19.87 7.54
C MET B 672 -8.13 20.22 7.52
N LEU B 673 -7.67 21.00 8.50
CA LEU B 673 -6.23 21.23 8.63
C LEU B 673 -5.52 19.98 9.12
N ILE B 674 -6.11 19.29 10.11
CA ILE B 674 -5.55 18.05 10.65
C ILE B 674 -5.56 16.97 9.59
N ALA B 675 -6.58 16.98 8.73
CA ALA B 675 -6.70 15.99 7.67
C ALA B 675 -5.64 16.21 6.59
N LEU B 676 -5.11 17.43 6.49
CA LEU B 676 -4.08 17.69 5.49
C LEU B 676 -2.68 17.55 6.06
N MET B 677 -2.50 17.77 7.35
CA MET B 677 -1.19 17.55 7.96
C MET B 677 -0.87 16.07 8.05
N GLY B 678 -1.90 15.23 8.12
CA GLY B 678 -1.65 13.79 8.09
C GLY B 678 -1.18 13.33 6.73
N GLU B 679 -1.66 13.98 5.67
CA GLU B 679 -1.19 13.68 4.33
C GLU B 679 0.21 14.23 4.10
N THR B 680 0.53 15.34 4.76
CA THR B 680 1.80 16.02 4.52
C THR B 680 2.95 15.35 5.28
N VAL B 681 2.68 14.89 6.50
CA VAL B 681 3.68 14.15 7.28
C VAL B 681 4.00 12.82 6.61
N GLU B 682 2.99 12.19 5.99
CA GLU B 682 3.16 10.88 5.38
C GLU B 682 4.10 10.92 4.17
N ASN B 683 4.14 12.05 3.47
CA ASN B 683 5.02 12.14 2.30
C ASN B 683 6.43 12.60 2.65
N VAL B 684 6.61 13.38 3.71
CA VAL B 684 7.93 13.90 4.05
C VAL B 684 8.67 13.01 5.01
N SER B 685 8.05 11.97 5.54
CA SER B 685 8.72 11.11 6.51
C SER B 685 9.76 10.22 5.87
N LYS B 686 9.60 9.90 4.59
CA LYS B 686 10.60 9.11 3.88
C LYS B 686 11.78 9.95 3.42
N GLU B 687 11.62 11.27 3.31
CA GLU B 687 12.67 12.14 2.83
C GLU B 687 13.37 12.92 3.92
N SER B 688 12.91 12.84 5.16
CA SER B 688 13.37 13.77 6.18
C SER B 688 14.77 13.42 6.66
N GLU B 689 15.23 12.20 6.41
CA GLU B 689 16.58 11.84 6.85
C GLU B 689 17.63 12.39 5.90
N ARG B 690 17.31 12.46 4.61
CA ARG B 690 18.26 13.00 3.65
C ARG B 690 18.22 14.51 3.62
N ILE B 691 17.02 15.11 3.75
CA ILE B 691 16.91 16.56 3.69
C ILE B 691 17.41 17.19 4.99
N TRP B 692 17.55 16.38 6.04
CA TRP B 692 18.26 16.84 7.23
C TRP B 692 19.75 16.84 7.01
N ARG B 693 20.29 15.84 6.32
CA ARG B 693 21.74 15.73 6.15
C ARG B 693 22.27 16.76 5.16
N LEU B 694 21.39 17.34 4.35
CA LEU B 694 21.80 18.43 3.49
C LEU B 694 21.98 19.71 4.28
N GLN B 695 21.34 19.78 5.45
CA GLN B 695 21.50 20.94 6.33
C GLN B 695 22.79 20.86 7.11
N ARG B 696 23.14 19.66 7.55
CA ARG B 696 24.31 19.52 8.41
C ARG B 696 25.59 19.53 7.60
N ALA B 697 25.50 19.21 6.30
CA ALA B 697 26.70 19.18 5.46
C ALA B 697 27.18 20.59 5.12
N ARG B 698 26.25 21.54 5.08
CA ARG B 698 26.62 22.93 4.85
C ARG B 698 27.23 23.55 6.09
N THR B 699 26.89 22.99 7.26
CA THR B 699 27.46 23.44 8.53
C THR B 699 28.94 23.05 8.64
N ILE B 700 29.25 21.80 8.26
CA ILE B 700 30.61 21.27 8.37
C ILE B 700 31.56 22.02 7.46
N LEU B 701 31.08 22.42 6.29
CA LEU B 701 31.95 23.06 5.30
C LEU B 701 32.11 24.54 5.56
N GLU B 702 31.48 25.07 6.60
CA GLU B 702 31.73 26.46 6.97
C GLU B 702 32.58 26.56 8.22
N PHE B 703 32.55 25.53 9.06
CA PHE B 703 33.49 25.44 10.17
C PHE B 703 34.89 25.19 9.67
N GLU B 704 35.02 24.56 8.50
CA GLU B 704 36.33 24.20 7.99
C GLU B 704 37.04 25.43 7.42
N LYS B 705 36.29 26.41 6.95
CA LYS B 705 36.90 27.60 6.37
C LYS B 705 37.50 28.51 7.44
N MET B 706 36.93 28.51 8.64
CA MET B 706 37.45 29.33 9.74
C MET B 706 38.42 28.54 10.61
N LEU B 707 39.38 27.90 9.96
CA LEU B 707 40.47 27.24 10.65
C LEU B 707 41.78 27.72 10.08
N PRO B 708 42.78 27.97 10.91
CA PRO B 708 44.10 28.36 10.41
C PRO B 708 44.80 27.19 9.75
N GLU B 709 45.86 27.51 9.01
CA GLU B 709 46.48 26.54 8.13
C GLU B 709 47.30 25.50 8.91
N TRP B 710 47.75 25.85 10.12
CA TRP B 710 48.46 24.88 10.93
C TRP B 710 47.50 23.85 11.53
N LEU B 711 46.21 24.17 11.56
CA LEU B 711 45.25 23.30 12.20
C LEU B 711 44.46 22.51 11.16
N ARG B 712 44.47 22.97 9.91
CA ARG B 712 43.92 22.18 8.81
C ARG B 712 44.74 20.91 8.59
N SER B 713 46.04 20.99 8.83
CA SER B 713 46.94 19.88 8.51
C SER B 713 46.76 18.74 9.50
N ARG B 714 46.43 19.06 10.75
CA ARG B 714 46.26 18.01 11.75
C ARG B 714 44.96 17.25 11.55
N PHE B 715 43.87 17.95 11.23
CA PHE B 715 42.60 17.31 10.92
C PHE B 715 42.56 17.11 9.41
N ARG B 716 43.10 16.01 8.93
CA ARG B 716 43.09 15.75 7.50
C ARG B 716 43.05 14.25 7.24
N MET B 717 42.10 13.85 6.40
CA MET B 717 41.91 12.46 6.03
C MET B 717 42.88 12.08 4.92
N GLY B 718 43.09 10.79 4.76
CA GLY B 718 43.90 10.37 3.65
C GLY B 718 45.19 9.74 4.09
N GLU B 719 45.75 8.91 3.21
CA GLU B 719 47.03 8.26 3.44
C GLU B 719 47.71 8.03 2.10
N LEU B 720 49.00 8.31 2.01
CA LEU B 720 49.71 8.11 0.75
C LEU B 720 49.92 6.63 0.49
N CYS B 721 49.27 6.13 -0.55
CA CYS B 721 49.38 4.74 -0.94
C CYS B 721 50.21 4.66 -2.21
N LYS B 722 50.64 3.46 -2.56
CA LYS B 722 51.37 3.22 -3.79
C LYS B 722 50.52 2.30 -4.64
N VAL B 723 49.82 2.88 -5.61
CA VAL B 723 48.79 2.17 -6.34
C VAL B 723 49.30 1.67 -7.69
N ALA B 724 50.44 2.18 -8.15
CA ALA B 724 51.06 1.75 -9.40
C ALA B 724 52.54 2.06 -9.36
N ASP B 725 53.20 2.04 -10.51
CA ASP B 725 54.61 2.37 -10.61
C ASP B 725 54.74 3.89 -10.51
N GLU B 726 55.25 4.37 -9.39
CA GLU B 726 55.47 5.77 -9.02
C GLU B 726 54.18 6.59 -9.03
N ASP B 727 53.02 5.98 -8.81
CA ASP B 727 51.77 6.71 -8.72
C ASP B 727 51.34 6.69 -7.26
N PHE B 728 51.59 7.80 -6.56
CA PHE B 728 51.18 7.93 -5.17
C PHE B 728 49.95 8.81 -5.07
N ARG B 729 48.89 8.27 -4.48
CA ARG B 729 47.62 8.98 -4.39
C ARG B 729 47.22 9.09 -2.93
N LEU B 730 46.14 9.81 -2.67
CA LEU B 730 45.73 10.14 -1.31
C LEU B 730 44.38 9.50 -1.05
N CYS B 731 44.37 8.37 -0.36
CA CYS B 731 43.29 7.40 -0.43
C CYS B 731 42.52 7.30 0.87
N LEU B 732 41.36 6.63 0.82
CA LEU B 732 40.44 6.51 1.95
C LEU B 732 39.92 5.09 2.04
N ARG B 733 40.29 4.38 3.10
CA ARG B 733 40.03 2.95 3.23
C ARG B 733 38.66 2.65 3.83
N ILE B 734 37.90 1.77 3.17
CA ILE B 734 36.58 1.33 3.62
C ILE B 734 36.51 -0.19 3.54
N ASN B 735 36.05 -0.84 4.60
CA ASN B 735 35.96 -2.29 4.69
C ASN B 735 34.58 -2.79 4.29
N GLU B 736 34.50 -4.09 4.01
CA GLU B 736 33.28 -4.67 3.45
C GLU B 736 33.25 -6.16 3.75
N VAL B 737 32.04 -6.72 3.88
CA VAL B 737 31.82 -8.15 4.03
C VAL B 737 30.75 -8.57 3.03
N LYS B 738 31.07 -9.54 2.18
CA LYS B 738 30.19 -9.94 1.09
C LYS B 738 30.09 -11.45 1.00
N TRP B 739 28.87 -12.00 1.09
CA TRP B 739 28.66 -13.44 1.18
C TRP B 739 28.08 -14.04 -0.08
N THR B 740 27.84 -13.25 -1.11
CA THR B 740 27.05 -13.70 -2.25
C THR B 740 27.84 -14.02 -3.50
N GLU B 741 28.97 -13.38 -3.73
CA GLU B 741 29.80 -13.62 -4.90
C GLU B 741 31.06 -14.33 -4.46
N TRP B 742 31.22 -15.58 -4.87
CA TRP B 742 32.39 -16.36 -4.51
C TRP B 742 33.31 -16.46 -5.71
N LYS B 743 34.41 -15.73 -5.67
CA LYS B 743 35.40 -15.73 -6.73
C LYS B 743 36.78 -15.85 -6.10
N THR B 744 37.78 -16.18 -6.92
CA THR B 744 39.16 -16.17 -6.48
C THR B 744 39.78 -14.81 -6.81
N HIS B 745 40.68 -14.37 -5.95
CA HIS B 745 41.16 -13.00 -5.97
C HIS B 745 42.48 -12.90 -6.70
N VAL B 746 42.51 -12.08 -7.75
CA VAL B 746 43.73 -11.84 -8.49
C VAL B 746 44.25 -10.42 -8.31
N SER B 747 43.38 -9.41 -8.23
CA SER B 747 43.79 -8.03 -8.07
C SER B 747 43.89 -7.68 -6.59
N PHE B 748 45.10 -7.35 -6.14
CA PHE B 748 45.35 -6.94 -4.76
C PHE B 748 46.73 -6.28 -4.68
N LEU B 749 46.84 -5.27 -3.84
CA LEU B 749 48.10 -4.58 -3.60
C LEU B 749 49.00 -5.29 -2.60
N ASN B 750 48.44 -6.12 -1.73
CA ASN B 750 49.21 -6.84 -0.72
C ASN B 750 48.82 -8.31 -0.70
N GLU B 751 49.83 -9.19 -0.75
CA GLU B 751 49.58 -10.62 -0.59
C GLU B 751 49.12 -10.94 0.83
N ASP B 752 49.79 -10.35 1.82
CA ASP B 752 49.53 -10.67 3.21
C ASP B 752 48.50 -9.71 3.79
N PRO B 753 47.31 -10.16 4.12
CA PRO B 753 46.25 -9.25 4.54
C PRO B 753 46.42 -8.71 5.96
N GLY B 754 45.38 -8.07 6.48
CA GLY B 754 45.41 -7.64 7.84
C GLY B 754 45.71 -6.17 7.96
N PRO B 755 45.48 -5.60 9.14
CA PRO B 755 45.65 -4.16 9.32
C PRO B 755 47.08 -3.66 9.18
N ILE B 756 48.03 -4.39 9.78
CA ILE B 756 49.44 -3.99 9.97
C ILE B 756 49.52 -2.66 10.73
N ARG C 118 -49.42 -32.21 -42.53
CA ARG C 118 -48.72 -33.45 -42.26
C ARG C 118 -47.36 -33.50 -42.96
N LEU C 119 -47.21 -32.72 -44.04
CA LEU C 119 -45.97 -32.75 -44.80
C LEU C 119 -45.06 -31.59 -44.42
N LYS C 120 -45.66 -30.48 -43.99
CA LYS C 120 -44.86 -29.33 -43.57
C LYS C 120 -44.18 -29.60 -42.23
N LYS C 121 -44.89 -30.28 -41.33
CA LYS C 121 -44.37 -30.47 -39.97
C LYS C 121 -43.25 -31.51 -39.95
N ARG C 122 -43.25 -32.44 -40.90
CA ARG C 122 -42.18 -33.43 -40.95
C ARG C 122 -40.88 -32.81 -41.44
N ILE C 123 -40.98 -31.77 -42.27
CA ILE C 123 -39.78 -31.16 -42.83
C ILE C 123 -39.05 -30.34 -41.77
N PHE C 124 -39.80 -29.54 -41.00
CA PHE C 124 -39.19 -28.73 -39.95
C PHE C 124 -38.61 -29.61 -38.83
N ALA C 125 -39.22 -30.77 -38.59
CA ALA C 125 -38.73 -31.62 -37.52
C ALA C 125 -37.46 -32.35 -37.94
N ALA C 126 -37.39 -32.76 -39.21
CA ALA C 126 -36.21 -33.49 -39.68
C ALA C 126 -35.03 -32.57 -39.87
N VAL C 127 -35.29 -31.28 -40.16
CA VAL C 127 -34.21 -30.37 -40.48
C VAL C 127 -33.57 -29.84 -39.19
N SER C 128 -34.27 -29.98 -38.07
CA SER C 128 -33.71 -29.53 -36.80
C SER C 128 -32.76 -30.57 -36.22
N GLU C 129 -33.15 -31.85 -36.29
CA GLU C 129 -32.37 -32.92 -35.68
C GLU C 129 -31.24 -33.42 -36.58
N GLY C 130 -31.14 -32.91 -37.81
CA GLY C 130 -30.07 -33.32 -38.70
C GLY C 130 -30.26 -34.69 -39.29
N CYS C 131 -31.34 -34.89 -40.02
CA CYS C 131 -31.70 -36.20 -40.57
C CYS C 131 -31.64 -36.10 -42.09
N VAL C 132 -30.52 -36.52 -42.68
CA VAL C 132 -30.34 -36.38 -44.12
C VAL C 132 -31.06 -37.50 -44.85
N GLU C 133 -31.35 -38.61 -44.16
CA GLU C 133 -31.96 -39.76 -44.81
C GLU C 133 -33.46 -39.53 -45.02
N GLU C 134 -34.08 -38.77 -44.13
CA GLU C 134 -35.51 -38.51 -44.25
C GLU C 134 -35.76 -37.30 -45.13
N LEU C 135 -34.77 -36.39 -45.18
CA LEU C 135 -34.91 -35.14 -45.92
C LEU C 135 -35.00 -35.36 -47.43
N ARG C 136 -34.21 -36.32 -47.94
CA ARG C 136 -34.19 -36.55 -49.39
C ARG C 136 -35.50 -37.15 -49.87
N GLU C 137 -35.97 -38.19 -49.17
CA GLU C 137 -37.16 -38.91 -49.62
C GLU C 137 -38.42 -38.08 -49.43
N LEU C 138 -38.40 -37.16 -48.46
CA LEU C 138 -39.53 -36.25 -48.31
C LEU C 138 -39.56 -35.20 -49.41
N LEU C 139 -38.40 -34.67 -49.78
CA LEU C 139 -38.35 -33.62 -50.78
C LEU C 139 -38.62 -34.17 -52.18
N GLN C 140 -38.31 -35.45 -52.40
CA GLN C 140 -38.74 -36.12 -53.62
C GLN C 140 -40.24 -36.33 -53.60
N ASP C 141 -40.79 -36.68 -52.44
CA ASP C 141 -42.24 -36.83 -52.31
C ASP C 141 -42.92 -35.47 -52.37
N LEU C 142 -42.24 -34.42 -51.91
CA LEU C 142 -42.76 -33.07 -52.04
C LEU C 142 -42.69 -32.62 -53.50
N GLN C 143 -41.74 -33.16 -54.26
CA GLN C 143 -41.63 -32.83 -55.67
C GLN C 143 -42.71 -33.55 -56.49
N ASP C 144 -43.01 -34.80 -56.13
CA ASP C 144 -43.94 -35.62 -56.91
C ASP C 144 -45.37 -35.14 -56.77
N LEU C 145 -45.68 -34.45 -55.67
CA LEU C 145 -47.04 -33.96 -55.45
C LEU C 145 -47.36 -32.80 -56.37
N CYS C 146 -46.35 -32.04 -56.79
CA CYS C 146 -46.59 -30.88 -57.63
C CYS C 146 -46.63 -31.24 -59.10
N ARG C 147 -46.21 -32.47 -59.44
CA ARG C 147 -46.34 -32.90 -60.83
C ARG C 147 -47.75 -33.42 -61.09
N ARG C 148 -48.37 -34.06 -60.11
CA ARG C 148 -49.75 -34.51 -60.26
C ARG C 148 -50.74 -33.46 -59.78
N ARG C 149 -50.51 -32.21 -60.17
CA ARG C 149 -51.18 -31.09 -59.53
C ARG C 149 -51.78 -30.25 -60.65
N ARG C 150 -52.30 -29.07 -60.30
CA ARG C 150 -52.81 -28.11 -61.28
C ARG C 150 -51.75 -27.67 -62.28
N GLY C 151 -50.52 -27.49 -61.80
CA GLY C 151 -49.42 -27.03 -62.65
C GLY C 151 -49.53 -25.60 -63.10
N LEU C 152 -50.41 -24.80 -62.50
CA LEU C 152 -50.57 -23.39 -62.87
C LEU C 152 -49.52 -22.55 -62.14
N ASP C 153 -49.58 -22.57 -60.81
CA ASP C 153 -48.62 -21.84 -59.98
C ASP C 153 -47.67 -22.80 -59.27
N VAL C 154 -46.51 -22.97 -59.90
CA VAL C 154 -45.47 -23.81 -59.31
C VAL C 154 -44.63 -23.08 -58.28
N PRO C 155 -44.16 -21.82 -58.49
CA PRO C 155 -43.47 -21.14 -57.38
C PRO C 155 -44.36 -20.79 -56.19
N ASP C 156 -45.54 -20.21 -56.42
CA ASP C 156 -46.30 -19.63 -55.32
C ASP C 156 -46.93 -20.70 -54.43
N PHE C 157 -47.00 -21.94 -54.90
CA PHE C 157 -47.44 -23.03 -54.06
C PHE C 157 -46.31 -23.54 -53.19
N LEU C 158 -45.11 -23.69 -53.76
CA LEU C 158 -44.01 -24.29 -53.03
C LEU C 158 -43.39 -23.34 -52.02
N MET C 159 -43.58 -22.04 -52.22
CA MET C 159 -43.14 -21.10 -51.19
C MET C 159 -44.07 -21.14 -49.99
N HIS C 160 -45.30 -21.58 -50.18
CA HIS C 160 -46.22 -21.71 -49.06
C HIS C 160 -45.95 -22.98 -48.27
N LYS C 161 -45.34 -23.99 -48.91
CA LYS C 161 -45.15 -25.27 -48.26
C LYS C 161 -43.95 -25.24 -47.31
N LEU C 162 -42.95 -24.41 -47.63
CA LEU C 162 -41.73 -24.38 -46.84
C LEU C 162 -41.70 -23.27 -45.80
N THR C 163 -42.72 -22.41 -45.74
CA THR C 163 -42.68 -21.19 -44.95
C THR C 163 -43.85 -21.17 -43.98
N ALA C 164 -43.55 -20.90 -42.72
CA ALA C 164 -44.61 -20.68 -41.75
C ALA C 164 -45.33 -19.36 -42.05
N SER C 165 -46.62 -19.32 -41.74
CA SER C 165 -47.45 -18.21 -42.16
C SER C 165 -47.37 -17.04 -41.20
N ASP C 166 -47.38 -17.34 -39.90
CA ASP C 166 -47.40 -16.28 -38.90
C ASP C 166 -46.02 -15.62 -38.78
N THR C 167 -45.02 -16.40 -38.41
CA THR C 167 -43.72 -15.82 -38.10
C THR C 167 -42.93 -15.52 -39.37
N GLY C 168 -43.32 -16.14 -40.49
CA GLY C 168 -42.61 -15.95 -41.74
C GLY C 168 -41.31 -16.70 -41.87
N LYS C 169 -41.01 -17.59 -40.91
CA LYS C 169 -39.77 -18.34 -40.94
C LYS C 169 -39.82 -19.45 -42.00
N THR C 170 -38.73 -19.62 -42.73
CA THR C 170 -38.62 -20.64 -43.76
C THR C 170 -37.81 -21.82 -43.22
N CYS C 171 -37.60 -22.82 -44.07
CA CYS C 171 -36.86 -24.00 -43.65
C CYS C 171 -35.36 -23.74 -43.63
N LEU C 172 -34.90 -22.75 -44.38
CA LEU C 172 -33.48 -22.44 -44.39
C LEU C 172 -33.09 -21.69 -43.13
N MET C 173 -33.99 -20.87 -42.61
CA MET C 173 -33.74 -20.20 -41.34
C MET C 173 -33.79 -21.19 -40.19
N LYS C 174 -34.64 -22.22 -40.30
CA LYS C 174 -34.81 -23.19 -39.23
C LYS C 174 -33.60 -24.09 -39.10
N ALA C 175 -32.90 -24.35 -40.20
CA ALA C 175 -31.75 -25.23 -40.16
C ALA C 175 -30.56 -24.56 -39.51
N LEU C 176 -30.48 -23.23 -39.60
CA LEU C 176 -29.31 -22.51 -39.12
C LEU C 176 -29.42 -22.14 -37.65
N LEU C 177 -30.65 -22.00 -37.15
CA LEU C 177 -30.86 -21.73 -35.73
C LEU C 177 -30.47 -22.92 -34.88
N ASN C 178 -30.64 -24.13 -35.41
CA ASN C 178 -30.28 -25.38 -34.73
C ASN C 178 -29.05 -25.97 -35.42
N ILE C 179 -27.88 -25.55 -34.97
CA ILE C 179 -26.62 -26.00 -35.55
C ILE C 179 -26.34 -27.43 -35.11
N ASN C 180 -26.24 -28.33 -36.07
CA ASN C 180 -25.92 -29.74 -35.88
C ASN C 180 -24.50 -30.01 -36.36
N PRO C 181 -23.92 -31.18 -36.09
CA PRO C 181 -22.68 -31.56 -36.76
C PRO C 181 -22.84 -31.99 -38.21
N ASN C 182 -24.06 -31.94 -38.78
CA ASN C 182 -24.23 -32.18 -40.21
C ASN C 182 -25.07 -31.10 -40.87
N THR C 183 -24.90 -29.84 -40.50
CA THR C 183 -25.78 -28.78 -40.98
C THR C 183 -25.45 -28.41 -42.42
N LYS C 184 -24.17 -28.38 -42.79
CA LYS C 184 -23.78 -27.87 -44.10
C LYS C 184 -24.11 -28.87 -45.21
N GLU C 185 -24.31 -30.13 -44.86
CA GLU C 185 -24.81 -31.08 -45.86
C GLU C 185 -26.30 -30.91 -46.08
N ILE C 186 -27.00 -30.40 -45.06
CA ILE C 186 -28.44 -30.19 -45.18
C ILE C 186 -28.72 -28.97 -46.06
N VAL C 187 -27.94 -27.91 -45.86
CA VAL C 187 -28.14 -26.66 -46.59
C VAL C 187 -27.89 -26.86 -48.07
N ARG C 188 -26.90 -27.69 -48.40
CA ARG C 188 -26.58 -27.96 -49.80
C ARG C 188 -27.70 -28.74 -50.48
N ILE C 189 -28.40 -29.58 -49.73
CA ILE C 189 -29.56 -30.29 -50.26
C ILE C 189 -30.71 -29.32 -50.50
N LEU C 190 -30.90 -28.38 -49.56
CA LEU C 190 -31.99 -27.42 -49.67
C LEU C 190 -31.78 -26.46 -50.82
N LEU C 191 -30.54 -26.08 -51.08
CA LEU C 191 -30.27 -25.13 -52.16
C LEU C 191 -30.30 -25.83 -53.52
N ALA C 192 -29.77 -27.05 -53.60
CA ALA C 192 -29.80 -27.80 -54.85
C ALA C 192 -31.21 -28.19 -55.23
N PHE C 193 -32.09 -28.36 -54.24
CA PHE C 193 -33.50 -28.57 -54.53
C PHE C 193 -34.15 -27.33 -55.13
N ALA C 194 -33.66 -26.14 -54.75
CA ALA C 194 -34.28 -24.91 -55.23
C ALA C 194 -33.77 -24.52 -56.61
N GLU C 195 -32.80 -25.27 -57.14
CA GLU C 195 -32.27 -24.96 -58.46
C GLU C 195 -33.21 -25.40 -59.57
N GLU C 196 -33.84 -26.57 -59.41
CA GLU C 196 -34.66 -27.09 -60.50
C GLU C 196 -36.08 -26.56 -60.47
N ASN C 197 -36.33 -25.43 -59.82
CA ASN C 197 -37.63 -24.78 -59.91
C ASN C 197 -37.49 -23.28 -60.06
N ASP C 198 -36.25 -22.80 -60.24
CA ASP C 198 -35.93 -21.39 -60.52
C ASP C 198 -36.44 -20.45 -59.44
N ILE C 199 -36.42 -20.89 -58.18
CA ILE C 199 -36.89 -20.08 -57.07
C ILE C 199 -35.74 -19.87 -56.09
N LEU C 200 -34.52 -19.94 -56.61
CA LEU C 200 -33.34 -19.79 -55.76
C LEU C 200 -33.21 -18.38 -55.23
N ASP C 201 -33.71 -17.39 -55.99
CA ASP C 201 -33.58 -16.00 -55.55
C ASP C 201 -34.53 -15.71 -54.39
N ARG C 202 -35.80 -16.08 -54.54
CA ARG C 202 -36.81 -15.71 -53.56
C ARG C 202 -36.84 -16.65 -52.35
N PHE C 203 -36.14 -17.77 -52.42
CA PHE C 203 -36.04 -18.64 -51.25
C PHE C 203 -34.86 -18.25 -50.38
N ILE C 204 -33.81 -17.71 -50.96
CA ILE C 204 -32.62 -17.35 -50.22
C ILE C 204 -32.71 -15.92 -49.68
N ASN C 205 -33.74 -15.18 -50.09
CA ASN C 205 -33.91 -13.78 -49.74
C ASN C 205 -35.27 -13.55 -49.07
N ALA C 206 -35.63 -14.40 -48.13
CA ALA C 206 -36.89 -14.29 -47.41
C ALA C 206 -36.68 -13.56 -46.10
N GLU C 207 -37.74 -12.94 -45.59
CA GLU C 207 -37.66 -12.12 -44.39
C GLU C 207 -38.79 -12.44 -43.43
N TYR C 208 -38.55 -12.15 -42.15
CA TYR C 208 -39.61 -12.18 -41.16
C TYR C 208 -40.63 -11.07 -41.44
N THR C 209 -41.86 -11.32 -41.03
CA THR C 209 -42.91 -10.32 -41.10
C THR C 209 -43.37 -9.88 -39.72
N GLU C 210 -42.92 -10.56 -38.66
CA GLU C 210 -43.28 -10.18 -37.30
C GLU C 210 -42.58 -8.89 -36.93
N GLU C 211 -43.27 -8.02 -36.21
CA GLU C 211 -42.77 -6.68 -35.93
C GLU C 211 -41.55 -6.65 -35.00
N ALA C 212 -41.28 -7.73 -34.27
CA ALA C 212 -40.12 -7.81 -33.40
C ALA C 212 -38.90 -8.33 -34.11
N TYR C 213 -39.02 -8.80 -35.33
CA TYR C 213 -37.87 -9.30 -36.06
C TYR C 213 -37.84 -8.85 -37.50
N GLU C 214 -38.56 -7.80 -37.88
CA GLU C 214 -38.77 -7.39 -39.26
C GLU C 214 -37.49 -7.08 -40.02
N GLY C 215 -37.15 -7.91 -40.99
CA GLY C 215 -36.01 -7.67 -41.88
C GLY C 215 -34.89 -8.67 -41.72
N GLN C 216 -34.99 -9.56 -40.74
CA GLN C 216 -33.92 -10.52 -40.54
C GLN C 216 -33.99 -11.64 -41.58
N THR C 217 -32.87 -11.88 -42.24
CA THR C 217 -32.77 -12.90 -43.28
C THR C 217 -31.88 -14.02 -42.76
N ALA C 218 -31.59 -14.99 -43.64
CA ALA C 218 -30.77 -16.12 -43.24
C ALA C 218 -29.29 -15.77 -43.26
N LEU C 219 -28.94 -14.61 -43.79
CA LEU C 219 -27.55 -14.18 -43.76
C LEU C 219 -27.22 -13.53 -42.42
N ASN C 220 -28.22 -12.97 -41.74
CA ASN C 220 -27.99 -12.46 -40.39
C ASN C 220 -27.83 -13.59 -39.40
N ILE C 221 -28.39 -14.77 -39.71
CA ILE C 221 -28.31 -15.88 -38.77
C ILE C 221 -27.00 -16.63 -38.96
N ALA C 222 -26.46 -16.64 -40.18
CA ALA C 222 -25.23 -17.36 -40.43
C ALA C 222 -24.01 -16.58 -39.92
N ILE C 223 -24.13 -15.25 -39.82
CA ILE C 223 -23.03 -14.46 -39.29
C ILE C 223 -23.09 -14.44 -37.78
N GLU C 224 -24.28 -14.46 -37.20
CA GLU C 224 -24.41 -14.38 -35.75
C GLU C 224 -24.01 -15.69 -35.09
N ARG C 225 -24.24 -16.82 -35.78
CA ARG C 225 -23.85 -18.13 -35.27
C ARG C 225 -22.39 -18.46 -35.53
N ARG C 226 -21.64 -17.46 -36.02
CA ARG C 226 -20.21 -17.50 -36.28
C ARG C 226 -19.83 -18.58 -37.27
N GLN C 227 -20.63 -18.77 -38.32
CA GLN C 227 -20.37 -19.76 -39.35
C GLN C 227 -19.67 -19.09 -40.52
N GLY C 228 -18.44 -19.50 -40.79
CA GLY C 228 -17.70 -18.92 -41.89
C GLY C 228 -17.94 -19.61 -43.22
N ASP C 229 -18.06 -20.93 -43.20
CA ASP C 229 -18.13 -21.68 -44.45
C ASP C 229 -19.52 -21.65 -45.05
N ILE C 230 -20.55 -21.65 -44.21
CA ILE C 230 -21.93 -21.58 -44.71
C ILE C 230 -22.21 -20.19 -45.26
N THR C 231 -21.51 -19.18 -44.73
CA THR C 231 -21.73 -17.81 -45.16
C THR C 231 -21.21 -17.58 -46.58
N ALA C 232 -20.05 -18.15 -46.90
CA ALA C 232 -19.49 -17.98 -48.23
C ALA C 232 -20.29 -18.73 -49.28
N VAL C 233 -20.97 -19.81 -48.87
CA VAL C 233 -21.85 -20.54 -49.79
C VAL C 233 -23.07 -19.69 -50.13
N LEU C 234 -23.61 -18.99 -49.14
CA LEU C 234 -24.84 -18.23 -49.33
C LEU C 234 -24.60 -16.99 -50.17
N ILE C 235 -23.46 -16.31 -49.98
CA ILE C 235 -23.21 -15.05 -50.69
C ILE C 235 -23.00 -15.30 -52.16
N ALA C 236 -22.27 -16.37 -52.51
CA ALA C 236 -22.09 -16.75 -53.91
C ALA C 236 -23.18 -17.74 -54.32
N ALA C 237 -24.42 -17.39 -53.99
CA ALA C 237 -25.60 -18.08 -54.49
C ALA C 237 -26.71 -17.08 -54.74
N GLY C 238 -26.44 -15.81 -54.49
CA GLY C 238 -27.40 -14.75 -54.73
C GLY C 238 -28.03 -14.12 -53.51
N ALA C 239 -27.44 -14.30 -52.32
CA ALA C 239 -28.01 -13.69 -51.13
C ALA C 239 -27.72 -12.20 -51.12
N ASP C 240 -28.67 -11.40 -50.66
CA ASP C 240 -28.49 -9.97 -50.63
C ASP C 240 -27.61 -9.60 -49.44
N VAL C 241 -26.60 -8.76 -49.70
CA VAL C 241 -25.70 -8.28 -48.66
C VAL C 241 -26.05 -6.88 -48.20
N ASN C 242 -27.26 -6.42 -48.44
CA ASN C 242 -27.69 -5.07 -48.07
C ASN C 242 -29.06 -5.11 -47.42
N ALA C 243 -29.26 -6.04 -46.50
CA ALA C 243 -30.51 -6.11 -45.77
C ALA C 243 -30.50 -5.12 -44.61
N HIS C 244 -31.68 -4.80 -44.10
CA HIS C 244 -31.81 -3.85 -43.00
C HIS C 244 -32.80 -4.41 -41.98
N ALA C 245 -32.27 -4.96 -40.89
CA ALA C 245 -33.11 -5.44 -39.81
C ALA C 245 -33.75 -4.27 -39.07
N LYS C 246 -35.04 -4.06 -39.29
CA LYS C 246 -35.73 -2.89 -38.78
C LYS C 246 -36.67 -3.26 -37.65
N GLY C 247 -36.33 -4.27 -36.87
CA GLY C 247 -37.25 -4.77 -35.86
C GLY C 247 -37.32 -3.92 -34.62
N VAL C 248 -37.76 -4.51 -33.51
CA VAL C 248 -37.84 -3.82 -32.23
C VAL C 248 -36.76 -4.43 -31.37
N PHE C 249 -36.48 -5.70 -31.58
CA PHE C 249 -35.37 -6.37 -30.93
C PHE C 249 -34.02 -5.84 -31.36
N PHE C 250 -33.90 -5.39 -32.60
CA PHE C 250 -32.65 -4.84 -33.09
C PHE C 250 -32.57 -3.33 -32.87
N ASN C 251 -33.65 -2.70 -32.43
CA ASN C 251 -33.65 -1.27 -32.14
C ASN C 251 -34.30 -1.06 -30.78
N PRO C 252 -33.65 -1.51 -29.71
CA PRO C 252 -34.34 -1.62 -28.43
C PRO C 252 -34.51 -0.27 -27.76
N LYS C 253 -35.41 -0.24 -26.79
CA LYS C 253 -35.61 0.94 -25.96
C LYS C 253 -34.74 0.88 -24.71
N TYR C 254 -34.51 -0.31 -24.18
CA TYR C 254 -33.66 -0.53 -23.02
C TYR C 254 -32.61 -1.57 -23.36
N GLN C 255 -31.51 -1.56 -22.61
CA GLN C 255 -30.30 -2.29 -22.97
C GLN C 255 -30.47 -3.80 -22.95
N HIS C 256 -31.26 -4.30 -22.02
CA HIS C 256 -31.39 -5.75 -21.89
C HIS C 256 -32.47 -6.34 -22.79
N GLU C 257 -33.24 -5.52 -23.50
CA GLU C 257 -34.35 -6.01 -24.29
C GLU C 257 -33.95 -6.34 -25.72
N GLY C 258 -32.67 -6.18 -26.06
CA GLY C 258 -32.27 -6.38 -27.44
C GLY C 258 -30.81 -6.02 -27.63
N PHE C 259 -30.45 -5.79 -28.89
CA PHE C 259 -29.07 -5.58 -29.27
C PHE C 259 -29.02 -4.70 -30.50
N TYR C 260 -28.65 -3.43 -30.33
CA TYR C 260 -28.42 -2.52 -31.44
C TYR C 260 -27.00 -2.72 -31.95
N PHE C 261 -26.88 -3.07 -33.23
CA PHE C 261 -25.58 -3.28 -33.83
C PHE C 261 -25.34 -2.45 -35.09
N GLY C 262 -26.37 -1.97 -35.75
CA GLY C 262 -26.16 -1.09 -36.88
C GLY C 262 -26.98 -1.43 -38.12
N GLU C 263 -27.77 -2.49 -38.02
CA GLU C 263 -28.77 -2.93 -38.99
C GLU C 263 -28.25 -3.36 -40.35
N THR C 264 -27.02 -3.84 -40.48
CA THR C 264 -26.53 -4.38 -41.76
C THR C 264 -25.76 -5.66 -41.49
N PRO C 265 -25.53 -6.51 -42.50
CA PRO C 265 -24.60 -7.63 -42.31
C PRO C 265 -23.14 -7.22 -42.15
N LEU C 266 -22.77 -5.99 -42.50
CA LEU C 266 -21.38 -5.57 -42.30
C LEU C 266 -21.18 -5.00 -40.91
N ALA C 267 -22.22 -4.43 -40.32
CA ALA C 267 -22.09 -3.93 -38.96
C ALA C 267 -22.15 -5.08 -37.96
N LEU C 268 -22.80 -6.17 -38.31
CA LEU C 268 -22.89 -7.31 -37.40
C LEU C 268 -21.59 -8.09 -37.37
N ALA C 269 -20.92 -8.19 -38.52
CA ALA C 269 -19.65 -8.92 -38.59
C ALA C 269 -18.54 -8.15 -37.92
N ALA C 270 -18.69 -6.83 -37.80
CA ALA C 270 -17.67 -6.00 -37.17
C ALA C 270 -17.89 -5.88 -35.67
N CYS C 271 -19.15 -5.77 -35.24
CA CYS C 271 -19.45 -5.56 -33.83
C CYS C 271 -19.41 -6.84 -33.02
N THR C 272 -19.21 -8.00 -33.65
CA THR C 272 -19.04 -9.26 -32.93
C THR C 272 -17.68 -9.89 -33.18
N ASN C 273 -16.70 -9.10 -33.64
CA ASN C 273 -15.29 -9.49 -33.74
C ASN C 273 -15.08 -10.67 -34.67
N GLN C 274 -15.43 -10.50 -35.94
CA GLN C 274 -15.21 -11.53 -36.96
C GLN C 274 -14.49 -10.91 -38.15
N PRO C 275 -13.17 -10.74 -38.06
CA PRO C 275 -12.46 -9.93 -39.06
C PRO C 275 -12.30 -10.58 -40.41
N GLU C 276 -12.51 -11.89 -40.52
CA GLU C 276 -12.33 -12.56 -41.80
C GLU C 276 -13.59 -12.49 -42.65
N ILE C 277 -14.74 -12.24 -42.03
CA ILE C 277 -15.97 -12.10 -42.78
C ILE C 277 -16.16 -10.64 -43.18
N VAL C 278 -15.53 -9.71 -42.45
CA VAL C 278 -15.55 -8.30 -42.82
C VAL C 278 -14.75 -8.10 -44.11
N GLN C 279 -13.61 -8.78 -44.23
CA GLN C 279 -12.81 -8.69 -45.43
C GLN C 279 -13.49 -9.36 -46.61
N LEU C 280 -14.24 -10.42 -46.35
CA LEU C 280 -14.92 -11.16 -47.41
C LEU C 280 -16.11 -10.37 -47.94
N LEU C 281 -16.66 -9.48 -47.12
CA LEU C 281 -17.83 -8.71 -47.53
C LEU C 281 -17.44 -7.42 -48.24
N MET C 282 -16.27 -6.85 -47.92
CA MET C 282 -15.84 -5.64 -48.61
C MET C 282 -15.21 -5.93 -49.97
N GLU C 283 -14.66 -7.14 -50.17
CA GLU C 283 -14.14 -7.52 -51.47
C GLU C 283 -15.24 -7.80 -52.49
N ASN C 284 -16.46 -8.05 -52.04
CA ASN C 284 -17.61 -8.10 -52.93
C ASN C 284 -17.88 -6.69 -53.45
N GLU C 285 -18.50 -6.58 -54.61
CA GLU C 285 -18.76 -5.30 -55.24
C GLU C 285 -20.16 -4.76 -54.97
N GLN C 286 -21.08 -5.58 -54.47
CA GLN C 286 -22.41 -5.11 -54.15
C GLN C 286 -22.52 -4.49 -52.77
N THR C 287 -21.45 -4.51 -52.00
CA THR C 287 -21.46 -3.97 -50.65
C THR C 287 -21.52 -2.45 -50.70
N ASP C 288 -22.56 -1.88 -50.12
CA ASP C 288 -22.72 -0.42 -50.06
C ASP C 288 -22.19 0.02 -48.70
N ILE C 289 -20.97 0.55 -48.69
CA ILE C 289 -20.24 0.78 -47.44
C ILE C 289 -20.60 2.16 -46.89
N THR C 290 -21.36 2.94 -47.67
CA THR C 290 -21.73 4.30 -47.28
C THR C 290 -23.24 4.45 -47.15
N SER C 291 -23.90 3.50 -46.51
CA SER C 291 -25.35 3.52 -46.36
C SER C 291 -25.73 3.91 -44.94
N GLN C 292 -26.98 4.33 -44.77
CA GLN C 292 -27.46 4.86 -43.50
C GLN C 292 -28.70 4.13 -43.06
N ASP C 293 -28.77 3.79 -41.77
CA ASP C 293 -29.93 3.09 -41.23
C ASP C 293 -31.00 4.04 -40.69
N SER C 294 -31.90 3.50 -39.86
CA SER C 294 -33.05 4.19 -39.31
C SER C 294 -32.70 5.41 -38.46
N ARG C 295 -31.59 5.38 -37.73
CA ARG C 295 -31.15 6.54 -36.96
C ARG C 295 -30.35 7.52 -37.80
N GLY C 296 -29.99 7.15 -39.02
CA GLY C 296 -29.08 7.94 -39.81
C GLY C 296 -27.63 7.56 -39.67
N ASN C 297 -27.31 6.64 -38.76
CA ASN C 297 -25.95 6.21 -38.53
C ASN C 297 -25.40 5.46 -39.74
N ASN C 298 -24.08 5.50 -39.89
CA ASN C 298 -23.41 4.63 -40.84
C ASN C 298 -22.50 3.70 -40.07
N ILE C 299 -21.60 3.01 -40.77
CA ILE C 299 -20.77 1.97 -40.18
C ILE C 299 -19.82 2.54 -39.13
N LEU C 300 -19.44 3.82 -39.27
CA LEU C 300 -18.48 4.38 -38.32
C LEU C 300 -19.19 5.01 -37.13
N HIS C 301 -20.46 5.39 -37.29
CA HIS C 301 -21.25 5.80 -36.14
C HIS C 301 -21.61 4.59 -35.28
N ALA C 302 -21.74 3.42 -35.89
CA ALA C 302 -22.22 2.25 -35.18
C ALA C 302 -21.13 1.64 -34.30
N LEU C 303 -19.87 1.75 -34.72
CA LEU C 303 -18.78 1.22 -33.91
C LEU C 303 -18.49 2.09 -32.70
N VAL C 304 -18.83 3.37 -32.78
CA VAL C 304 -18.67 4.25 -31.64
C VAL C 304 -19.70 3.93 -30.57
N THR C 305 -20.89 3.49 -31.00
CA THR C 305 -21.97 3.26 -30.06
C THR C 305 -21.73 2.02 -29.20
N VAL C 306 -21.11 0.99 -29.76
CA VAL C 306 -20.89 -0.26 -29.07
C VAL C 306 -19.53 -0.31 -28.38
N ALA C 307 -18.80 0.79 -28.37
CA ALA C 307 -17.45 0.80 -27.83
C ALA C 307 -17.48 0.93 -26.32
N GLU C 308 -16.55 0.25 -25.66
CA GLU C 308 -16.50 0.20 -24.21
C GLU C 308 -15.04 0.32 -23.79
N ASP C 309 -14.77 -0.02 -22.54
CA ASP C 309 -13.46 0.22 -21.93
C ASP C 309 -12.42 -0.80 -22.37
N PHE C 310 -11.28 -0.82 -21.69
CA PHE C 310 -10.32 -1.89 -21.86
C PHE C 310 -10.65 -3.12 -21.03
N LYS C 311 -11.30 -2.93 -19.89
CA LYS C 311 -11.58 -4.01 -18.97
C LYS C 311 -12.67 -4.95 -19.48
N THR C 312 -13.43 -4.55 -20.50
CA THR C 312 -14.49 -5.38 -21.05
C THR C 312 -14.20 -5.87 -22.46
N GLN C 313 -13.93 -4.99 -23.42
CA GLN C 313 -13.84 -5.39 -24.82
C GLN C 313 -12.41 -5.62 -25.30
N ASN C 314 -11.46 -4.95 -24.65
CA ASN C 314 -10.01 -5.18 -24.61
C ASN C 314 -9.26 -4.72 -25.86
N ASP C 315 -9.81 -4.82 -27.08
CA ASP C 315 -9.11 -4.11 -28.17
C ASP C 315 -9.92 -3.77 -29.42
N PHE C 316 -10.99 -4.49 -29.72
CA PHE C 316 -11.20 -4.83 -31.13
C PHE C 316 -11.93 -3.73 -31.89
N VAL C 317 -12.58 -2.80 -31.19
CA VAL C 317 -13.33 -1.77 -31.90
C VAL C 317 -12.37 -0.74 -32.50
N LYS C 318 -11.25 -0.49 -31.84
CA LYS C 318 -10.23 0.39 -32.37
C LYS C 318 -9.55 -0.23 -33.58
N ARG C 319 -9.48 -1.56 -33.64
CA ARG C 319 -8.82 -2.22 -34.76
C ARG C 319 -9.77 -2.41 -35.94
N MET C 320 -11.08 -2.44 -35.68
CA MET C 320 -12.03 -2.50 -36.78
C MET C 320 -12.26 -1.14 -37.40
N TYR C 321 -11.92 -0.08 -36.68
CA TYR C 321 -12.24 1.27 -37.14
C TYR C 321 -11.38 1.67 -38.32
N ASP C 322 -10.11 1.29 -38.30
CA ASP C 322 -9.20 1.71 -39.37
C ASP C 322 -9.10 0.67 -40.47
N MET C 323 -9.49 -0.58 -40.19
CA MET C 323 -9.63 -1.56 -41.26
C MET C 323 -10.68 -1.13 -42.26
N ILE C 324 -11.78 -0.57 -41.76
CA ILE C 324 -12.86 -0.11 -42.62
C ILE C 324 -12.52 1.25 -43.22
N LEU C 325 -11.79 2.07 -42.47
CA LEU C 325 -11.48 3.42 -42.91
C LEU C 325 -10.47 3.42 -44.05
N LEU C 326 -9.42 2.62 -43.93
CA LEU C 326 -8.36 2.63 -44.94
C LEU C 326 -8.82 2.01 -46.26
N ARG C 327 -9.76 1.07 -46.19
CA ARG C 327 -10.29 0.41 -47.37
C ARG C 327 -11.15 1.37 -48.17
N SER C 328 -11.85 2.27 -47.49
CA SER C 328 -12.67 3.27 -48.17
C SER C 328 -11.79 4.25 -48.93
N GLY C 329 -10.92 4.96 -48.21
CA GLY C 329 -9.88 5.73 -48.85
C GLY C 329 -10.14 7.21 -49.03
N ASN C 330 -11.17 7.75 -48.41
CA ASN C 330 -11.45 9.18 -48.50
C ASN C 330 -12.25 9.61 -47.26
N TRP C 331 -12.62 10.88 -47.23
CA TRP C 331 -13.27 11.50 -46.08
C TRP C 331 -14.79 11.45 -46.16
N GLU C 332 -15.36 10.50 -46.90
CA GLU C 332 -16.81 10.48 -47.02
C GLU C 332 -17.47 9.90 -45.78
N LEU C 333 -16.84 8.92 -45.14
CA LEU C 333 -17.45 8.35 -43.96
C LEU C 333 -17.25 9.23 -42.74
N GLU C 334 -16.09 9.86 -42.61
CA GLU C 334 -15.75 10.69 -41.47
C GLU C 334 -16.46 12.02 -41.42
N THR C 335 -17.09 12.45 -42.52
CA THR C 335 -17.72 13.75 -42.57
C THR C 335 -19.22 13.64 -42.83
N MET C 336 -19.85 12.59 -42.32
CA MET C 336 -21.25 12.32 -42.57
C MET C 336 -22.04 12.54 -41.27
N ARG C 337 -23.27 13.03 -41.41
CA ARG C 337 -24.03 13.50 -40.27
C ARG C 337 -25.34 12.72 -40.13
N ASN C 338 -25.57 12.18 -38.93
CA ASN C 338 -26.81 11.45 -38.67
C ASN C 338 -27.97 12.37 -38.38
N ASN C 339 -29.07 11.82 -37.85
CA ASN C 339 -30.27 12.59 -37.60
C ASN C 339 -30.20 13.48 -36.37
N ASP C 340 -29.22 13.27 -35.49
CA ASP C 340 -28.87 14.28 -34.50
C ASP C 340 -27.97 15.35 -35.08
N GLY C 341 -27.43 15.15 -36.27
CA GLY C 341 -26.50 16.08 -36.85
C GLY C 341 -25.11 16.02 -36.25
N LEU C 342 -24.54 14.83 -36.16
CA LEU C 342 -23.24 14.64 -35.54
C LEU C 342 -22.37 13.78 -36.45
N THR C 343 -21.08 14.01 -36.42
CA THR C 343 -20.11 13.20 -37.13
C THR C 343 -19.61 12.11 -36.21
N PRO C 344 -18.85 11.09 -36.71
CA PRO C 344 -18.29 10.11 -35.78
C PRO C 344 -17.30 10.66 -34.76
N LEU C 345 -16.68 11.80 -35.05
CA LEU C 345 -15.79 12.44 -34.09
C LEU C 345 -16.58 13.08 -32.95
N GLN C 346 -17.71 13.69 -33.26
CA GLN C 346 -18.46 14.42 -32.25
C GLN C 346 -19.36 13.47 -31.47
N LEU C 347 -19.64 12.29 -32.01
CA LEU C 347 -20.48 11.33 -31.30
C LEU C 347 -19.70 10.61 -30.23
N ALA C 348 -18.39 10.51 -30.37
CA ALA C 348 -17.58 9.86 -29.35
C ALA C 348 -17.36 10.78 -28.17
N ALA C 349 -17.45 12.09 -28.40
CA ALA C 349 -17.28 13.06 -27.32
C ALA C 349 -18.59 13.28 -26.57
N LYS C 350 -19.70 13.24 -27.30
CA LYS C 350 -21.03 13.31 -26.71
C LYS C 350 -21.33 12.13 -25.79
N MET C 351 -20.82 10.94 -26.12
CA MET C 351 -21.13 9.72 -25.38
C MET C 351 -20.07 9.33 -24.37
N GLY C 352 -18.92 9.98 -24.37
CA GLY C 352 -17.94 9.71 -23.34
C GLY C 352 -17.00 8.56 -23.60
N LYS C 353 -16.62 8.34 -24.85
CA LYS C 353 -15.70 7.25 -25.21
C LYS C 353 -14.29 7.81 -25.32
N ALA C 354 -13.50 7.57 -24.27
CA ALA C 354 -12.20 8.21 -24.17
C ALA C 354 -11.11 7.38 -24.81
N GLU C 355 -11.45 6.21 -25.37
CA GLU C 355 -10.44 5.39 -26.02
C GLU C 355 -10.57 5.46 -27.54
N ILE C 356 -11.79 5.59 -28.04
CA ILE C 356 -11.97 5.88 -29.46
C ILE C 356 -11.52 7.29 -29.77
N LEU C 357 -11.71 8.22 -28.83
CA LEU C 357 -11.40 9.62 -29.09
C LEU C 357 -9.90 9.86 -29.03
N LYS C 358 -9.19 9.10 -28.20
CA LYS C 358 -7.75 9.15 -28.18
C LYS C 358 -7.14 8.65 -29.48
N TYR C 359 -7.82 7.70 -30.12
CA TYR C 359 -7.33 7.16 -31.39
C TYR C 359 -7.52 8.15 -32.53
N ILE C 360 -8.64 8.86 -32.56
CA ILE C 360 -8.98 9.64 -33.75
C ILE C 360 -8.17 10.94 -33.77
N LEU C 361 -7.94 11.55 -32.61
CA LEU C 361 -7.33 12.88 -32.59
C LEU C 361 -5.85 12.85 -32.92
N SER C 362 -5.19 11.72 -32.76
CA SER C 362 -3.76 11.62 -32.98
C SER C 362 -3.43 10.49 -33.94
N ARG C 363 -4.10 10.48 -35.08
CA ARG C 363 -4.07 9.36 -36.02
C ARG C 363 -3.02 9.63 -37.08
N GLU C 364 -1.90 8.94 -36.99
CA GLU C 364 -0.75 9.14 -37.88
C GLU C 364 -0.63 7.94 -38.80
N ILE C 365 -0.78 8.16 -40.10
CA ILE C 365 -0.66 7.10 -41.11
C ILE C 365 0.58 7.42 -41.95
N LYS C 366 1.57 6.56 -41.89
CA LYS C 366 2.87 6.84 -42.48
C LYS C 366 3.05 6.30 -43.89
N GLU C 367 2.05 5.63 -44.45
CA GLU C 367 2.15 5.07 -45.79
C GLU C 367 2.18 6.18 -46.84
N LYS C 368 2.63 5.86 -48.03
CA LYS C 368 2.76 6.89 -49.05
C LYS C 368 1.46 7.25 -49.78
N PRO C 369 0.63 6.33 -50.28
CA PRO C 369 -0.55 6.81 -51.03
C PRO C 369 -1.68 7.30 -50.16
N LEU C 370 -1.72 6.95 -48.88
CA LEU C 370 -2.80 7.32 -47.99
C LEU C 370 -2.21 8.07 -46.80
N ARG C 371 -1.92 9.35 -46.99
CA ARG C 371 -1.36 10.15 -45.92
C ARG C 371 -2.24 11.34 -45.61
N SER C 372 -3.15 11.70 -46.52
CA SER C 372 -4.12 12.75 -46.24
C SER C 372 -5.21 12.29 -45.29
N LEU C 373 -5.22 11.02 -44.89
CA LEU C 373 -6.18 10.52 -43.90
C LEU C 373 -5.60 10.62 -42.50
N SER C 374 -4.66 11.52 -42.29
CA SER C 374 -4.02 11.68 -40.99
C SER C 374 -4.51 12.96 -40.33
N ARG C 375 -4.44 12.96 -39.00
CA ARG C 375 -4.65 14.16 -38.22
C ARG C 375 -3.43 14.55 -37.40
N LYS C 376 -2.28 13.95 -37.66
CA LYS C 376 -1.04 14.24 -36.96
C LYS C 376 0.12 14.03 -37.89
N PHE C 377 0.89 15.08 -38.15
CA PHE C 377 1.98 15.03 -39.11
C PHE C 377 3.28 15.24 -38.38
N THR C 378 4.39 15.05 -39.09
CA THR C 378 5.71 15.28 -38.53
C THR C 378 6.43 16.32 -39.36
N ASP C 379 6.72 17.47 -38.76
CA ASP C 379 7.24 18.57 -39.53
C ASP C 379 8.72 18.40 -39.84
N TRP C 380 9.53 18.00 -38.86
CA TRP C 380 10.94 17.71 -39.04
C TRP C 380 11.39 16.80 -37.90
N ALA C 381 12.54 16.16 -38.10
CA ALA C 381 13.12 15.32 -37.06
C ALA C 381 14.62 15.24 -37.26
N TYR C 382 15.35 15.15 -36.14
CA TYR C 382 16.80 15.06 -36.18
C TYR C 382 17.25 14.45 -34.87
N GLY C 383 17.71 13.21 -34.92
CA GLY C 383 18.13 12.53 -33.72
C GLY C 383 16.95 12.23 -32.85
N PRO C 384 17.08 12.42 -31.54
CA PRO C 384 15.94 12.27 -30.63
C PRO C 384 15.11 13.53 -30.41
N VAL C 385 14.84 14.27 -31.48
CA VAL C 385 14.16 15.56 -31.40
C VAL C 385 13.22 15.66 -32.59
N SER C 386 11.92 15.86 -32.35
CA SER C 386 10.95 15.94 -33.41
C SER C 386 10.04 17.14 -33.18
N SER C 387 9.18 17.40 -34.15
CA SER C 387 8.23 18.52 -34.07
C SER C 387 7.00 18.13 -34.88
N SER C 388 5.86 18.00 -34.21
CA SER C 388 4.67 17.46 -34.83
C SER C 388 3.66 18.57 -35.11
N LEU C 389 2.60 18.22 -35.83
CA LEU C 389 1.55 19.16 -36.22
C LEU C 389 0.20 18.47 -36.10
N TYR C 390 -0.53 18.77 -35.03
CA TYR C 390 -1.89 18.28 -34.87
C TYR C 390 -2.85 19.03 -35.77
N ASP C 391 -4.08 18.57 -35.83
CA ASP C 391 -5.09 19.18 -36.68
C ASP C 391 -6.22 19.70 -35.81
N LEU C 392 -6.71 20.90 -36.15
CA LEU C 392 -7.69 21.57 -35.32
C LEU C 392 -8.94 21.94 -36.10
N THR C 393 -9.47 21.02 -36.91
CA THR C 393 -10.51 21.42 -37.84
C THR C 393 -11.87 21.49 -37.14
N ASN C 394 -12.23 20.48 -36.37
CA ASN C 394 -13.49 20.51 -35.64
C ASN C 394 -13.28 20.43 -34.14
N VAL C 395 -12.05 20.59 -33.66
CA VAL C 395 -11.78 20.48 -32.24
C VAL C 395 -11.50 21.83 -31.60
N ASP C 396 -11.56 22.90 -32.36
CA ASP C 396 -11.38 24.23 -31.80
C ASP C 396 -12.72 24.95 -31.86
N THR C 397 -12.81 26.10 -31.20
CA THR C 397 -14.08 26.78 -30.99
C THR C 397 -14.34 27.87 -32.02
N THR C 398 -13.90 27.66 -33.26
CA THR C 398 -14.23 28.58 -34.34
C THR C 398 -15.54 28.23 -35.03
N THR C 399 -16.10 27.05 -34.76
CA THR C 399 -17.35 26.62 -35.35
C THR C 399 -18.31 26.24 -34.22
N ASP C 400 -19.60 26.25 -34.53
CA ASP C 400 -20.56 25.82 -33.53
C ASP C 400 -20.52 24.30 -33.39
N ASN C 401 -20.81 23.86 -32.16
CA ASN C 401 -20.93 22.46 -31.76
C ASN C 401 -19.63 21.70 -32.02
N SER C 402 -18.56 22.07 -31.33
CA SER C 402 -17.23 21.53 -31.58
C SER C 402 -16.84 20.59 -30.45
N VAL C 403 -15.67 19.96 -30.60
CA VAL C 403 -15.29 18.87 -29.69
C VAL C 403 -14.88 19.44 -28.34
N LEU C 404 -14.30 20.63 -28.32
CA LEU C 404 -13.89 21.24 -27.06
C LEU C 404 -15.08 21.74 -26.28
N GLU C 405 -16.11 22.21 -26.98
CA GLU C 405 -17.30 22.73 -26.32
C GLU C 405 -18.18 21.61 -25.79
N ILE C 406 -18.26 20.49 -26.51
CA ILE C 406 -19.15 19.38 -26.14
C ILE C 406 -18.70 18.74 -24.83
N ILE C 407 -17.39 18.55 -24.66
CA ILE C 407 -16.88 17.84 -23.49
C ILE C 407 -17.07 18.66 -22.23
N VAL C 408 -16.96 19.98 -22.33
CA VAL C 408 -16.99 20.82 -21.14
C VAL C 408 -18.40 20.96 -20.60
N TYR C 409 -19.38 21.15 -21.48
CA TYR C 409 -20.77 21.36 -21.09
C TYR C 409 -21.58 20.08 -21.05
N ASN C 410 -20.97 18.95 -20.75
CA ASN C 410 -21.64 17.65 -20.87
C ASN C 410 -21.95 17.13 -19.48
N THR C 411 -23.18 17.31 -19.03
CA THR C 411 -23.54 16.91 -17.67
C THR C 411 -23.89 15.44 -17.55
N ASN C 412 -24.10 14.72 -18.65
CA ASN C 412 -24.51 13.33 -18.57
C ASN C 412 -23.37 12.43 -18.16
N ILE C 413 -22.22 12.55 -18.83
CA ILE C 413 -21.12 11.62 -18.62
C ILE C 413 -20.38 11.98 -17.35
N ASP C 414 -19.53 11.09 -16.87
CA ASP C 414 -18.86 11.33 -15.61
C ASP C 414 -17.34 11.28 -15.69
N ASN C 415 -16.75 11.03 -16.85
CA ASN C 415 -15.30 10.99 -17.00
C ASN C 415 -14.79 12.16 -17.84
N ARG C 416 -15.32 13.36 -17.64
CA ARG C 416 -14.89 14.53 -18.40
C ARG C 416 -13.47 14.93 -18.11
N HIS C 417 -12.98 14.73 -16.89
CA HIS C 417 -11.62 15.14 -16.54
C HIS C 417 -10.58 14.11 -16.95
N GLU C 418 -10.97 13.10 -17.72
CA GLU C 418 -10.04 12.18 -18.33
C GLU C 418 -10.06 12.31 -19.85
N MET C 419 -10.93 13.15 -20.39
CA MET C 419 -10.97 13.47 -21.80
C MET C 419 -10.41 14.84 -22.10
N LEU C 420 -10.12 15.64 -21.07
CA LEU C 420 -9.47 16.93 -21.24
C LEU C 420 -7.98 16.86 -21.02
N THR C 421 -7.41 15.67 -20.83
CA THR C 421 -5.98 15.49 -20.73
C THR C 421 -5.37 14.93 -22.00
N LEU C 422 -6.17 14.82 -23.06
CA LEU C 422 -5.71 14.26 -24.31
C LEU C 422 -4.96 15.34 -25.09
N GLU C 423 -4.11 14.95 -26.01
CA GLU C 423 -2.95 15.73 -26.40
C GLU C 423 -3.17 17.02 -27.20
N PRO C 424 -4.14 17.13 -28.14
CA PRO C 424 -4.38 18.46 -28.71
C PRO C 424 -5.31 19.31 -27.85
N LEU C 425 -5.94 18.74 -26.83
CA LEU C 425 -6.92 19.48 -26.04
C LEU C 425 -6.31 20.01 -24.76
N HIS C 426 -5.27 19.35 -24.26
CA HIS C 426 -4.58 19.80 -23.07
C HIS C 426 -3.81 21.09 -23.34
N THR C 427 -3.25 21.21 -24.54
CA THR C 427 -2.37 22.33 -24.88
C THR C 427 -3.17 23.47 -25.47
N LEU C 428 -4.42 23.22 -25.83
CA LEU C 428 -5.24 24.25 -26.46
C LEU C 428 -5.95 25.09 -25.41
N LEU C 429 -6.12 24.55 -24.21
CA LEU C 429 -6.67 25.32 -23.10
C LEU C 429 -5.57 26.08 -22.37
N HIS C 430 -4.38 25.51 -22.32
CA HIS C 430 -3.25 26.15 -21.66
C HIS C 430 -2.80 27.41 -22.40
N THR C 431 -3.02 27.44 -23.71
CA THR C 431 -2.61 28.60 -24.50
C THR C 431 -3.65 29.71 -24.40
N LYS C 432 -4.91 29.35 -24.19
CA LYS C 432 -5.95 30.38 -24.05
C LYS C 432 -5.81 31.13 -22.74
N TRP C 433 -5.33 30.46 -21.70
CA TRP C 433 -5.17 31.06 -20.39
C TRP C 433 -4.06 32.10 -20.37
N LYS C 434 -2.98 31.85 -21.10
CA LYS C 434 -1.85 32.78 -21.08
C LYS C 434 -2.05 33.97 -22.00
N LYS C 435 -2.91 33.88 -22.99
CA LYS C 435 -3.09 34.99 -23.93
C LYS C 435 -4.11 36.02 -23.44
N PHE C 436 -5.29 35.60 -23.01
CA PHE C 436 -6.30 36.58 -22.63
C PHE C 436 -7.06 36.23 -21.35
N ALA C 437 -7.09 34.97 -20.95
CA ALA C 437 -8.09 34.57 -19.98
C ALA C 437 -7.62 34.72 -18.54
N LYS C 438 -6.33 34.95 -18.32
CA LYS C 438 -5.88 35.19 -16.95
C LYS C 438 -5.90 36.68 -16.64
N TYR C 439 -6.07 37.50 -17.67
CA TYR C 439 -6.13 38.94 -17.49
C TYR C 439 -7.57 39.40 -17.32
N MET C 440 -8.50 38.66 -17.93
CA MET C 440 -9.91 38.93 -17.73
C MET C 440 -10.39 38.39 -16.40
N PHE C 441 -9.61 37.50 -15.78
CA PHE C 441 -10.02 36.91 -14.51
C PHE C 441 -9.52 37.76 -13.35
N PHE C 442 -8.50 38.58 -13.59
CA PHE C 442 -8.04 39.51 -12.58
C PHE C 442 -8.91 40.75 -12.55
N LEU C 443 -9.40 41.18 -13.71
CA LEU C 443 -10.25 42.36 -13.77
C LEU C 443 -11.63 42.08 -13.20
N SER C 444 -12.04 40.82 -13.21
CA SER C 444 -13.32 40.46 -12.62
C SER C 444 -13.21 40.32 -11.11
N PHE C 445 -11.98 40.15 -10.61
CA PHE C 445 -11.76 40.01 -9.18
C PHE C 445 -11.61 41.37 -8.51
N CYS C 446 -11.01 42.33 -9.21
CA CYS C 446 -10.84 43.67 -8.66
C CYS C 446 -12.19 44.37 -8.50
N PHE C 447 -13.06 44.24 -9.49
CA PHE C 447 -14.32 44.98 -9.46
C PHE C 447 -15.30 44.37 -8.47
N TYR C 448 -15.15 43.10 -8.14
CA TYR C 448 -16.04 42.52 -7.14
C TYR C 448 -15.45 42.69 -5.75
N PHE C 449 -14.16 42.97 -5.67
CA PHE C 449 -13.55 43.32 -4.39
C PHE C 449 -13.96 44.72 -3.97
N PHE C 450 -14.04 45.63 -4.94
CA PHE C 450 -14.38 47.02 -4.64
C PHE C 450 -15.87 47.17 -4.39
N TYR C 451 -16.64 46.20 -4.87
CA TYR C 451 -18.08 46.22 -4.66
C TYR C 451 -18.45 45.88 -3.22
N ASN C 452 -17.63 45.06 -2.56
CA ASN C 452 -17.93 44.69 -1.18
C ASN C 452 -17.32 45.67 -0.18
N ILE C 453 -16.25 46.35 -0.58
CA ILE C 453 -15.66 47.39 0.29
C ILE C 453 -16.58 48.61 0.32
N THR C 454 -17.09 49.00 -0.84
CA THR C 454 -17.95 50.17 -0.91
C THR C 454 -19.32 49.89 -0.28
N LEU C 455 -19.77 48.65 -0.37
CA LEU C 455 -21.05 48.29 0.25
C LEU C 455 -20.92 48.21 1.76
N THR C 456 -19.71 47.99 2.26
CA THR C 456 -19.51 47.91 3.70
C THR C 456 -19.38 49.31 4.31
N LEU C 457 -18.62 50.19 3.66
CA LEU C 457 -18.31 51.49 4.25
C LEU C 457 -19.52 52.42 4.26
N VAL C 458 -20.39 52.32 3.26
CA VAL C 458 -21.55 53.20 3.24
C VAL C 458 -22.64 52.67 4.16
N SER C 459 -22.50 51.42 4.61
CA SER C 459 -23.49 50.83 5.50
C SER C 459 -23.01 50.87 6.94
N TYR C 460 -21.70 50.99 7.14
CA TYR C 460 -21.15 51.07 8.49
C TYR C 460 -21.23 52.48 9.03
N TYR C 461 -20.88 53.46 8.19
CA TYR C 461 -20.94 54.89 8.55
C TYR C 461 -22.30 55.49 8.24
N ARG C 462 -23.36 55.01 8.88
CA ARG C 462 -24.67 55.58 8.67
C ARG C 462 -24.82 56.90 9.42
N HIS C 471 -31.50 56.17 5.45
CA HIS C 471 -31.11 54.98 4.70
C HIS C 471 -29.72 55.25 4.13
N PRO C 472 -28.89 54.20 4.00
CA PRO C 472 -27.48 54.44 3.65
C PRO C 472 -27.24 54.88 2.23
N LEU C 473 -28.02 54.32 1.31
CA LEU C 473 -27.60 54.21 -0.07
C LEU C 473 -28.20 55.30 -0.95
N ALA C 474 -27.55 55.58 -2.08
CA ALA C 474 -28.00 56.34 -3.25
C ALA C 474 -28.08 57.86 -3.02
N LEU C 475 -27.97 58.31 -1.76
CA LEU C 475 -27.82 59.72 -1.37
C LEU C 475 -28.90 60.61 -2.00
N THR C 476 -30.14 60.45 -1.53
CA THR C 476 -31.25 61.16 -2.15
C THR C 476 -31.32 62.64 -1.78
N HIS C 477 -30.40 63.16 -0.96
CA HIS C 477 -30.32 64.58 -0.65
C HIS C 477 -28.95 65.14 -1.00
N LYS C 478 -28.85 65.75 -2.19
CA LYS C 478 -27.58 66.14 -2.77
C LYS C 478 -26.95 67.35 -2.07
N MET C 479 -25.80 67.14 -1.43
CA MET C 479 -25.03 68.24 -0.86
C MET C 479 -23.77 68.49 -1.68
N SER C 480 -23.78 68.01 -2.92
CA SER C 480 -22.66 68.01 -3.87
C SER C 480 -21.40 67.36 -3.29
N TRP C 481 -21.57 66.27 -2.56
CA TRP C 481 -20.46 65.63 -1.87
C TRP C 481 -19.57 64.90 -2.86
N LEU C 482 -18.25 65.10 -2.75
CA LEU C 482 -17.31 64.36 -3.58
C LEU C 482 -17.26 62.92 -3.09
N GLN C 483 -16.77 62.02 -3.96
CA GLN C 483 -16.89 60.57 -3.81
C GLN C 483 -18.35 60.15 -3.65
N LEU C 484 -19.21 60.74 -4.48
CA LEU C 484 -20.61 60.35 -4.62
C LEU C 484 -20.78 59.12 -5.49
N LEU C 485 -19.72 58.72 -6.19
CA LEU C 485 -19.76 57.55 -7.07
C LEU C 485 -20.00 56.26 -6.31
N GLY C 486 -19.58 56.21 -5.04
CA GLY C 486 -19.71 55.04 -4.21
C GLY C 486 -21.14 54.60 -3.96
N ARG C 487 -22.04 55.57 -3.87
CA ARG C 487 -23.46 55.24 -3.75
C ARG C 487 -24.04 54.88 -5.10
N MET C 488 -23.38 55.31 -6.19
CA MET C 488 -23.86 55.02 -7.53
C MET C 488 -23.31 53.69 -8.04
N PHE C 489 -22.03 53.43 -7.74
CA PHE C 489 -21.35 52.25 -8.26
C PHE C 489 -21.93 50.95 -7.69
N VAL C 490 -22.41 51.00 -6.45
CA VAL C 490 -23.04 49.83 -5.84
C VAL C 490 -24.39 49.57 -6.51
N LEU C 491 -25.09 50.64 -6.86
CA LEU C 491 -26.45 50.51 -7.37
C LEU C 491 -26.45 50.03 -8.82
N ILE C 492 -25.46 50.48 -9.61
CA ILE C 492 -25.38 50.09 -11.02
C ILE C 492 -24.90 48.65 -11.15
N TRP C 493 -23.85 48.30 -10.40
CA TRP C 493 -23.21 46.99 -10.54
C TRP C 493 -24.11 45.88 -10.02
N ALA C 494 -25.06 46.21 -9.15
CA ALA C 494 -25.97 45.19 -8.63
C ALA C 494 -27.10 44.92 -9.61
N THR C 495 -27.30 45.80 -10.58
CA THR C 495 -28.25 45.52 -11.64
C THR C 495 -27.60 44.72 -12.77
N CYS C 496 -26.31 44.95 -12.99
CA CYS C 496 -25.61 44.26 -14.07
C CYS C 496 -25.37 42.79 -13.73
N ILE C 497 -25.34 42.46 -12.44
CA ILE C 497 -25.20 41.05 -12.06
C ILE C 497 -26.54 40.34 -12.18
N SER C 498 -27.61 41.00 -11.74
CA SER C 498 -28.93 40.37 -11.67
C SER C 498 -29.49 40.09 -13.06
N VAL C 499 -29.20 40.97 -14.02
CA VAL C 499 -29.59 40.72 -15.40
C VAL C 499 -28.78 39.59 -15.99
N LYS C 500 -27.47 39.60 -15.75
CA LYS C 500 -26.56 38.61 -16.31
C LYS C 500 -26.81 37.23 -15.71
N GLU C 501 -27.22 37.18 -14.45
CA GLU C 501 -27.53 35.89 -13.86
C GLU C 501 -28.98 35.51 -14.10
N GLY C 502 -29.80 36.46 -14.53
CA GLY C 502 -31.15 36.12 -14.93
C GLY C 502 -31.18 35.32 -16.21
N ILE C 503 -30.17 35.50 -17.05
CA ILE C 503 -30.09 34.76 -18.31
C ILE C 503 -29.53 33.36 -18.07
N ALA C 504 -28.43 33.29 -17.32
CA ALA C 504 -27.69 32.03 -17.21
C ALA C 504 -28.42 31.01 -16.34
N ILE C 505 -29.29 31.47 -15.46
CA ILE C 505 -30.17 30.54 -14.75
C ILE C 505 -31.24 30.03 -15.70
N PHE C 506 -31.76 30.91 -16.56
CA PHE C 506 -32.85 30.56 -17.45
C PHE C 506 -32.42 29.60 -18.55
N LEU C 507 -31.19 29.71 -19.04
CA LEU C 507 -30.73 28.83 -20.11
C LEU C 507 -30.36 27.46 -19.56
N LEU C 508 -29.60 27.45 -18.47
CA LEU C 508 -29.11 26.21 -17.87
C LEU C 508 -30.23 25.43 -17.19
N ARG C 509 -30.48 24.20 -17.64
CA ARG C 509 -31.29 23.24 -16.89
C ARG C 509 -30.89 21.78 -17.18
N PRO C 510 -29.77 21.28 -16.61
CA PRO C 510 -29.64 19.81 -16.44
C PRO C 510 -30.29 19.34 -15.14
N SER C 511 -31.59 19.02 -15.23
CA SER C 511 -32.42 18.77 -14.06
C SER C 511 -31.98 17.56 -13.26
N ASP C 512 -31.36 17.82 -12.11
CA ASP C 512 -30.64 16.85 -11.29
C ASP C 512 -30.30 17.51 -9.96
N LEU C 513 -30.22 16.68 -8.91
CA LEU C 513 -29.75 17.20 -7.64
C LEU C 513 -28.23 17.35 -7.64
N GLN C 514 -27.54 16.64 -8.54
CA GLN C 514 -26.10 16.75 -8.62
C GLN C 514 -25.67 18.01 -9.37
N SER C 515 -26.61 18.63 -10.09
CA SER C 515 -26.27 19.79 -10.91
C SER C 515 -26.01 21.02 -10.04
N ILE C 516 -26.83 21.21 -9.01
CA ILE C 516 -26.75 22.43 -8.20
C ILE C 516 -25.50 22.40 -7.32
N LEU C 517 -25.11 21.20 -6.85
CA LEU C 517 -23.97 21.04 -5.97
C LEU C 517 -22.62 21.12 -6.67
N SER C 518 -22.60 21.23 -7.98
CA SER C 518 -21.33 21.12 -8.68
C SER C 518 -21.09 22.23 -9.69
N ASP C 519 -22.12 22.71 -10.38
CA ASP C 519 -21.87 23.68 -11.43
C ASP C 519 -22.50 25.03 -11.15
N ALA C 520 -23.80 25.06 -10.94
CA ALA C 520 -24.56 26.28 -10.79
C ALA C 520 -24.89 26.59 -9.33
N TRP C 521 -23.99 26.29 -8.40
CA TRP C 521 -24.16 26.79 -7.05
C TRP C 521 -23.94 28.30 -7.01
N PHE C 522 -22.95 28.78 -7.76
CA PHE C 522 -22.61 30.19 -7.67
C PHE C 522 -23.43 31.04 -8.62
N HIS C 523 -24.17 30.41 -9.53
CA HIS C 523 -25.07 31.19 -10.38
C HIS C 523 -26.27 31.68 -9.59
N PHE C 524 -26.64 30.94 -8.55
CA PHE C 524 -27.77 31.34 -7.72
C PHE C 524 -27.34 32.37 -6.69
N VAL C 525 -26.18 32.14 -6.05
CA VAL C 525 -25.83 32.94 -4.88
C VAL C 525 -25.08 34.20 -5.27
N PHE C 526 -24.96 34.48 -6.56
CA PHE C 526 -24.65 35.85 -6.94
C PHE C 526 -25.92 36.57 -7.35
N PHE C 527 -26.97 35.79 -7.63
CA PHE C 527 -28.25 36.37 -8.01
C PHE C 527 -29.06 36.73 -6.78
N VAL C 528 -28.83 36.00 -5.68
CA VAL C 528 -29.50 36.29 -4.42
C VAL C 528 -29.05 37.65 -3.88
N GLN C 529 -27.73 37.87 -3.86
CA GLN C 529 -27.16 39.11 -3.32
C GLN C 529 -27.56 40.32 -4.15
N ALA C 530 -27.61 40.18 -5.48
CA ALA C 530 -27.96 41.31 -6.32
C ALA C 530 -29.44 41.64 -6.22
N VAL C 531 -30.26 40.70 -5.75
CA VAL C 531 -31.64 41.03 -5.45
C VAL C 531 -31.74 41.77 -4.13
N LEU C 532 -31.02 41.29 -3.11
CA LEU C 532 -31.15 41.82 -1.75
C LEU C 532 -30.66 43.26 -1.63
N VAL C 533 -29.74 43.66 -2.49
CA VAL C 533 -29.32 45.06 -2.50
C VAL C 533 -30.40 45.92 -3.13
N ILE C 534 -31.00 45.44 -4.22
CA ILE C 534 -32.03 46.22 -4.92
C ILE C 534 -33.34 46.21 -4.15
N LEU C 535 -33.69 45.06 -3.57
CA LEU C 535 -34.98 44.94 -2.89
C LEU C 535 -34.99 45.74 -1.60
N SER C 536 -33.82 45.94 -0.97
CA SER C 536 -33.75 46.73 0.26
C SER C 536 -33.97 48.21 -0.04
N VAL C 537 -33.66 48.65 -1.25
CA VAL C 537 -33.93 50.03 -1.63
C VAL C 537 -35.42 50.22 -1.90
N PHE C 538 -36.06 49.17 -2.42
CA PHE C 538 -37.47 49.27 -2.75
C PHE C 538 -38.34 49.15 -1.51
N LEU C 539 -37.82 48.51 -0.46
CA LEU C 539 -38.59 48.44 0.78
C LEU C 539 -38.61 49.79 1.49
N TYR C 540 -37.50 50.54 1.42
CA TYR C 540 -37.36 51.75 2.22
C TYR C 540 -38.29 52.85 1.71
N LEU C 541 -38.58 52.86 0.42
CA LEU C 541 -39.22 54.02 -0.19
C LEU C 541 -40.68 54.20 0.23
N PHE C 542 -41.37 53.13 0.63
CA PHE C 542 -42.68 53.44 1.20
C PHE C 542 -42.63 53.68 2.71
N ALA C 543 -42.54 52.61 3.51
CA ALA C 543 -42.35 52.75 4.95
C ALA C 543 -41.70 51.54 5.62
N TYR C 544 -41.36 50.50 4.84
CA TYR C 544 -41.54 49.12 5.29
C TYR C 544 -40.64 48.68 6.45
N LYS C 545 -39.61 49.46 6.80
CA LYS C 545 -38.82 49.34 8.05
C LYS C 545 -37.95 48.09 8.11
N GLU C 546 -38.07 47.17 7.14
CA GLU C 546 -37.23 46.00 7.07
C GLU C 546 -36.04 46.25 6.14
N TYR C 547 -35.52 47.46 6.12
CA TYR C 547 -34.49 47.87 5.17
C TYR C 547 -33.10 47.74 5.77
N LEU C 548 -32.99 47.06 6.91
CA LEU C 548 -31.69 46.88 7.52
C LEU C 548 -31.45 45.39 7.67
N ALA C 549 -32.53 44.61 7.63
CA ALA C 549 -32.39 43.16 7.64
C ALA C 549 -31.75 42.68 6.35
N CYS C 550 -32.18 43.21 5.21
CA CYS C 550 -31.68 42.76 3.93
C CYS C 550 -30.25 43.21 3.69
N LEU C 551 -29.88 44.38 4.21
CA LEU C 551 -28.56 44.93 3.94
C LEU C 551 -27.47 44.17 4.69
N VAL C 552 -27.80 43.60 5.85
CA VAL C 552 -26.81 42.79 6.55
C VAL C 552 -26.71 41.42 5.91
N LEU C 553 -27.84 40.90 5.40
CA LEU C 553 -27.81 39.68 4.61
C LEU C 553 -27.02 39.86 3.32
N ALA C 554 -27.17 41.03 2.69
CA ALA C 554 -26.45 41.29 1.44
C ALA C 554 -24.97 41.50 1.68
N MET C 555 -24.60 41.94 2.89
CA MET C 555 -23.18 42.12 3.17
C MET C 555 -22.54 40.83 3.64
N ALA C 556 -23.24 40.06 4.48
CA ALA C 556 -22.64 38.85 5.04
C ALA C 556 -22.54 37.75 4.00
N LEU C 557 -23.50 37.69 3.08
CA LEU C 557 -23.40 36.77 1.96
C LEU C 557 -22.37 37.24 0.95
N GLY C 558 -22.16 38.55 0.85
CA GLY C 558 -21.28 39.08 -0.18
C GLY C 558 -19.80 38.85 0.11
N TRP C 559 -19.48 38.44 1.33
CA TRP C 559 -18.10 38.08 1.63
C TRP C 559 -17.89 36.58 1.59
N ALA C 560 -18.97 35.80 1.63
CA ALA C 560 -18.85 34.36 1.51
C ALA C 560 -18.57 33.98 0.07
N ASN C 561 -19.04 34.79 -0.86
CA ASN C 561 -18.93 34.46 -2.27
C ASN C 561 -17.52 34.60 -2.83
N MET C 562 -16.61 35.24 -2.11
CA MET C 562 -15.32 35.59 -2.67
C MET C 562 -14.32 34.44 -2.54
N LEU C 563 -14.76 33.27 -2.09
CA LEU C 563 -13.92 32.08 -2.18
C LEU C 563 -14.00 31.45 -3.56
N TYR C 564 -14.97 31.87 -4.37
CA TYR C 564 -15.08 31.54 -5.78
C TYR C 564 -13.81 31.87 -6.54
N TYR C 565 -13.17 32.99 -6.21
CA TYR C 565 -12.10 33.50 -7.04
C TYR C 565 -10.77 32.84 -6.76
N THR C 566 -10.75 31.75 -5.99
CA THR C 566 -9.52 31.04 -5.69
C THR C 566 -9.03 30.13 -6.82
N ARG C 567 -9.81 29.96 -7.88
CA ARG C 567 -9.47 28.98 -8.90
C ARG C 567 -8.49 29.51 -9.94
N GLY C 568 -7.84 30.64 -9.65
CA GLY C 568 -6.81 31.14 -10.53
C GLY C 568 -5.44 30.60 -10.16
N PHE C 569 -5.31 30.09 -8.94
CA PHE C 569 -4.05 29.54 -8.45
C PHE C 569 -4.24 28.06 -8.17
N GLN C 570 -3.23 27.27 -8.51
CA GLN C 570 -3.28 25.83 -8.33
C GLN C 570 -3.23 25.46 -6.85
N SER C 571 -2.50 26.25 -6.06
CA SER C 571 -2.33 25.99 -4.65
C SER C 571 -3.61 26.24 -3.86
N MET C 572 -4.17 27.45 -3.98
CA MET C 572 -5.39 27.76 -3.25
C MET C 572 -6.62 27.13 -3.88
N GLY C 573 -6.56 26.81 -5.18
CA GLY C 573 -7.74 26.29 -5.85
C GLY C 573 -8.08 24.87 -5.43
N MET C 574 -7.05 24.03 -5.31
CA MET C 574 -7.26 22.64 -4.93
C MET C 574 -7.68 22.51 -3.48
N TYR C 575 -7.29 23.49 -2.64
CA TYR C 575 -7.72 23.52 -1.25
C TYR C 575 -9.22 23.74 -1.13
N SER C 576 -9.77 24.62 -1.96
CA SER C 576 -11.18 24.93 -1.87
C SER C 576 -12.03 23.80 -2.44
N VAL C 577 -11.46 23.01 -3.35
CA VAL C 577 -12.13 21.81 -3.85
C VAL C 577 -12.40 20.83 -2.71
N MET C 578 -11.41 20.63 -1.84
CA MET C 578 -11.56 19.68 -0.75
C MET C 578 -12.47 20.22 0.35
N ILE C 579 -12.78 21.52 0.34
CA ILE C 579 -13.81 22.03 1.24
C ILE C 579 -15.16 21.50 0.82
N GLN C 580 -15.37 21.36 -0.50
CA GLN C 580 -16.64 20.88 -1.01
C GLN C 580 -16.87 19.41 -0.66
N LYS C 581 -15.83 18.59 -0.76
CA LYS C 581 -15.97 17.16 -0.52
C LYS C 581 -16.13 16.85 0.97
N VAL C 582 -15.68 17.76 1.83
CA VAL C 582 -15.80 17.56 3.27
C VAL C 582 -17.17 17.99 3.77
N ILE C 583 -17.75 19.05 3.19
CA ILE C 583 -19.08 19.49 3.62
C ILE C 583 -20.13 18.50 3.18
N LEU C 584 -20.02 17.96 1.96
CA LEU C 584 -21.00 16.99 1.49
C LEU C 584 -20.90 15.65 2.21
N HIS C 585 -19.72 15.05 2.20
CA HIS C 585 -19.56 13.66 2.59
C HIS C 585 -19.38 13.46 4.09
N ASP C 586 -19.15 14.52 4.86
CA ASP C 586 -18.81 14.32 6.26
C ASP C 586 -19.63 15.13 7.25
N VAL C 587 -19.93 16.39 6.92
CA VAL C 587 -20.43 17.32 7.94
C VAL C 587 -21.95 17.26 8.04
N LEU C 588 -22.61 16.97 6.93
CA LEU C 588 -24.08 16.97 6.93
C LEU C 588 -24.64 15.77 7.68
N LYS C 589 -23.87 14.69 7.77
CA LYS C 589 -24.32 13.51 8.52
C LYS C 589 -24.06 13.69 10.00
N PHE C 590 -23.02 14.45 10.36
CA PHE C 590 -22.74 14.75 11.76
C PHE C 590 -23.85 15.59 12.38
N LEU C 591 -24.43 16.51 11.61
CA LEU C 591 -25.38 17.46 12.17
C LEU C 591 -26.71 16.80 12.48
N PHE C 592 -27.08 15.77 11.73
CA PHE C 592 -28.37 15.14 11.96
C PHE C 592 -28.36 14.29 13.21
N VAL C 593 -27.21 13.73 13.57
CA VAL C 593 -27.13 12.88 14.74
C VAL C 593 -27.03 13.73 16.01
N TYR C 594 -26.38 14.89 15.90
CA TYR C 594 -26.17 15.75 17.06
C TYR C 594 -27.45 16.45 17.49
N ILE C 595 -28.27 16.88 16.53
CA ILE C 595 -29.54 17.53 16.85
C ILE C 595 -30.51 16.52 17.46
N LEU C 596 -30.36 15.26 17.12
CA LEU C 596 -31.14 14.18 17.69
C LEU C 596 -30.86 14.02 19.19
N PHE C 597 -29.68 14.41 19.63
CA PHE C 597 -29.36 14.42 21.06
C PHE C 597 -29.59 15.79 21.69
N LEU C 598 -29.45 16.85 20.90
CA LEU C 598 -29.58 18.20 21.42
C LEU C 598 -31.04 18.54 21.70
N LEU C 599 -31.96 18.04 20.86
CA LEU C 599 -33.38 18.15 21.15
C LEU C 599 -33.89 16.93 21.91
N GLY C 600 -33.05 15.91 22.02
CA GLY C 600 -33.35 14.76 22.84
C GLY C 600 -33.08 15.02 24.30
N PHE C 601 -31.86 15.47 24.61
CA PHE C 601 -31.54 15.84 25.99
C PHE C 601 -32.20 17.15 26.38
N GLY C 602 -32.22 18.10 25.46
CA GLY C 602 -32.60 19.48 25.72
C GLY C 602 -33.96 19.75 26.32
N VAL C 603 -35.00 19.11 25.83
CA VAL C 603 -36.32 19.29 26.42
C VAL C 603 -36.41 18.43 27.67
N ALA C 604 -35.70 17.30 27.67
CA ALA C 604 -35.77 16.34 28.76
C ALA C 604 -34.77 16.62 29.89
N LEU C 605 -34.26 17.84 29.98
CA LEU C 605 -33.49 18.27 31.15
C LEU C 605 -34.32 18.98 32.20
N ALA C 606 -35.54 19.39 31.87
CA ALA C 606 -36.36 20.16 32.81
C ALA C 606 -36.97 19.30 33.91
N SER C 607 -36.13 18.64 34.70
CA SER C 607 -36.59 17.73 35.74
C SER C 607 -36.12 18.19 37.12
N LEU C 608 -34.82 18.44 37.29
CA LEU C 608 -34.33 18.92 38.58
C LEU C 608 -34.41 20.43 38.67
N ILE C 609 -34.68 21.10 37.54
CA ILE C 609 -34.86 22.54 37.49
C ILE C 609 -36.02 22.93 36.56
N GLU C 610 -37.16 23.24 37.15
CA GLU C 610 -38.31 23.71 36.39
C GLU C 610 -39.19 24.61 37.24
N TYR C 622 -40.02 26.07 32.92
CA TYR C 622 -38.64 26.51 32.78
C TYR C 622 -38.46 27.26 31.47
N GLY C 623 -39.43 27.13 30.57
CA GLY C 623 -39.20 27.54 29.20
C GLY C 623 -38.08 26.76 28.56
N SER C 624 -38.12 25.44 28.70
CA SER C 624 -36.99 24.54 28.55
C SER C 624 -36.41 24.55 27.15
N PHE C 625 -37.26 24.72 26.14
CA PHE C 625 -36.87 24.52 24.76
C PHE C 625 -36.01 25.68 24.25
N SER C 626 -36.13 26.85 24.88
CA SER C 626 -35.23 27.95 24.54
C SER C 626 -34.03 27.98 25.49
N ASP C 627 -34.24 27.56 26.73
CA ASP C 627 -33.24 27.80 27.77
C ASP C 627 -32.36 26.58 28.02
N ALA C 628 -32.97 25.43 28.31
CA ALA C 628 -32.19 24.23 28.61
C ALA C 628 -31.50 23.69 27.36
N VAL C 629 -32.02 24.02 26.19
CA VAL C 629 -31.27 23.79 24.96
C VAL C 629 -30.09 24.75 24.88
N LEU C 630 -30.26 25.97 25.38
CA LEU C 630 -29.19 26.95 25.28
C LEU C 630 -28.08 26.67 26.29
N GLU C 631 -28.43 26.06 27.43
CA GLU C 631 -27.41 25.76 28.42
C GLU C 631 -26.60 24.53 28.03
N LEU C 632 -27.06 23.79 27.01
CA LEU C 632 -26.26 22.70 26.49
C LEU C 632 -25.51 23.11 25.24
N PHE C 633 -25.88 24.23 24.63
CA PHE C 633 -25.10 24.71 23.49
C PHE C 633 -24.02 25.69 23.93
N LYS C 634 -24.27 26.46 24.99
CA LYS C 634 -23.23 27.31 25.55
C LYS C 634 -22.10 26.47 26.11
N LEU C 635 -22.45 25.37 26.76
CA LEU C 635 -21.49 24.40 27.29
C LEU C 635 -20.64 23.75 26.19
N THR C 636 -21.14 23.69 24.96
CA THR C 636 -20.42 23.06 23.87
C THR C 636 -19.47 24.07 23.21
N ILE C 637 -19.86 25.35 23.20
CA ILE C 637 -18.98 26.43 22.76
C ILE C 637 -17.76 26.51 23.68
N GLY C 638 -18.00 26.46 24.98
CA GLY C 638 -16.90 26.47 25.92
C GLY C 638 -17.17 27.25 27.19
N LEU C 639 -18.07 28.21 27.17
CA LEU C 639 -18.45 28.88 28.41
C LEU C 639 -19.49 28.03 29.14
N GLY C 640 -19.68 28.31 30.43
CA GLY C 640 -20.62 27.53 31.19
C GLY C 640 -21.07 28.26 32.42
N ASP C 641 -22.31 28.00 32.82
CA ASP C 641 -22.90 28.72 33.93
C ASP C 641 -23.48 27.72 34.92
N LEU C 642 -22.87 27.63 36.09
CA LEU C 642 -23.13 26.56 37.04
C LEU C 642 -24.05 27.00 38.18
N ASN C 643 -24.79 28.09 38.00
CA ASN C 643 -25.75 28.51 39.01
C ASN C 643 -27.00 27.64 39.00
N ILE C 644 -27.29 26.99 37.87
CA ILE C 644 -28.44 26.10 37.78
C ILE C 644 -28.17 24.76 38.44
N GLN C 645 -26.91 24.33 38.48
CA GLN C 645 -26.54 23.11 39.18
C GLN C 645 -26.54 23.33 40.69
N GLN C 646 -26.16 24.54 41.13
CA GLN C 646 -26.26 24.86 42.55
C GLN C 646 -27.71 25.05 42.99
N ASN C 647 -28.57 25.54 42.10
CA ASN C 647 -29.97 25.79 42.39
C ASN C 647 -30.84 24.65 41.88
N SER C 648 -30.28 23.44 41.88
CA SER C 648 -31.01 22.26 41.46
C SER C 648 -31.79 21.66 42.62
N THR C 649 -32.77 20.84 42.27
CA THR C 649 -33.45 20.02 43.27
C THR C 649 -32.47 19.04 43.92
N TYR C 650 -31.72 18.33 43.09
CA TYR C 650 -30.72 17.36 43.55
C TYR C 650 -29.33 17.84 43.16
N PRO C 651 -28.40 17.88 44.11
CA PRO C 651 -26.97 17.93 43.78
C PRO C 651 -26.50 16.61 43.20
N ILE C 652 -25.19 16.38 43.23
CA ILE C 652 -24.31 15.74 42.24
C ILE C 652 -24.95 14.77 41.23
N LEU C 653 -26.06 14.10 41.59
CA LEU C 653 -26.97 13.47 40.63
C LEU C 653 -27.33 14.35 39.42
N PHE C 654 -27.37 15.69 39.55
CA PHE C 654 -27.49 16.55 38.38
C PHE C 654 -26.14 16.67 37.67
N LEU C 655 -25.59 15.53 37.29
CA LEU C 655 -24.52 15.40 36.32
C LEU C 655 -24.80 14.29 35.33
N PHE C 656 -25.72 13.36 35.60
CA PHE C 656 -25.89 12.17 34.78
C PHE C 656 -26.41 12.50 33.40
N LEU C 657 -27.36 13.43 33.29
CA LEU C 657 -27.73 13.89 31.96
C LEU C 657 -26.72 14.90 31.43
N LEU C 658 -25.81 15.38 32.29
CA LEU C 658 -24.81 16.35 31.83
C LEU C 658 -23.49 15.66 31.53
N ILE C 659 -23.24 14.50 32.11
CA ILE C 659 -22.09 13.70 31.72
C ILE C 659 -22.37 12.94 30.43
N THR C 660 -23.56 12.33 30.32
CA THR C 660 -23.94 11.55 29.14
C THR C 660 -24.01 12.45 27.89
N TYR C 661 -24.21 13.75 28.09
CA TYR C 661 -24.08 14.67 26.97
C TYR C 661 -22.64 14.86 26.55
N VAL C 662 -21.70 14.96 27.51
CA VAL C 662 -20.32 15.28 27.18
C VAL C 662 -19.55 14.07 26.64
N ILE C 663 -19.89 12.86 27.08
CA ILE C 663 -19.30 11.64 26.54
C ILE C 663 -19.62 11.46 25.06
N LEU C 664 -20.86 11.70 24.68
CA LEU C 664 -21.27 11.44 23.31
C LEU C 664 -20.75 12.50 22.35
N THR C 665 -20.82 13.77 22.73
CA THR C 665 -20.59 14.82 21.75
C THR C 665 -19.11 15.12 21.56
N PHE C 666 -18.27 14.67 22.50
CA PHE C 666 -16.86 14.99 22.42
C PHE C 666 -16.02 13.77 22.13
N VAL C 667 -16.17 12.73 22.93
CA VAL C 667 -15.39 11.52 22.77
C VAL C 667 -15.87 10.79 21.53
N LEU C 668 -17.18 10.61 21.42
CA LEU C 668 -17.69 9.79 20.33
C LEU C 668 -17.86 10.53 19.02
N LEU C 669 -18.74 11.54 18.97
CA LEU C 669 -19.17 12.08 17.68
C LEU C 669 -18.13 12.93 16.96
N LEU C 670 -17.43 13.81 17.67
CA LEU C 670 -16.44 14.65 17.01
C LEU C 670 -15.18 13.90 16.62
N ASN C 671 -14.75 12.94 17.43
CA ASN C 671 -13.53 12.21 17.13
C ASN C 671 -13.75 11.21 16.01
N MET C 672 -15.00 10.87 15.71
CA MET C 672 -15.27 10.02 14.58
C MET C 672 -15.44 10.85 13.31
N LEU C 673 -15.64 12.15 13.46
CA LEU C 673 -15.65 13.04 12.29
C LEU C 673 -14.24 13.20 11.73
N ILE C 674 -13.25 13.37 12.61
CA ILE C 674 -11.85 13.51 12.20
C ILE C 674 -11.36 12.21 11.58
N ALA C 675 -11.86 11.07 12.09
CA ALA C 675 -11.47 9.78 11.56
C ALA C 675 -12.04 9.54 10.17
N LEU C 676 -13.12 10.24 9.82
CA LEU C 676 -13.69 10.06 8.49
C LEU C 676 -13.17 11.10 7.50
N MET C 677 -12.76 12.28 7.98
CA MET C 677 -12.17 13.26 7.07
C MET C 677 -10.79 12.83 6.63
N GLY C 678 -10.11 12.02 7.45
CA GLY C 678 -8.82 11.49 7.04
C GLY C 678 -8.97 10.47 5.93
N GLU C 679 -10.08 9.71 5.96
CA GLU C 679 -10.35 8.77 4.89
C GLU C 679 -10.82 9.49 3.63
N THR C 680 -11.47 10.65 3.79
CA THR C 680 -12.05 11.34 2.65
C THR C 680 -11.01 12.17 1.91
N VAL C 681 -10.07 12.77 2.65
CA VAL C 681 -8.97 13.52 2.04
C VAL C 681 -8.05 12.57 1.26
N GLU C 682 -7.88 11.36 1.78
CA GLU C 682 -6.97 10.38 1.17
C GLU C 682 -7.45 9.92 -0.19
N ASN C 683 -8.76 9.90 -0.41
CA ASN C 683 -9.28 9.44 -1.70
C ASN C 683 -9.38 10.57 -2.72
N VAL C 684 -9.59 11.81 -2.28
CA VAL C 684 -9.77 12.91 -3.21
C VAL C 684 -8.46 13.62 -3.54
N SER C 685 -7.36 13.27 -2.89
CA SER C 685 -6.10 13.95 -3.15
C SER C 685 -5.48 13.54 -4.47
N LYS C 686 -5.79 12.35 -4.97
CA LYS C 686 -5.31 11.93 -6.27
C LYS C 686 -6.15 12.49 -7.41
N GLU C 687 -7.38 12.93 -7.14
CA GLU C 687 -8.26 13.42 -8.19
C GLU C 687 -8.40 14.94 -8.19
N SER C 688 -7.82 15.64 -7.22
CA SER C 688 -8.14 17.05 -7.03
C SER C 688 -7.47 17.91 -8.09
N GLU C 689 -6.45 17.40 -8.77
CA GLU C 689 -5.79 18.21 -9.80
C GLU C 689 -6.61 18.21 -11.08
N ARG C 690 -7.28 17.10 -11.39
CA ARG C 690 -8.10 17.06 -12.59
C ARG C 690 -9.46 17.68 -12.37
N ILE C 691 -10.04 17.48 -11.18
CA ILE C 691 -11.37 18.02 -10.92
C ILE C 691 -11.30 19.52 -10.68
N TRP C 692 -10.09 20.04 -10.43
CA TRP C 692 -9.90 21.48 -10.44
C TRP C 692 -9.85 22.02 -11.86
N ARG C 693 -9.21 21.29 -12.78
CA ARG C 693 -9.05 21.80 -14.14
C ARG C 693 -10.34 21.74 -14.92
N LEU C 694 -11.32 20.97 -14.45
CA LEU C 694 -12.63 20.97 -15.06
C LEU C 694 -13.40 22.23 -14.68
N GLN C 695 -13.00 22.87 -13.58
CA GLN C 695 -13.62 24.11 -13.15
C GLN C 695 -13.07 25.28 -13.94
N ARG C 696 -11.77 25.26 -14.20
CA ARG C 696 -11.14 26.40 -14.85
C ARG C 696 -11.38 26.37 -16.36
N ALA C 697 -11.69 25.21 -16.91
CA ALA C 697 -11.92 25.10 -18.35
C ALA C 697 -13.27 25.68 -18.74
N ARG C 698 -14.23 25.65 -17.82
CA ARG C 698 -15.54 26.26 -18.06
C ARG C 698 -15.46 27.77 -17.94
N THR C 699 -14.48 28.25 -17.19
CA THR C 699 -14.24 29.69 -17.06
C THR C 699 -13.70 30.29 -18.35
N ILE C 700 -12.74 29.59 -18.96
CA ILE C 700 -12.08 30.09 -20.17
C ILE C 700 -13.05 30.16 -21.33
N LEU C 701 -13.98 29.21 -21.39
CA LEU C 701 -14.90 29.14 -22.52
C LEU C 701 -16.09 30.08 -22.36
N GLU C 702 -16.16 30.81 -21.25
CA GLU C 702 -17.21 31.82 -21.11
C GLU C 702 -16.65 33.22 -21.27
N PHE C 703 -15.35 33.40 -20.99
CA PHE C 703 -14.69 34.64 -21.32
C PHE C 703 -14.53 34.80 -22.81
N GLU C 704 -14.49 33.70 -23.54
CA GLU C 704 -14.28 33.77 -24.99
C GLU C 704 -15.55 34.20 -25.71
N LYS C 705 -16.71 33.91 -25.14
CA LYS C 705 -17.96 34.28 -25.78
C LYS C 705 -18.21 35.78 -25.69
N MET C 706 -17.75 36.44 -24.64
CA MET C 706 -17.93 37.88 -24.49
C MET C 706 -16.74 38.65 -25.05
N LEU C 707 -16.36 38.31 -26.26
CA LEU C 707 -15.36 39.07 -26.98
C LEU C 707 -15.91 39.46 -28.35
N PRO C 708 -15.66 40.68 -28.80
CA PRO C 708 -16.10 41.08 -30.14
C PRO C 708 -15.27 40.38 -31.22
N GLU C 709 -15.79 40.46 -32.44
CA GLU C 709 -15.25 39.64 -33.53
C GLU C 709 -13.91 40.17 -34.03
N TRP C 710 -13.63 41.45 -33.81
CA TRP C 710 -12.32 41.99 -34.20
C TRP C 710 -11.24 41.55 -33.22
N LEU C 711 -11.65 41.11 -32.02
CA LEU C 711 -10.68 40.77 -31.00
C LEU C 711 -10.52 39.25 -30.89
N ARG C 712 -11.49 38.50 -31.41
CA ARG C 712 -11.34 37.05 -31.54
C ARG C 712 -10.23 36.70 -32.52
N SER C 713 -10.06 37.53 -33.56
CA SER C 713 -9.13 37.22 -34.63
C SER C 713 -7.69 37.39 -34.17
N ARG C 714 -7.44 38.34 -33.26
CA ARG C 714 -6.09 38.56 -32.79
C ARG C 714 -5.62 37.46 -31.85
N PHE C 715 -6.49 37.02 -30.95
CA PHE C 715 -6.21 35.91 -30.05
C PHE C 715 -6.71 34.64 -30.74
N ARG C 716 -5.88 34.04 -31.57
CA ARG C 716 -6.30 32.82 -32.26
C ARG C 716 -5.09 31.95 -32.54
N MET C 717 -5.20 30.69 -32.15
CA MET C 717 -4.16 29.69 -32.34
C MET C 717 -4.21 29.14 -33.75
N GLY C 718 -3.12 28.54 -34.18
CA GLY C 718 -3.16 27.88 -35.45
C GLY C 718 -2.27 28.55 -36.48
N GLU C 719 -1.87 27.77 -37.48
CA GLU C 719 -1.07 28.27 -38.59
C GLU C 719 -1.40 27.44 -39.82
N LEU C 720 -1.55 28.10 -40.96
CA LEU C 720 -1.87 27.39 -42.18
C LEU C 720 -0.65 26.64 -42.68
N CYS C 721 -0.74 25.31 -42.66
CA CYS C 721 0.34 24.45 -43.12
C CYS C 721 -0.09 23.84 -44.44
N LYS C 722 0.86 23.24 -45.14
CA LYS C 722 0.60 22.53 -46.38
C LYS C 722 0.95 21.07 -46.14
N VAL C 723 -0.07 20.26 -45.90
CA VAL C 723 0.13 18.91 -45.43
C VAL C 723 0.03 17.89 -46.56
N ALA C 724 -0.51 18.29 -47.71
CA ALA C 724 -0.62 17.44 -48.87
C ALA C 724 -0.74 18.30 -50.12
N ASP C 725 -1.17 17.71 -51.23
CA ASP C 725 -1.37 18.45 -52.47
C ASP C 725 -2.66 19.24 -52.34
N GLU C 726 -2.53 20.56 -52.20
CA GLU C 726 -3.59 21.57 -52.04
C GLU C 726 -4.45 21.31 -50.81
N ASP C 727 -3.93 20.67 -49.77
CA ASP C 727 -4.67 20.47 -48.53
C ASP C 727 -4.03 21.39 -47.50
N PHE C 728 -4.67 22.52 -47.24
CA PHE C 728 -4.21 23.46 -46.23
C PHE C 728 -5.08 23.34 -44.99
N ARG C 729 -4.44 23.06 -43.84
CA ARG C 729 -5.16 22.86 -42.61
C ARG C 729 -4.64 23.83 -41.57
N LEU C 730 -5.28 23.85 -40.42
CA LEU C 730 -5.01 24.83 -39.38
C LEU C 730 -4.45 24.12 -38.14
N CYS C 731 -3.14 24.15 -37.97
CA CYS C 731 -2.42 23.17 -37.19
C CYS C 731 -1.83 23.76 -35.92
N LEU C 732 -1.37 22.89 -35.01
CA LEU C 732 -0.85 23.27 -33.70
C LEU C 732 0.40 22.47 -33.40
N ARG C 733 1.54 23.15 -33.33
CA ARG C 733 2.85 22.49 -33.23
C ARG C 733 3.24 22.17 -31.79
N ILE C 734 3.65 20.93 -31.55
CA ILE C 734 4.11 20.45 -30.24
C ILE C 734 5.42 19.70 -30.42
N ASN C 735 6.42 20.02 -29.60
CA ASN C 735 7.74 19.40 -29.68
C ASN C 735 7.87 18.22 -28.71
N GLU C 736 8.88 17.40 -28.94
CA GLU C 736 9.02 16.13 -28.21
C GLU C 736 10.49 15.70 -28.24
N VAL C 737 10.91 15.00 -27.19
CA VAL C 737 12.23 14.37 -27.12
C VAL C 737 12.04 12.92 -26.70
N LYS C 738 12.57 11.99 -27.49
CA LYS C 738 12.34 10.56 -27.27
C LYS C 738 13.64 9.79 -27.44
N TRP C 739 14.04 9.06 -26.40
CA TRP C 739 15.33 8.40 -26.36
C TRP C 739 15.24 6.88 -26.50
N THR C 740 14.04 6.33 -26.66
CA THR C 740 13.87 4.89 -26.55
C THR C 740 13.67 4.16 -27.85
N GLU C 741 13.11 4.80 -28.87
CA GLU C 741 12.88 4.17 -30.18
C GLU C 741 13.84 4.79 -31.18
N TRP C 742 14.78 4.00 -31.66
CA TRP C 742 15.76 4.49 -32.63
C TRP C 742 15.39 3.94 -34.00
N LYS C 743 14.88 4.83 -34.86
CA LYS C 743 14.51 4.47 -36.22
C LYS C 743 15.03 5.54 -37.15
N THR C 744 15.05 5.23 -38.45
CA THR C 744 15.38 6.22 -39.46
C THR C 744 14.10 6.85 -39.98
N HIS C 745 14.18 8.14 -40.31
CA HIS C 745 13.00 8.95 -40.55
C HIS C 745 12.72 9.05 -42.04
N VAL C 746 11.53 8.62 -42.43
CA VAL C 746 11.09 8.73 -43.83
C VAL C 746 9.96 9.73 -44.02
N SER C 747 9.02 9.83 -43.08
CA SER C 747 7.91 10.76 -43.17
C SER C 747 8.26 12.10 -42.54
N PHE C 748 8.32 13.15 -43.35
CA PHE C 748 8.59 14.50 -42.89
C PHE C 748 8.17 15.49 -43.97
N LEU C 749 7.66 16.64 -43.54
CA LEU C 749 7.29 17.71 -44.46
C LEU C 749 8.45 18.59 -44.87
N ASN C 750 9.53 18.63 -44.09
CA ASN C 750 10.70 19.44 -44.40
C ASN C 750 11.98 18.63 -44.24
N GLU C 751 12.83 18.68 -45.27
CA GLU C 751 14.16 18.06 -45.17
C GLU C 751 15.02 18.78 -44.15
N ASP C 752 15.01 20.11 -44.21
CA ASP C 752 15.89 20.92 -43.38
C ASP C 752 15.19 21.31 -42.09
N PRO C 753 15.63 20.81 -40.94
CA PRO C 753 14.89 21.04 -39.70
C PRO C 753 15.08 22.43 -39.12
N GLY C 754 14.63 22.63 -37.90
CA GLY C 754 14.86 23.89 -37.23
C GLY C 754 13.64 24.76 -37.25
N PRO C 755 13.63 25.81 -36.43
CA PRO C 755 12.46 26.66 -36.29
C PRO C 755 12.10 27.44 -37.55
N ILE C 756 13.11 28.02 -38.21
CA ILE C 756 12.98 29.00 -39.31
C ILE C 756 12.14 30.20 -38.86
N ARG D 118 4.67 -69.84 19.60
CA ARG D 118 5.96 -69.85 18.94
C ARG D 118 5.82 -69.77 17.41
N LEU D 119 4.66 -70.19 16.89
CA LEU D 119 4.48 -70.21 15.45
C LEU D 119 3.71 -68.99 14.98
N LYS D 120 2.85 -68.45 15.83
CA LYS D 120 2.10 -67.24 15.48
C LYS D 120 3.01 -66.02 15.47
N LYS D 121 3.94 -65.96 16.42
CA LYS D 121 4.78 -64.76 16.56
C LYS D 121 5.81 -64.68 15.45
N ARG D 122 6.22 -65.81 14.89
CA ARG D 122 7.17 -65.79 13.79
C ARG D 122 6.53 -65.29 12.51
N ILE D 123 5.23 -65.50 12.35
CA ILE D 123 4.55 -65.12 11.12
C ILE D 123 4.38 -63.60 11.07
N PHE D 124 3.94 -63.01 12.19
CA PHE D 124 3.75 -61.56 12.25
C PHE D 124 5.09 -60.82 12.13
N ALA D 125 6.16 -61.43 12.62
CA ALA D 125 7.46 -60.75 12.57
C ALA D 125 8.03 -60.80 11.17
N ALA D 126 7.83 -61.92 10.46
CA ALA D 126 8.39 -62.06 9.13
C ALA D 126 7.60 -61.24 8.11
N VAL D 127 6.31 -61.03 8.39
CA VAL D 127 5.46 -60.36 7.41
C VAL D 127 5.62 -58.85 7.50
N SER D 128 6.18 -58.36 8.61
CA SER D 128 6.41 -56.94 8.77
C SER D 128 7.68 -56.51 8.06
N GLU D 129 8.75 -57.30 8.20
CA GLU D 129 10.05 -56.94 7.64
C GLU D 129 10.20 -57.32 6.18
N GLY D 130 9.22 -57.99 5.59
CA GLY D 130 9.28 -58.36 4.20
C GLY D 130 10.23 -59.50 3.91
N CYS D 131 9.98 -60.66 4.50
CA CYS D 131 10.85 -61.82 4.38
C CYS D 131 10.09 -62.92 3.66
N VAL D 132 10.31 -63.02 2.34
CA VAL D 132 9.57 -63.99 1.54
C VAL D 132 10.16 -65.38 1.69
N GLU D 133 11.42 -65.47 2.11
CA GLU D 133 12.10 -66.75 2.21
C GLU D 133 11.65 -67.51 3.45
N GLU D 134 11.31 -66.79 4.52
CA GLU D 134 10.89 -67.44 5.75
C GLU D 134 9.39 -67.69 5.72
N LEU D 135 8.65 -66.88 4.95
CA LEU D 135 7.20 -66.96 4.89
C LEU D 135 6.72 -68.26 4.25
N ARG D 136 7.41 -68.71 3.20
CA ARG D 136 6.98 -69.90 2.49
C ARG D 136 7.17 -71.15 3.34
N GLU D 137 8.35 -71.30 3.93
CA GLU D 137 8.68 -72.51 4.68
C GLU D 137 7.90 -72.58 5.99
N LEU D 138 7.52 -71.43 6.54
CA LEU D 138 6.67 -71.44 7.73
C LEU D 138 5.23 -71.84 7.38
N LEU D 139 4.72 -71.34 6.25
CA LEU D 139 3.34 -71.64 5.89
C LEU D 139 3.18 -73.07 5.42
N GLN D 140 4.25 -73.66 4.87
CA GLN D 140 4.25 -75.09 4.61
C GLN D 140 4.29 -75.88 5.91
N ASP D 141 5.08 -75.40 6.88
CA ASP D 141 5.13 -76.03 8.19
C ASP D 141 3.82 -75.81 8.94
N LEU D 142 3.17 -74.67 8.70
CA LEU D 142 1.84 -74.42 9.26
C LEU D 142 0.80 -75.31 8.59
N GLN D 143 1.04 -75.69 7.34
CA GLN D 143 0.13 -76.59 6.65
C GLN D 143 0.29 -78.02 7.12
N ASP D 144 1.54 -78.44 7.37
CA ASP D 144 1.82 -79.83 7.73
C ASP D 144 1.31 -80.18 9.12
N LEU D 145 1.17 -79.17 9.99
CA LEU D 145 0.70 -79.43 11.34
C LEU D 145 -0.78 -79.78 11.36
N CYS D 146 -1.54 -79.29 10.38
CA CYS D 146 -2.98 -79.54 10.37
C CYS D 146 -3.31 -80.86 9.67
N ARG D 147 -2.34 -81.44 8.99
CA ARG D 147 -2.58 -82.77 8.42
C ARG D 147 -2.38 -83.86 9.46
N ARG D 148 -1.42 -83.67 10.37
CA ARG D 148 -1.24 -84.64 11.46
C ARG D 148 -2.06 -84.26 12.68
N ARG D 149 -3.32 -83.91 12.48
CA ARG D 149 -4.10 -83.24 13.49
C ARG D 149 -5.40 -84.01 13.62
N ARG D 150 -6.35 -83.47 14.39
CA ARG D 150 -7.68 -84.04 14.52
C ARG D 150 -8.42 -84.12 13.19
N GLY D 151 -8.25 -83.10 12.35
CA GLY D 151 -8.92 -83.04 11.06
C GLY D 151 -10.42 -82.80 11.13
N LEU D 152 -10.95 -82.41 12.29
CA LEU D 152 -12.37 -82.15 12.44
C LEU D 152 -12.69 -80.73 11.97
N ASP D 153 -12.08 -79.74 12.63
CA ASP D 153 -12.28 -78.33 12.27
C ASP D 153 -11.00 -77.76 11.62
N VAL D 154 -11.02 -77.78 10.29
CA VAL D 154 -9.90 -77.22 9.54
C VAL D 154 -10.01 -75.71 9.37
N PRO D 155 -11.17 -75.10 9.03
CA PRO D 155 -11.22 -73.62 9.02
C PRO D 155 -11.07 -72.98 10.39
N ASP D 156 -11.82 -73.45 11.40
CA ASP D 156 -11.92 -72.70 12.66
C ASP D 156 -10.63 -72.78 13.47
N PHE D 157 -9.76 -73.72 13.15
CA PHE D 157 -8.44 -73.77 13.78
C PHE D 157 -7.49 -72.78 13.11
N LEU D 158 -7.50 -72.74 11.78
CA LEU D 158 -6.51 -71.92 11.07
C LEU D 158 -6.86 -70.44 11.11
N MET D 159 -8.12 -70.11 11.37
CA MET D 159 -8.46 -68.70 11.57
C MET D 159 -7.97 -68.23 12.93
N HIS D 160 -7.79 -69.15 13.87
CA HIS D 160 -7.27 -68.77 15.18
C HIS D 160 -5.75 -68.59 15.13
N LYS D 161 -5.09 -69.23 14.16
CA LYS D 161 -3.63 -69.21 14.13
C LYS D 161 -3.12 -67.91 13.50
N LEU D 162 -3.90 -67.33 12.60
CA LEU D 162 -3.46 -66.13 11.89
C LEU D 162 -3.98 -64.84 12.49
N THR D 163 -4.80 -64.90 13.52
CA THR D 163 -5.54 -63.73 14.01
C THR D 163 -5.25 -63.52 15.48
N ALA D 164 -4.89 -62.29 15.85
CA ALA D 164 -4.76 -61.95 17.25
C ALA D 164 -6.14 -61.94 17.91
N SER D 165 -6.16 -62.28 19.19
CA SER D 165 -7.42 -62.51 19.88
C SER D 165 -8.02 -61.22 20.40
N ASP D 166 -7.17 -60.36 20.97
CA ASP D 166 -7.67 -59.13 21.58
C ASP D 166 -8.07 -58.11 20.52
N THR D 167 -7.11 -57.69 19.70
CA THR D 167 -7.37 -56.60 18.78
C THR D 167 -8.12 -57.08 17.54
N GLY D 168 -8.10 -58.39 17.28
CA GLY D 168 -8.76 -58.93 16.12
C GLY D 168 -8.01 -58.75 14.81
N LYS D 169 -6.77 -58.28 14.87
CA LYS D 169 -5.99 -58.05 13.67
C LYS D 169 -5.48 -59.36 13.08
N THR D 170 -5.55 -59.50 11.77
CA THR D 170 -5.08 -60.68 11.06
C THR D 170 -3.73 -60.40 10.43
N CYS D 171 -3.20 -61.40 9.73
CA CYS D 171 -1.88 -61.25 9.12
C CYS D 171 -1.95 -60.42 7.85
N LEU D 172 -3.13 -60.35 7.23
CA LEU D 172 -3.27 -59.56 6.01
C LEU D 172 -3.33 -58.08 6.34
N MET D 173 -3.91 -57.74 7.49
CA MET D 173 -3.92 -56.36 7.94
C MET D 173 -2.53 -55.92 8.38
N LYS D 174 -1.76 -56.86 8.94
CA LYS D 174 -0.44 -56.54 9.46
C LYS D 174 0.55 -56.26 8.34
N ALA D 175 0.35 -56.90 7.18
CA ALA D 175 1.28 -56.73 6.07
C ALA D 175 1.09 -55.37 5.40
N LEU D 176 -0.12 -54.82 5.48
CA LEU D 176 -0.44 -53.60 4.75
C LEU D 176 -0.12 -52.36 5.59
N LEU D 177 -0.14 -52.48 6.91
CA LEU D 177 0.22 -51.37 7.77
C LEU D 177 1.71 -51.05 7.66
N ASN D 178 2.52 -52.07 7.40
CA ASN D 178 3.97 -51.92 7.24
C ASN D 178 4.32 -52.14 5.77
N ILE D 179 4.27 -51.06 5.00
CA ILE D 179 4.53 -51.12 3.58
C ILE D 179 6.02 -51.27 3.34
N ASN D 180 6.41 -52.37 2.69
CA ASN D 180 7.78 -52.68 2.31
C ASN D 180 7.95 -52.51 0.81
N PRO D 181 9.16 -52.54 0.27
CA PRO D 181 9.33 -52.65 -1.19
C PRO D 181 9.04 -54.03 -1.76
N ASN D 182 8.63 -55.01 -0.95
CA ASN D 182 8.19 -56.29 -1.49
C ASN D 182 6.84 -56.73 -0.91
N THR D 183 5.90 -55.80 -0.72
CA THR D 183 4.66 -56.13 -0.03
C THR D 183 3.71 -56.92 -0.92
N LYS D 184 3.65 -56.59 -2.21
CA LYS D 184 2.65 -57.19 -3.09
C LYS D 184 3.01 -58.63 -3.45
N GLU D 185 4.27 -59.01 -3.28
CA GLU D 185 4.62 -60.42 -3.42
C GLU D 185 4.22 -61.21 -2.18
N ILE D 186 4.16 -60.54 -1.04
CA ILE D 186 3.77 -61.21 0.20
C ILE D 186 2.27 -61.48 0.20
N VAL D 187 1.49 -60.49 -0.24
CA VAL D 187 0.03 -60.60 -0.24
C VAL D 187 -0.43 -61.71 -1.16
N ARG D 188 0.26 -61.87 -2.30
CA ARG D 188 -0.09 -62.91 -3.25
C ARG D 188 0.19 -64.30 -2.68
N ILE D 189 1.21 -64.42 -1.84
CA ILE D 189 1.48 -65.69 -1.16
C ILE D 189 0.40 -65.97 -0.12
N LEU D 190 -0.04 -64.93 0.59
CA LEU D 190 -1.05 -65.10 1.64
C LEU D 190 -2.40 -65.47 1.05
N LEU D 191 -2.73 -64.92 -0.12
CA LEU D 191 -4.02 -65.22 -0.73
C LEU D 191 -4.02 -66.57 -1.42
N ALA D 192 -2.90 -66.93 -2.07
CA ALA D 192 -2.81 -68.22 -2.72
C ALA D 192 -2.77 -69.35 -1.70
N PHE D 193 -2.26 -69.07 -0.50
CA PHE D 193 -2.34 -70.04 0.59
C PHE D 193 -3.78 -70.26 1.03
N ALA D 194 -4.62 -69.23 0.94
CA ALA D 194 -5.99 -69.34 1.43
C ALA D 194 -6.91 -69.98 0.39
N GLU D 195 -6.37 -70.27 -0.80
CA GLU D 195 -7.19 -70.90 -1.83
C GLU D 195 -7.39 -72.39 -1.56
N GLU D 196 -6.34 -73.08 -1.11
CA GLU D 196 -6.43 -74.52 -0.95
C GLU D 196 -7.04 -74.93 0.39
N ASN D 197 -7.78 -74.05 1.05
CA ASN D 197 -8.52 -74.45 2.24
C ASN D 197 -9.92 -73.83 2.25
N ASP D 198 -10.30 -73.18 1.15
CA ASP D 198 -11.64 -72.63 0.92
C ASP D 198 -12.05 -71.63 1.99
N ILE D 199 -11.08 -70.85 2.49
CA ILE D 199 -11.37 -69.87 3.52
C ILE D 199 -11.00 -68.49 2.99
N LEU D 200 -11.05 -68.34 1.66
CA LEU D 200 -10.68 -67.07 1.04
C LEU D 200 -11.70 -65.97 1.34
N ASP D 201 -12.96 -66.35 1.57
CA ASP D 201 -13.98 -65.36 1.84
C ASP D 201 -13.82 -64.78 3.24
N ARG D 202 -13.68 -65.65 4.25
CA ARG D 202 -13.67 -65.21 5.63
C ARG D 202 -12.31 -64.70 6.08
N PHE D 203 -11.27 -64.93 5.30
CA PHE D 203 -9.96 -64.36 5.62
C PHE D 203 -9.80 -62.96 5.04
N ILE D 204 -10.44 -62.68 3.92
CA ILE D 204 -10.30 -61.41 3.26
C ILE D 204 -11.36 -60.41 3.77
N ASN D 205 -12.29 -60.87 4.60
CA ASN D 205 -13.40 -60.06 5.09
C ASN D 205 -13.44 -60.10 6.61
N ALA D 206 -12.30 -59.91 7.25
CA ALA D 206 -12.20 -59.90 8.70
C ALA D 206 -12.24 -58.47 9.21
N GLU D 207 -12.66 -58.31 10.47
CA GLU D 207 -12.85 -56.98 11.06
C GLU D 207 -12.25 -56.91 12.45
N TYR D 208 -11.91 -55.70 12.86
CA TYR D 208 -11.56 -55.44 14.24
C TYR D 208 -12.76 -55.64 15.16
N THR D 209 -12.48 -56.01 16.39
CA THR D 209 -13.50 -56.11 17.42
C THR D 209 -13.32 -55.08 18.51
N GLU D 210 -12.21 -54.36 18.51
CA GLU D 210 -11.97 -53.30 19.50
C GLU D 210 -12.89 -52.13 19.22
N GLU D 211 -13.41 -51.51 20.27
CA GLU D 211 -14.42 -50.47 20.14
C GLU D 211 -13.91 -49.19 19.50
N ALA D 212 -12.60 -48.98 19.46
CA ALA D 212 -12.03 -47.80 18.83
C ALA D 212 -11.75 -47.99 17.35
N TYR D 213 -11.90 -49.21 16.84
CA TYR D 213 -11.66 -49.44 15.43
C TYR D 213 -12.70 -50.34 14.80
N GLU D 214 -13.87 -50.51 15.40
CA GLU D 214 -14.88 -51.49 15.00
C GLU D 214 -15.37 -51.33 13.58
N GLY D 215 -15.03 -52.29 12.71
CA GLY D 215 -15.53 -52.33 11.35
C GLY D 215 -14.45 -52.13 10.30
N GLN D 216 -13.24 -51.81 10.72
CA GLN D 216 -12.18 -51.59 9.75
C GLN D 216 -11.66 -52.90 9.19
N THR D 217 -11.64 -53.00 7.86
CA THR D 217 -11.18 -54.19 7.16
C THR D 217 -9.86 -53.87 6.46
N ALA D 218 -9.37 -54.83 5.69
CA ALA D 218 -8.10 -54.64 5.00
C ALA D 218 -8.27 -53.81 3.73
N LEU D 219 -9.52 -53.54 3.34
CA LEU D 219 -9.73 -52.68 2.19
C LEU D 219 -9.70 -51.22 2.59
N ASN D 220 -9.99 -50.92 3.85
CA ASN D 220 -9.81 -49.56 4.34
C ASN D 220 -8.34 -49.21 4.51
N ILE D 221 -7.49 -50.22 4.71
CA ILE D 221 -6.08 -49.95 4.91
C ILE D 221 -5.36 -49.81 3.58
N ALA D 222 -5.84 -50.50 2.55
CA ALA D 222 -5.20 -50.43 1.25
C ALA D 222 -5.54 -49.14 0.53
N ILE D 223 -6.69 -48.54 0.84
CA ILE D 223 -7.05 -47.27 0.23
C ILE D 223 -6.39 -46.11 0.97
N GLU D 224 -6.24 -46.24 2.29
CA GLU D 224 -5.67 -45.16 3.07
C GLU D 224 -4.17 -45.03 2.85
N ARG D 225 -3.50 -46.16 2.58
CA ARG D 225 -2.07 -46.17 2.30
C ARG D 225 -1.75 -45.84 0.86
N ARG D 226 -2.77 -45.42 0.10
CA ARG D 226 -2.71 -44.97 -1.28
C ARG D 226 -2.16 -46.03 -2.21
N GLN D 227 -2.54 -47.28 -2.01
CA GLN D 227 -2.09 -48.39 -2.84
C GLN D 227 -3.15 -48.67 -3.90
N GLY D 228 -2.78 -48.49 -5.17
CA GLY D 228 -3.71 -48.73 -6.24
C GLY D 228 -3.72 -50.16 -6.73
N ASP D 229 -2.55 -50.79 -6.79
CA ASP D 229 -2.44 -52.10 -7.40
C ASP D 229 -2.88 -53.21 -6.45
N ILE D 230 -2.60 -53.05 -5.16
CA ILE D 230 -3.02 -54.03 -4.18
C ILE D 230 -4.53 -53.98 -3.99
N THR D 231 -5.12 -52.80 -4.23
CA THR D 231 -6.56 -52.64 -4.05
C THR D 231 -7.34 -53.39 -5.12
N ALA D 232 -6.87 -53.34 -6.37
CA ALA D 232 -7.56 -54.03 -7.45
C ALA D 232 -7.43 -55.55 -7.33
N VAL D 233 -6.37 -56.02 -6.69
CA VAL D 233 -6.21 -57.45 -6.43
C VAL D 233 -7.24 -57.90 -5.40
N LEU D 234 -7.47 -57.08 -4.38
CA LEU D 234 -8.36 -57.48 -3.29
C LEU D 234 -9.82 -57.47 -3.72
N ILE D 235 -10.22 -56.50 -4.54
CA ILE D 235 -11.63 -56.36 -4.91
C ILE D 235 -12.04 -57.51 -5.81
N ALA D 236 -11.18 -57.91 -6.75
CA ALA D 236 -11.44 -59.06 -7.60
C ALA D 236 -10.85 -60.32 -6.96
N ALA D 237 -11.14 -60.50 -5.68
CA ALA D 237 -10.87 -61.73 -4.97
C ALA D 237 -11.98 -62.01 -3.97
N GLY D 238 -12.98 -61.13 -3.93
CA GLY D 238 -14.12 -61.30 -3.05
C GLY D 238 -14.19 -60.37 -1.86
N ALA D 239 -13.44 -59.28 -1.85
CA ALA D 239 -13.51 -58.35 -0.73
C ALA D 239 -14.81 -57.55 -0.78
N ASP D 240 -15.40 -57.31 0.37
CA ASP D 240 -16.65 -56.55 0.42
C ASP D 240 -16.36 -55.07 0.23
N VAL D 241 -17.13 -54.44 -0.65
CA VAL D 241 -16.99 -53.01 -0.91
C VAL D 241 -18.06 -52.19 -0.21
N ASN D 242 -18.71 -52.75 0.81
CA ASN D 242 -19.78 -52.08 1.54
C ASN D 242 -19.59 -52.22 3.04
N ALA D 243 -18.37 -52.02 3.51
CA ALA D 243 -18.11 -52.08 4.94
C ALA D 243 -18.46 -50.74 5.58
N HIS D 244 -18.64 -50.77 6.90
CA HIS D 244 -19.00 -49.56 7.64
C HIS D 244 -18.16 -49.49 8.91
N ALA D 245 -17.13 -48.65 8.87
CA ALA D 245 -16.30 -48.41 10.03
C ALA D 245 -17.08 -47.63 11.09
N LYS D 246 -17.49 -48.31 12.15
CA LYS D 246 -18.37 -47.73 13.15
C LYS D 246 -17.63 -47.45 14.45
N GLY D 247 -16.34 -47.14 14.36
CA GLY D 247 -15.54 -47.02 15.57
C GLY D 247 -15.74 -45.72 16.32
N VAL D 248 -14.78 -45.34 17.14
CA VAL D 248 -14.82 -44.09 17.87
C VAL D 248 -13.79 -43.18 17.25
N PHE D 249 -12.72 -43.78 16.73
CA PHE D 249 -11.72 -43.05 15.97
C PHE D 249 -12.26 -42.52 14.65
N PHE D 250 -13.20 -43.22 14.04
CA PHE D 250 -13.79 -42.76 12.79
C PHE D 250 -15.02 -41.91 13.01
N ASN D 251 -15.49 -41.80 14.25
CA ASN D 251 -16.63 -40.95 14.58
C ASN D 251 -16.27 -40.11 15.80
N PRO D 252 -15.34 -39.18 15.65
CA PRO D 252 -14.74 -38.56 16.83
C PRO D 252 -15.66 -37.55 17.48
N LYS D 253 -15.34 -37.21 18.71
CA LYS D 253 -16.03 -36.14 19.42
C LYS D 253 -15.34 -34.81 19.22
N TYR D 254 -14.01 -34.81 19.11
CA TYR D 254 -13.22 -33.62 18.85
C TYR D 254 -12.34 -33.85 17.64
N GLN D 255 -11.92 -32.75 17.02
CA GLN D 255 -11.30 -32.78 15.70
C GLN D 255 -9.96 -33.51 15.66
N HIS D 256 -9.18 -33.39 16.71
CA HIS D 256 -7.85 -33.98 16.69
C HIS D 256 -7.84 -35.43 17.15
N GLU D 257 -8.96 -35.97 17.61
CA GLU D 257 -8.98 -37.32 18.15
C GLU D 257 -9.29 -38.37 17.11
N GLY D 258 -9.45 -37.98 15.86
CA GLY D 258 -9.85 -38.93 14.84
C GLY D 258 -10.12 -38.23 13.52
N PHE D 259 -10.84 -38.94 12.65
CA PHE D 259 -11.07 -38.49 11.29
C PHE D 259 -12.40 -39.03 10.81
N TYR D 260 -13.41 -38.16 10.72
CA TYR D 260 -14.68 -38.52 10.13
C TYR D 260 -14.60 -38.34 8.62
N PHE D 261 -14.85 -39.41 7.89
CA PHE D 261 -14.80 -39.36 6.44
C PHE D 261 -16.07 -39.86 5.76
N GLY D 262 -16.91 -40.64 6.43
CA GLY D 262 -18.17 -41.02 5.84
C GLY D 262 -18.50 -42.49 5.95
N GLU D 263 -17.59 -43.26 6.56
CA GLU D 263 -17.73 -44.67 6.93
C GLU D 263 -17.91 -45.67 5.79
N THR D 264 -17.42 -45.39 4.58
CA THR D 264 -17.46 -46.38 3.51
C THR D 264 -16.13 -46.37 2.78
N PRO D 265 -15.80 -47.42 2.01
CA PRO D 265 -14.63 -47.32 1.12
C PRO D 265 -14.78 -46.34 -0.03
N LEU D 266 -15.98 -45.90 -0.36
CA LEU D 266 -16.13 -44.92 -1.43
C LEU D 266 -15.99 -43.51 -0.90
N ALA D 267 -16.35 -43.29 0.36
CA ALA D 267 -16.16 -41.96 0.94
C ALA D 267 -14.70 -41.72 1.29
N LEU D 268 -13.96 -42.78 1.57
CA LEU D 268 -12.55 -42.61 1.91
C LEU D 268 -11.72 -42.33 0.68
N ALA D 269 -12.06 -42.95 -0.45
CA ALA D 269 -11.32 -42.72 -1.69
C ALA D 269 -11.60 -41.35 -2.27
N ALA D 270 -12.73 -40.75 -1.90
CA ALA D 270 -13.09 -39.43 -2.40
C ALA D 270 -12.55 -38.33 -1.50
N CYS D 271 -12.57 -38.52 -0.19
CA CYS D 271 -12.16 -37.50 0.75
C CYS D 271 -10.65 -37.42 0.93
N THR D 272 -9.88 -38.32 0.31
CA THR D 272 -8.43 -38.24 0.32
C THR D 272 -7.85 -38.07 -1.08
N ASN D 273 -8.66 -37.62 -2.04
CA ASN D 273 -8.22 -37.21 -3.38
C ASN D 273 -7.56 -38.35 -4.15
N GLN D 274 -8.31 -39.41 -4.41
CA GLN D 274 -7.84 -40.54 -5.19
C GLN D 274 -8.85 -40.84 -6.29
N PRO D 275 -8.82 -40.09 -7.39
CA PRO D 275 -9.92 -40.17 -8.36
C PRO D 275 -9.93 -41.43 -9.21
N GLU D 276 -8.83 -42.18 -9.24
CA GLU D 276 -8.79 -43.37 -10.08
C GLU D 276 -9.36 -44.58 -9.35
N ILE D 277 -9.41 -44.53 -8.03
CA ILE D 277 -10.01 -45.62 -7.26
C ILE D 277 -11.51 -45.38 -7.09
N VAL D 278 -11.93 -44.12 -7.20
CA VAL D 278 -13.36 -43.80 -7.16
C VAL D 278 -14.03 -44.32 -8.41
N GLN D 279 -13.36 -44.18 -9.56
CA GLN D 279 -13.91 -44.69 -10.82
C GLN D 279 -13.91 -46.21 -10.84
N LEU D 280 -12.92 -46.81 -10.20
CA LEU D 280 -12.81 -48.27 -10.19
C LEU D 280 -13.86 -48.89 -9.29
N LEU D 281 -14.34 -48.13 -8.31
CA LEU D 281 -15.32 -48.65 -7.37
C LEU D 281 -16.75 -48.45 -7.86
N MET D 282 -17.00 -47.42 -8.67
CA MET D 282 -18.33 -47.22 -9.20
C MET D 282 -18.62 -48.08 -10.42
N GLU D 283 -17.58 -48.52 -11.14
CA GLU D 283 -17.78 -49.45 -12.25
C GLU D 283 -18.09 -50.85 -11.79
N ASN D 284 -17.79 -51.18 -10.54
CA ASN D 284 -18.25 -52.43 -9.94
C ASN D 284 -19.77 -52.34 -9.76
N GLU D 285 -20.45 -53.49 -9.74
CA GLU D 285 -21.89 -53.52 -9.63
C GLU D 285 -22.40 -53.73 -8.21
N GLN D 286 -21.53 -54.13 -7.28
CA GLN D 286 -21.93 -54.31 -5.90
C GLN D 286 -21.88 -53.02 -5.09
N THR D 287 -21.41 -51.94 -5.68
CA THR D 287 -21.29 -50.67 -4.98
C THR D 287 -22.68 -50.07 -4.75
N ASP D 288 -23.02 -49.85 -3.49
CA ASP D 288 -24.30 -49.24 -3.14
C ASP D 288 -24.04 -47.76 -2.92
N ILE D 289 -24.38 -46.95 -3.91
CA ILE D 289 -23.96 -45.55 -3.95
C ILE D 289 -24.98 -44.70 -3.19
N THR D 290 -26.09 -45.30 -2.79
CA THR D 290 -27.16 -44.58 -2.10
C THR D 290 -27.40 -45.13 -0.70
N SER D 291 -26.33 -45.36 0.05
CA SER D 291 -26.42 -45.90 1.40
C SER D 291 -26.18 -44.81 2.43
N GLN D 292 -26.60 -45.08 3.67
CA GLN D 292 -26.55 -44.11 4.74
C GLN D 292 -25.82 -44.67 5.94
N ASP D 293 -24.94 -43.86 6.54
CA ASP D 293 -24.20 -44.28 7.71
C ASP D 293 -24.91 -43.96 9.03
N SER D 294 -24.15 -43.98 10.12
CA SER D 294 -24.64 -43.78 11.48
C SER D 294 -25.30 -42.44 11.72
N ARG D 295 -24.84 -41.36 11.08
CA ARG D 295 -25.49 -40.07 11.20
C ARG D 295 -26.66 -39.91 10.24
N GLY D 296 -26.84 -40.85 9.32
CA GLY D 296 -27.80 -40.68 8.26
C GLY D 296 -27.25 -40.06 7.00
N ASN D 297 -25.99 -39.61 7.02
CA ASN D 297 -25.37 -38.99 5.87
C ASN D 297 -25.19 -39.98 4.73
N ASN D 298 -25.17 -39.47 3.50
CA ASN D 298 -24.76 -40.27 2.37
C ASN D 298 -23.49 -39.67 1.79
N ILE D 299 -23.09 -40.09 0.59
CA ILE D 299 -21.83 -39.69 0.00
C ILE D 299 -21.78 -38.19 -0.28
N LEU D 300 -22.93 -37.57 -0.51
CA LEU D 300 -22.90 -36.15 -0.84
C LEU D 300 -23.01 -35.29 0.41
N HIS D 301 -23.55 -35.84 1.50
CA HIS D 301 -23.48 -35.14 2.78
C HIS D 301 -22.06 -35.17 3.33
N ALA D 302 -21.30 -36.22 3.01
CA ALA D 302 -19.98 -36.40 3.60
C ALA D 302 -18.94 -35.50 2.97
N LEU D 303 -19.10 -35.18 1.68
CA LEU D 303 -18.17 -34.28 1.01
C LEU D 303 -18.38 -32.84 1.44
N VAL D 304 -19.58 -32.50 1.87
CA VAL D 304 -19.84 -31.15 2.37
C VAL D 304 -19.16 -30.96 3.72
N THR D 305 -19.09 -32.03 4.50
CA THR D 305 -18.57 -31.90 5.86
C THR D 305 -17.07 -31.69 5.88
N VAL D 306 -16.34 -32.28 4.94
CA VAL D 306 -14.88 -32.20 4.91
C VAL D 306 -14.41 -31.05 4.02
N ALA D 307 -15.31 -30.22 3.52
CA ALA D 307 -14.94 -29.17 2.59
C ALA D 307 -14.38 -27.97 3.33
N GLU D 308 -13.40 -27.33 2.72
CA GLU D 308 -12.70 -26.21 3.32
C GLU D 308 -12.46 -25.16 2.25
N ASP D 309 -11.58 -24.20 2.54
CA ASP D 309 -11.40 -23.03 1.71
C ASP D 309 -10.58 -23.33 0.46
N PHE D 310 -10.14 -22.28 -0.23
CA PHE D 310 -9.17 -22.44 -1.30
C PHE D 310 -7.75 -22.49 -0.79
N LYS D 311 -7.47 -21.84 0.33
CA LYS D 311 -6.12 -21.73 0.85
C LYS D 311 -5.62 -23.04 1.45
N THR D 312 -6.51 -24.01 1.69
CA THR D 312 -6.12 -25.29 2.27
C THR D 312 -6.29 -26.45 1.30
N GLN D 313 -7.48 -26.68 0.75
CA GLN D 313 -7.75 -27.89 -0.03
C GLN D 313 -7.61 -27.68 -1.53
N ASN D 314 -7.82 -26.46 -1.98
CA ASN D 314 -7.44 -25.84 -3.27
C ASN D 314 -8.34 -26.25 -4.44
N ASP D 315 -8.85 -27.50 -4.53
CA ASP D 315 -9.89 -27.70 -5.54
C ASP D 315 -10.83 -28.88 -5.37
N PHE D 316 -10.44 -29.93 -4.66
CA PHE D 316 -10.80 -31.25 -5.16
C PHE D 316 -12.18 -31.70 -4.72
N VAL D 317 -12.76 -31.06 -3.72
CA VAL D 317 -14.06 -31.50 -3.24
C VAL D 317 -15.15 -31.08 -4.22
N LYS D 318 -14.96 -29.93 -4.87
CA LYS D 318 -15.89 -29.48 -5.90
C LYS D 318 -15.81 -30.36 -7.13
N ARG D 319 -14.65 -30.95 -7.40
CA ARG D 319 -14.50 -31.80 -8.58
C ARG D 319 -14.94 -33.22 -8.31
N MET D 320 -14.93 -33.65 -7.04
CA MET D 320 -15.46 -34.97 -6.72
C MET D 320 -16.98 -34.96 -6.61
N TYR D 321 -17.56 -33.77 -6.46
CA TYR D 321 -19.00 -33.69 -6.19
C TYR D 321 -19.79 -34.02 -7.45
N ASP D 322 -19.33 -33.57 -8.60
CA ASP D 322 -20.08 -33.79 -9.83
C ASP D 322 -19.64 -35.04 -10.56
N MET D 323 -18.45 -35.56 -10.26
CA MET D 323 -18.07 -36.88 -10.76
C MET D 323 -19.00 -37.94 -10.23
N ILE D 324 -19.38 -37.83 -8.97
CA ILE D 324 -20.28 -38.80 -8.35
C ILE D 324 -21.72 -38.50 -8.74
N LEU D 325 -22.04 -37.22 -8.93
CA LEU D 325 -23.41 -36.83 -9.22
C LEU D 325 -23.83 -37.23 -10.63
N LEU D 326 -22.96 -37.01 -11.62
CA LEU D 326 -23.31 -37.28 -13.01
C LEU D 326 -23.39 -38.78 -13.29
N ARG D 327 -22.61 -39.57 -12.55
CA ARG D 327 -22.61 -41.01 -12.72
C ARG D 327 -23.91 -41.62 -12.19
N SER D 328 -24.48 -41.02 -11.14
CA SER D 328 -25.74 -41.49 -10.61
C SER D 328 -26.88 -41.23 -11.60
N GLY D 329 -27.09 -39.97 -11.95
CA GLY D 329 -27.96 -39.63 -13.06
C GLY D 329 -29.38 -39.25 -12.72
N ASN D 330 -29.68 -39.01 -11.44
CA ASN D 330 -31.03 -38.59 -11.05
C ASN D 330 -30.94 -37.81 -9.73
N TRP D 331 -32.10 -37.41 -9.22
CA TRP D 331 -32.20 -36.56 -8.04
C TRP D 331 -32.34 -37.36 -6.75
N GLU D 332 -31.87 -38.60 -6.71
CA GLU D 332 -32.05 -39.39 -5.50
C GLU D 332 -31.06 -38.98 -4.43
N LEU D 333 -29.84 -38.64 -4.82
CA LEU D 333 -28.85 -38.26 -3.81
C LEU D 333 -29.08 -36.84 -3.31
N GLU D 334 -29.46 -35.93 -4.20
CA GLU D 334 -29.65 -34.52 -3.86
C GLU D 334 -30.90 -34.24 -3.03
N THR D 335 -31.82 -35.18 -2.93
CA THR D 335 -33.08 -34.95 -2.22
C THR D 335 -33.23 -35.90 -1.04
N MET D 336 -32.14 -36.25 -0.39
CA MET D 336 -32.14 -37.22 0.70
C MET D 336 -31.84 -36.51 2.00
N ARG D 337 -32.45 -36.96 3.09
CA ARG D 337 -32.45 -36.24 4.35
C ARG D 337 -31.82 -37.08 5.45
N ASN D 338 -30.82 -36.51 6.14
CA ASN D 338 -30.18 -37.20 7.25
C ASN D 338 -30.98 -37.12 8.53
N ASN D 339 -30.36 -37.46 9.65
CA ASN D 339 -31.07 -37.50 10.93
C ASN D 339 -31.29 -36.13 11.55
N ASP D 340 -30.61 -35.09 11.07
CA ASP D 340 -31.05 -33.72 11.34
C ASP D 340 -32.17 -33.28 10.43
N GLY D 341 -32.47 -34.04 9.39
CA GLY D 341 -33.47 -33.63 8.42
C GLY D 341 -33.00 -32.55 7.47
N LEU D 342 -31.83 -32.73 6.85
CA LEU D 342 -31.26 -31.73 5.96
C LEU D 342 -30.83 -32.41 4.67
N THR D 343 -30.88 -31.68 3.58
CA THR D 343 -30.39 -32.13 2.29
C THR D 343 -28.95 -31.67 2.13
N PRO D 344 -28.20 -32.14 1.11
CA PRO D 344 -26.84 -31.59 0.91
C PRO D 344 -26.79 -30.11 0.58
N LEU D 345 -27.88 -29.53 0.05
CA LEU D 345 -27.92 -28.10 -0.20
C LEU D 345 -28.06 -27.32 1.09
N GLN D 346 -28.86 -27.82 2.02
CA GLN D 346 -29.12 -27.08 3.25
C GLN D 346 -28.03 -27.30 4.27
N LEU D 347 -27.24 -28.36 4.10
CA LEU D 347 -26.17 -28.64 5.05
C LEU D 347 -24.95 -27.77 4.76
N ALA D 348 -24.80 -27.31 3.52
CA ALA D 348 -23.69 -26.43 3.19
C ALA D 348 -23.97 -25.01 3.67
N ALA D 349 -25.24 -24.66 3.82
CA ALA D 349 -25.59 -23.33 4.30
C ALA D 349 -25.59 -23.27 5.80
N LYS D 350 -25.99 -24.37 6.45
CA LYS D 350 -25.91 -24.49 7.90
C LYS D 350 -24.49 -24.46 8.42
N MET D 351 -23.53 -24.99 7.67
CA MET D 351 -22.15 -25.10 8.12
C MET D 351 -21.24 -24.00 7.61
N GLY D 352 -21.70 -23.18 6.68
CA GLY D 352 -20.91 -22.04 6.24
C GLY D 352 -19.91 -22.31 5.16
N LYS D 353 -20.23 -23.20 4.21
CA LYS D 353 -19.33 -23.51 3.09
C LYS D 353 -19.74 -22.69 1.88
N ALA D 354 -18.98 -21.63 1.63
CA ALA D 354 -19.38 -20.66 0.62
C ALA D 354 -18.82 -21.01 -0.75
N GLU D 355 -18.05 -22.11 -0.84
CA GLU D 355 -17.52 -22.50 -2.14
C GLU D 355 -18.28 -23.69 -2.72
N ILE D 356 -18.74 -24.59 -1.86
CA ILE D 356 -19.64 -25.65 -2.30
C ILE D 356 -21.00 -25.05 -2.66
N LEU D 357 -21.41 -24.02 -1.94
CA LEU D 357 -22.75 -23.46 -2.14
C LEU D 357 -22.79 -22.61 -3.41
N LYS D 358 -21.67 -21.97 -3.74
CA LYS D 358 -21.55 -21.25 -5.01
C LYS D 358 -21.63 -22.20 -6.20
N TYR D 359 -21.14 -23.42 -6.02
CA TYR D 359 -21.18 -24.40 -7.09
C TYR D 359 -22.59 -24.92 -7.33
N ILE D 360 -23.35 -25.17 -6.26
CA ILE D 360 -24.61 -25.89 -6.41
C ILE D 360 -25.70 -24.97 -6.95
N LEU D 361 -25.70 -23.70 -6.54
CA LEU D 361 -26.80 -22.81 -6.90
C LEU D 361 -26.79 -22.40 -8.35
N SER D 362 -25.63 -22.46 -9.01
CA SER D 362 -25.50 -22.00 -10.38
C SER D 362 -24.90 -23.08 -11.26
N ARG D 363 -25.46 -24.28 -11.20
CA ARG D 363 -24.89 -25.47 -11.80
C ARG D 363 -25.50 -25.68 -13.18
N GLU D 364 -24.72 -25.39 -14.22
CA GLU D 364 -25.19 -25.46 -15.60
C GLU D 364 -24.52 -26.63 -16.29
N ILE D 365 -25.31 -27.61 -16.73
CA ILE D 365 -24.81 -28.78 -17.42
C ILE D 365 -25.34 -28.72 -18.85
N LYS D 366 -24.45 -28.59 -19.82
CA LYS D 366 -24.85 -28.30 -21.19
C LYS D 366 -24.97 -29.54 -22.07
N GLU D 367 -24.72 -30.74 -21.53
CA GLU D 367 -24.81 -31.97 -22.32
C GLU D 367 -26.26 -32.28 -22.66
N LYS D 368 -26.47 -33.11 -23.66
CA LYS D 368 -27.83 -33.39 -24.10
C LYS D 368 -28.60 -34.38 -23.24
N PRO D 369 -28.09 -35.58 -22.85
CA PRO D 369 -28.96 -36.49 -22.11
C PRO D 369 -29.13 -36.13 -20.65
N LEU D 370 -28.25 -35.32 -20.09
CA LEU D 370 -28.29 -34.97 -18.67
C LEU D 370 -28.36 -33.46 -18.54
N ARG D 371 -29.56 -32.90 -18.72
CA ARG D 371 -29.74 -31.47 -18.61
C ARG D 371 -30.75 -31.14 -17.54
N SER D 372 -31.56 -32.09 -17.11
CA SER D 372 -32.46 -31.87 -16.00
C SER D 372 -31.74 -31.86 -14.65
N LEU D 373 -30.44 -32.10 -14.63
CA LEU D 373 -29.65 -32.01 -13.41
C LEU D 373 -29.05 -30.62 -13.27
N SER D 374 -29.67 -29.62 -13.87
CA SER D 374 -29.16 -28.26 -13.81
C SER D 374 -30.05 -27.41 -12.92
N ARG D 375 -29.45 -26.36 -12.36
CA ARG D 375 -30.19 -25.34 -11.66
C ARG D 375 -30.05 -23.97 -12.30
N LYS D 376 -29.53 -23.88 -13.52
CA LYS D 376 -29.34 -22.65 -14.24
C LYS D 376 -29.46 -22.91 -15.73
N PHE D 377 -30.42 -22.29 -16.38
CA PHE D 377 -30.70 -22.55 -17.78
C PHE D 377 -30.43 -21.28 -18.58
N THR D 378 -30.47 -21.40 -19.89
CA THR D 378 -30.29 -20.25 -20.76
C THR D 378 -31.52 -20.10 -21.64
N ASP D 379 -32.24 -18.99 -21.47
CA ASP D 379 -33.53 -18.85 -22.13
C ASP D 379 -33.36 -18.48 -23.60
N TRP D 380 -32.49 -17.52 -23.91
CA TRP D 380 -32.16 -17.14 -25.28
C TRP D 380 -30.81 -16.45 -25.28
N ALA D 381 -30.21 -16.35 -26.46
CA ALA D 381 -28.94 -15.64 -26.60
C ALA D 381 -28.80 -15.13 -28.02
N TYR D 382 -28.17 -13.98 -28.16
CA TYR D 382 -27.95 -13.36 -29.46
C TYR D 382 -26.77 -12.42 -29.36
N GLY D 383 -25.64 -12.79 -29.93
CA GLY D 383 -24.47 -11.96 -29.84
C GLY D 383 -23.93 -11.98 -28.43
N PRO D 384 -23.51 -10.82 -27.94
CA PRO D 384 -23.08 -10.72 -26.54
C PRO D 384 -24.19 -10.39 -25.54
N VAL D 385 -25.35 -11.01 -25.69
CA VAL D 385 -26.52 -10.71 -24.88
C VAL D 385 -27.23 -12.02 -24.60
N SER D 386 -27.43 -12.34 -23.31
CA SER D 386 -28.09 -13.58 -22.94
C SER D 386 -29.13 -13.30 -21.87
N SER D 387 -29.88 -14.33 -21.52
CA SER D 387 -30.93 -14.24 -20.51
C SER D 387 -31.07 -15.59 -19.85
N SER D 388 -30.76 -15.67 -18.56
CA SER D 388 -30.69 -16.93 -17.86
C SER D 388 -31.89 -17.13 -16.96
N LEU D 389 -32.01 -18.34 -16.41
CA LEU D 389 -33.12 -18.72 -15.54
C LEU D 389 -32.58 -19.55 -14.39
N TYR D 390 -32.46 -18.94 -13.22
CA TYR D 390 -32.07 -19.67 -12.01
C TYR D 390 -33.26 -20.47 -11.49
N ASP D 391 -32.99 -21.30 -10.49
CA ASP D 391 -34.01 -22.16 -9.91
C ASP D 391 -34.20 -21.78 -8.45
N LEU D 392 -35.46 -21.76 -8.01
CA LEU D 392 -35.79 -21.28 -6.67
C LEU D 392 -36.58 -22.30 -5.90
N THR D 393 -36.19 -23.56 -5.92
CA THR D 393 -37.05 -24.59 -5.37
C THR D 393 -36.95 -24.67 -3.85
N ASN D 394 -35.73 -24.69 -3.31
CA ASN D 394 -35.56 -24.69 -1.87
C ASN D 394 -34.80 -23.47 -1.38
N VAL D 395 -34.62 -22.46 -2.22
CA VAL D 395 -33.85 -21.29 -1.82
C VAL D 395 -34.74 -20.08 -1.60
N ASP D 396 -36.04 -20.22 -1.75
CA ASP D 396 -36.95 -19.12 -1.48
C ASP D 396 -37.75 -19.48 -0.23
N THR D 397 -38.49 -18.51 0.30
CA THR D 397 -39.12 -18.65 1.61
C THR D 397 -40.58 -19.08 1.50
N THR D 398 -40.90 -19.92 0.52
CA THR D 398 -42.23 -20.50 0.44
C THR D 398 -42.35 -21.80 1.23
N THR D 399 -41.24 -22.37 1.68
CA THR D 399 -41.25 -23.59 2.47
C THR D 399 -40.51 -23.34 3.76
N ASP D 400 -40.78 -24.18 4.76
CA ASP D 400 -40.04 -24.04 6.01
C ASP D 400 -38.63 -24.58 5.84
N ASN D 401 -37.71 -23.97 6.59
CA ASN D 401 -36.29 -24.33 6.69
C ASN D 401 -35.61 -24.25 5.34
N SER D 402 -35.54 -23.06 4.76
CA SER D 402 -35.03 -22.87 3.41
C SER D 402 -33.66 -22.23 3.46
N VAL D 403 -33.03 -22.08 2.28
CA VAL D 403 -31.63 -21.68 2.22
C VAL D 403 -31.48 -20.20 2.55
N LEU D 404 -32.48 -19.40 2.20
CA LEU D 404 -32.41 -17.96 2.50
C LEU D 404 -32.63 -17.70 3.98
N GLU D 405 -33.47 -18.52 4.63
CA GLU D 405 -33.75 -18.33 6.03
C GLU D 405 -32.61 -18.83 6.91
N ILE D 406 -31.95 -19.92 6.50
CA ILE D 406 -30.88 -20.52 7.31
C ILE D 406 -29.68 -19.59 7.43
N ILE D 407 -29.31 -18.93 6.32
CA ILE D 407 -28.10 -18.11 6.31
C ILE D 407 -28.29 -16.87 7.17
N VAL D 408 -29.49 -16.31 7.20
CA VAL D 408 -29.71 -15.04 7.89
C VAL D 408 -29.73 -15.22 9.40
N TYR D 409 -30.39 -16.28 9.88
CA TYR D 409 -30.55 -16.53 11.30
C TYR D 409 -29.47 -17.44 11.87
N ASN D 410 -28.26 -17.42 11.32
CA ASN D 410 -27.23 -18.40 11.68
C ASN D 410 -26.17 -17.71 12.52
N THR D 411 -26.25 -17.85 13.84
CA THR D 411 -25.33 -17.15 14.71
C THR D 411 -24.00 -17.86 14.89
N ASN D 412 -23.89 -19.12 14.47
CA ASN D 412 -22.65 -19.86 14.69
C ASN D 412 -21.55 -19.40 13.74
N ILE D 413 -21.84 -19.34 12.45
CA ILE D 413 -20.82 -19.07 11.45
C ILE D 413 -20.49 -17.59 11.45
N ASP D 414 -19.41 -17.22 10.79
CA ASP D 414 -18.98 -15.83 10.81
C ASP D 414 -18.82 -15.20 9.44
N ASN D 415 -19.07 -15.93 8.35
CA ASN D 415 -18.97 -15.38 7.00
C ASN D 415 -20.32 -15.28 6.32
N ARG D 416 -21.35 -14.84 7.04
CA ARG D 416 -22.68 -14.72 6.48
C ARG D 416 -22.76 -13.66 5.40
N HIS D 417 -22.01 -12.57 5.50
CA HIS D 417 -22.07 -11.49 4.52
C HIS D 417 -21.24 -11.77 3.29
N GLU D 418 -20.72 -12.98 3.14
CA GLU D 418 -20.09 -13.43 1.92
C GLU D 418 -20.87 -14.55 1.25
N MET D 419 -21.95 -15.00 1.89
CA MET D 419 -22.87 -15.97 1.33
C MET D 419 -24.17 -15.33 0.88
N LEU D 420 -24.40 -14.06 1.20
CA LEU D 420 -25.55 -13.31 0.73
C LEU D 420 -25.24 -12.49 -0.50
N THR D 421 -24.04 -12.60 -1.06
CA THR D 421 -23.69 -11.93 -2.30
C THR D 421 -23.70 -12.87 -3.49
N LEU D 422 -24.16 -14.10 -3.29
CA LEU D 422 -24.18 -15.09 -4.35
C LEU D 422 -25.41 -14.86 -5.21
N GLU D 423 -25.38 -15.36 -6.44
CA GLU D 423 -26.13 -14.76 -7.54
C GLU D 423 -27.66 -14.93 -7.53
N PRO D 424 -28.28 -16.05 -7.09
CA PRO D 424 -29.74 -16.01 -6.97
C PRO D 424 -30.20 -15.41 -5.66
N LEU D 425 -29.30 -15.17 -4.71
CA LEU D 425 -29.72 -14.70 -3.38
C LEU D 425 -29.55 -13.20 -3.26
N HIS D 426 -28.64 -12.63 -4.04
CA HIS D 426 -28.44 -11.19 -4.04
C HIS D 426 -29.62 -10.48 -4.67
N THR D 427 -30.21 -11.08 -5.70
CA THR D 427 -31.26 -10.44 -6.48
C THR D 427 -32.62 -10.76 -5.89
N LEU D 428 -32.69 -11.74 -5.00
CA LEU D 428 -33.96 -12.15 -4.43
C LEU D 428 -34.32 -11.30 -3.21
N LEU D 429 -33.31 -10.70 -2.58
CA LEU D 429 -33.56 -9.76 -1.49
C LEU D 429 -33.80 -8.36 -2.02
N HIS D 430 -33.15 -8.02 -3.12
CA HIS D 430 -33.32 -6.70 -3.72
C HIS D 430 -34.72 -6.51 -4.29
N THR D 431 -35.36 -7.61 -4.70
CA THR D 431 -36.70 -7.52 -5.27
C THR D 431 -37.75 -7.43 -4.16
N LYS D 432 -37.46 -8.02 -2.99
CA LYS D 432 -38.41 -7.94 -1.89
C LYS D 432 -38.48 -6.54 -1.30
N TRP D 433 -37.37 -5.82 -1.35
CA TRP D 433 -37.30 -4.47 -0.80
C TRP D 433 -38.11 -3.48 -1.63
N LYS D 434 -38.11 -3.64 -2.95
CA LYS D 434 -38.81 -2.71 -3.81
C LYS D 434 -40.30 -2.97 -3.90
N LYS D 435 -40.75 -4.18 -3.61
CA LYS D 435 -42.16 -4.49 -3.73
C LYS D 435 -42.97 -4.16 -2.48
N PHE D 436 -42.53 -4.56 -1.29
CA PHE D 436 -43.32 -4.30 -0.10
C PHE D 436 -42.52 -3.82 1.09
N ALA D 437 -41.22 -4.09 1.14
CA ALA D 437 -40.53 -3.98 2.42
C ALA D 437 -39.98 -2.59 2.67
N LYS D 438 -39.96 -1.71 1.68
CA LYS D 438 -39.51 -0.35 1.94
C LYS D 438 -40.69 0.53 2.29
N TYR D 439 -41.91 0.02 2.08
CA TYR D 439 -43.11 0.77 2.40
C TYR D 439 -43.58 0.42 3.81
N MET D 440 -43.29 -0.80 4.25
CA MET D 440 -43.59 -1.20 5.62
C MET D 440 -42.55 -0.63 6.59
N PHE D 441 -41.42 -0.18 6.06
CA PHE D 441 -40.37 0.35 6.92
C PHE D 441 -40.54 1.85 7.12
N PHE D 442 -41.28 2.49 6.22
CA PHE D 442 -41.61 3.90 6.42
C PHE D 442 -42.80 4.06 7.35
N LEU D 443 -43.74 3.12 7.31
CA LEU D 443 -44.91 3.20 8.19
C LEU D 443 -44.54 2.87 9.63
N SER D 444 -43.46 2.12 9.81
CA SER D 444 -43.00 1.82 11.16
C SER D 444 -42.20 2.97 11.73
N PHE D 445 -41.70 3.85 10.85
CA PHE D 445 -40.91 4.99 11.31
C PHE D 445 -41.80 6.17 11.66
N CYS D 446 -42.91 6.34 10.93
CA CYS D 446 -43.84 7.42 11.22
C CYS D 446 -44.53 7.23 12.56
N PHE D 447 -44.94 6.01 12.86
CA PHE D 447 -45.70 5.76 14.08
C PHE D 447 -44.83 5.81 15.32
N TYR D 448 -43.53 5.57 15.17
CA TYR D 448 -42.66 5.67 16.33
C TYR D 448 -42.13 7.08 16.48
N PHE D 449 -42.22 7.86 15.41
CA PHE D 449 -41.89 9.29 15.51
C PHE D 449 -43.00 10.03 16.25
N PHE D 450 -44.25 9.65 15.99
CA PHE D 450 -45.37 10.33 16.61
C PHE D 450 -45.54 9.89 18.05
N TYR D 451 -44.97 8.75 18.39
CA TYR D 451 -45.04 8.24 19.75
C TYR D 451 -44.13 9.02 20.69
N ASN D 452 -43.02 9.56 20.17
CA ASN D 452 -42.11 10.32 21.02
C ASN D 452 -42.48 11.79 21.06
N ILE D 453 -43.15 12.29 20.02
CA ILE D 453 -43.63 13.68 20.05
C ILE D 453 -44.79 13.82 21.02
N THR D 454 -45.71 12.86 21.00
CA THR D 454 -46.87 12.91 21.88
C THR D 454 -46.47 12.63 23.33
N LEU D 455 -45.45 11.80 23.53
CA LEU D 455 -44.99 11.53 24.88
C LEU D 455 -44.22 12.73 25.45
N THR D 456 -43.68 13.58 24.58
CA THR D 456 -42.96 14.74 25.06
C THR D 456 -43.91 15.88 25.41
N LEU D 457 -44.91 16.12 24.56
CA LEU D 457 -45.78 17.28 24.74
C LEU D 457 -46.71 17.13 25.92
N VAL D 458 -47.16 15.92 26.21
CA VAL D 458 -48.07 15.74 27.34
C VAL D 458 -47.28 15.72 28.65
N SER D 459 -45.96 15.57 28.56
CA SER D 459 -45.14 15.54 29.77
C SER D 459 -44.49 16.89 30.02
N TYR D 460 -44.37 17.71 28.97
CA TYR D 460 -43.79 19.03 29.12
C TYR D 460 -44.81 20.04 29.62
N TYR D 461 -46.02 19.99 29.06
CA TYR D 461 -47.12 20.86 29.46
C TYR D 461 -47.94 20.25 30.59
N ARG D 462 -47.33 20.03 31.75
CA ARG D 462 -48.07 19.51 32.89
C ARG D 462 -48.93 20.59 33.54
N HIS D 471 -50.70 14.11 37.49
CA HIS D 471 -49.94 13.20 36.65
C HIS D 471 -50.30 13.52 35.20
N PRO D 472 -49.35 13.35 34.28
CA PRO D 472 -49.56 13.84 32.90
C PRO D 472 -50.57 13.06 32.11
N LEU D 473 -50.57 11.74 32.30
CA LEU D 473 -51.05 10.83 31.27
C LEU D 473 -52.46 10.34 31.55
N ALA D 474 -53.15 9.90 30.48
CA ALA D 474 -54.40 9.13 30.46
C ALA D 474 -55.65 9.93 30.82
N LEU D 475 -55.47 11.15 31.37
CA LEU D 475 -56.55 12.14 31.60
C LEU D 475 -57.72 11.53 32.38
N THR D 476 -57.49 11.24 33.66
CA THR D 476 -58.51 10.56 34.45
C THR D 476 -59.68 11.47 34.88
N HIS D 477 -59.67 12.75 34.52
CA HIS D 477 -60.79 13.66 34.77
C HIS D 477 -61.31 14.26 33.48
N LYS D 478 -62.37 13.67 32.93
CA LYS D 478 -62.86 13.99 31.59
C LYS D 478 -63.55 15.35 31.53
N MET D 479 -62.97 16.28 30.77
CA MET D 479 -63.61 17.56 30.51
C MET D 479 -64.08 17.63 29.06
N SER D 480 -64.20 16.46 28.43
CA SER D 480 -64.52 16.27 27.01
C SER D 480 -63.57 16.99 26.09
N TRP D 481 -62.27 17.02 26.42
CA TRP D 481 -61.29 17.78 25.68
C TRP D 481 -60.99 17.10 24.35
N LEU D 482 -61.00 17.90 23.27
CA LEU D 482 -60.61 17.38 21.97
C LEU D 482 -59.10 17.15 21.96
N GLN D 483 -58.65 16.31 21.01
CA GLN D 483 -57.30 15.72 20.99
C GLN D 483 -57.00 14.98 22.29
N LEU D 484 -57.99 14.21 22.74
CA LEU D 484 -57.84 13.29 23.86
C LEU D 484 -57.16 12.00 23.45
N LEU D 485 -57.00 11.77 22.14
CA LEU D 485 -56.37 10.56 21.62
C LEU D 485 -54.90 10.48 22.01
N GLY D 486 -54.25 11.63 22.20
CA GLY D 486 -52.84 11.70 22.55
C GLY D 486 -52.49 11.03 23.86
N ARG D 487 -53.40 11.09 24.83
CA ARG D 487 -53.19 10.38 26.09
C ARG D 487 -53.54 8.91 25.93
N MET D 488 -54.33 8.57 24.91
CA MET D 488 -54.73 7.20 24.68
C MET D 488 -53.72 6.47 23.79
N PHE D 489 -53.22 7.18 22.77
CA PHE D 489 -52.34 6.59 21.77
C PHE D 489 -51.00 6.18 22.38
N VAL D 490 -50.52 6.94 23.36
CA VAL D 490 -49.28 6.60 24.04
C VAL D 490 -49.47 5.34 24.89
N LEU D 491 -50.65 5.22 25.49
CA LEU D 491 -50.90 4.13 26.43
C LEU D 491 -51.13 2.81 25.70
N ILE D 492 -51.78 2.86 24.53
CA ILE D 492 -52.05 1.64 23.77
C ILE D 492 -50.78 1.14 23.08
N TRP D 493 -50.03 2.05 22.46
CA TRP D 493 -48.86 1.66 21.68
C TRP D 493 -47.73 1.16 22.56
N ALA D 494 -47.73 1.53 23.83
CA ALA D 494 -46.68 1.06 24.73
C ALA D 494 -46.99 -0.34 25.25
N THR D 495 -48.23 -0.79 25.08
CA THR D 495 -48.56 -2.18 25.40
C THR D 495 -48.28 -3.09 24.21
N CYS D 496 -48.45 -2.57 23.00
CA CYS D 496 -48.25 -3.37 21.80
C CYS D 496 -46.77 -3.64 21.54
N ILE D 497 -45.89 -2.77 22.07
CA ILE D 497 -44.46 -3.03 21.93
C ILE D 497 -44.01 -4.06 22.97
N SER D 498 -44.51 -3.93 24.20
CA SER D 498 -44.05 -4.77 25.29
C SER D 498 -44.48 -6.22 25.13
N VAL D 499 -45.66 -6.44 24.54
CA VAL D 499 -46.10 -7.80 24.23
C VAL D 499 -45.26 -8.36 23.08
N LYS D 500 -45.04 -7.55 22.05
CA LYS D 500 -44.32 -8.01 20.86
C LYS D 500 -42.85 -8.28 21.17
N GLU D 501 -42.28 -7.51 22.10
CA GLU D 501 -40.90 -7.76 22.48
C GLU D 501 -40.81 -8.80 23.59
N GLY D 502 -41.94 -9.09 24.25
CA GLY D 502 -41.94 -10.17 25.20
C GLY D 502 -41.81 -11.52 24.54
N ILE D 503 -42.24 -11.62 23.28
CA ILE D 503 -42.14 -12.87 22.55
C ILE D 503 -40.74 -13.04 21.98
N ALA D 504 -40.22 -11.99 21.34
CA ALA D 504 -38.99 -12.11 20.57
C ALA D 504 -37.76 -12.22 21.47
N ILE D 505 -37.86 -11.75 22.72
CA ILE D 505 -36.81 -12.02 23.69
C ILE D 505 -36.89 -13.48 24.13
N PHE D 506 -38.10 -13.99 24.29
CA PHE D 506 -38.30 -15.34 24.81
C PHE D 506 -37.90 -16.41 23.80
N LEU D 507 -38.09 -16.16 22.51
CA LEU D 507 -37.74 -17.15 21.51
C LEU D 507 -36.24 -17.16 21.24
N LEU D 508 -35.66 -15.98 21.07
CA LEU D 508 -34.25 -15.83 20.76
C LEU D 508 -33.36 -16.16 21.96
N ARG D 509 -32.49 -17.17 21.79
CA ARG D 509 -31.38 -17.39 22.73
C ARG D 509 -30.18 -18.06 22.04
N PRO D 510 -29.37 -17.33 21.26
CA PRO D 510 -27.97 -17.77 21.03
C PRO D 510 -27.03 -17.29 22.13
N SER D 511 -26.92 -18.10 23.19
CA SER D 511 -26.25 -17.70 24.43
C SER D 511 -24.78 -17.41 24.24
N ASP D 512 -24.44 -16.12 24.27
CA ASP D 512 -23.14 -15.60 23.88
C ASP D 512 -23.10 -14.13 24.27
N LEU D 513 -21.89 -13.63 24.58
CA LEU D 513 -21.73 -12.20 24.81
C LEU D 513 -21.71 -11.42 23.50
N GLN D 514 -21.41 -12.11 22.39
CA GLN D 514 -21.41 -11.45 21.09
C GLN D 514 -22.82 -11.29 20.54
N SER D 515 -23.78 -12.01 21.11
CA SER D 515 -25.15 -11.96 20.61
C SER D 515 -25.83 -10.64 20.93
N ILE D 516 -25.62 -10.14 22.15
CA ILE D 516 -26.32 -8.94 22.61
C ILE D 516 -25.77 -7.70 21.91
N LEU D 517 -24.48 -7.69 21.62
CA LEU D 517 -23.82 -6.54 21.00
C LEU D 517 -24.08 -6.42 19.51
N SER D 518 -24.76 -7.37 18.90
CA SER D 518 -24.84 -7.36 17.44
C SER D 518 -26.25 -7.54 16.92
N ASP D 519 -27.09 -8.34 17.58
CA ASP D 519 -28.40 -8.60 17.00
C ASP D 519 -29.53 -8.09 17.85
N ALA D 520 -29.60 -8.53 19.11
CA ALA D 520 -30.70 -8.22 20.01
C ALA D 520 -30.35 -7.13 21.01
N TRP D 521 -29.57 -6.12 20.60
CA TRP D 521 -29.44 -4.94 21.44
C TRP D 521 -30.74 -4.16 21.46
N PHE D 522 -31.41 -4.05 20.31
CA PHE D 522 -32.58 -3.21 20.24
C PHE D 522 -33.84 -3.95 20.63
N HIS D 523 -33.76 -5.27 20.79
CA HIS D 523 -34.92 -6.00 21.29
C HIS D 523 -35.12 -5.74 22.77
N PHE D 524 -34.04 -5.44 23.47
CA PHE D 524 -34.15 -5.16 24.90
C PHE D 524 -34.55 -3.70 25.13
N VAL D 525 -33.95 -2.78 24.37
CA VAL D 525 -34.09 -1.36 24.71
C VAL D 525 -35.32 -0.76 24.04
N PHE D 526 -36.13 -1.58 23.38
CA PHE D 526 -37.50 -1.12 23.11
C PHE D 526 -38.43 -1.72 24.14
N PHE D 527 -37.98 -2.76 24.82
CA PHE D 527 -38.80 -3.39 25.85
C PHE D 527 -38.63 -2.67 27.18
N VAL D 528 -37.48 -2.04 27.38
CA VAL D 528 -37.24 -1.24 28.59
C VAL D 528 -38.16 -0.04 28.62
N GLN D 529 -38.22 0.69 27.50
CA GLN D 529 -39.02 1.91 27.40
C GLN D 529 -40.51 1.63 27.54
N ALA D 530 -40.97 0.52 26.95
CA ALA D 530 -42.39 0.21 27.02
C ALA D 530 -42.80 -0.27 28.42
N VAL D 531 -41.83 -0.69 29.22
CA VAL D 531 -42.13 -0.97 30.63
C VAL D 531 -42.21 0.33 31.42
N LEU D 532 -41.25 1.24 31.19
CA LEU D 532 -41.13 2.45 31.99
C LEU D 532 -42.30 3.40 31.80
N VAL D 533 -42.96 3.35 30.65
CA VAL D 533 -44.16 4.15 30.46
C VAL D 533 -45.31 3.54 31.25
N ILE D 534 -45.44 2.21 31.21
CA ILE D 534 -46.54 1.53 31.89
C ILE D 534 -46.32 1.51 33.40
N LEU D 535 -45.08 1.29 33.83
CA LEU D 535 -44.80 1.16 35.25
C LEU D 535 -44.93 2.50 35.95
N SER D 536 -44.71 3.60 35.24
CA SER D 536 -44.86 4.93 35.85
C SER D 536 -46.32 5.25 36.11
N VAL D 537 -47.23 4.66 35.32
CA VAL D 537 -48.65 4.85 35.57
C VAL D 537 -49.08 4.03 36.78
N PHE D 538 -48.45 2.86 36.96
CA PHE D 538 -48.83 1.99 38.07
C PHE D 538 -48.25 2.48 39.39
N LEU D 539 -47.16 3.26 39.33
CA LEU D 539 -46.62 3.83 40.56
C LEU D 539 -47.50 4.96 41.08
N TYR D 540 -48.09 5.74 40.17
CA TYR D 540 -48.80 6.95 40.57
C TYR D 540 -50.09 6.61 41.31
N LEU D 541 -50.72 5.48 40.97
CA LEU D 541 -52.08 5.23 41.40
C LEU D 541 -52.20 4.95 42.90
N PHE D 542 -51.14 4.47 43.56
CA PHE D 542 -51.28 4.43 45.01
C PHE D 542 -50.82 5.73 45.68
N ALA D 543 -49.50 5.91 45.84
CA ALA D 543 -48.96 7.17 46.34
C ALA D 543 -47.53 7.45 45.93
N TYR D 544 -46.92 6.57 45.13
CA TYR D 544 -45.50 6.21 45.31
C TYR D 544 -44.51 7.33 44.99
N LYS D 545 -44.94 8.42 44.36
CA LYS D 545 -44.21 9.69 44.22
C LYS D 545 -42.97 9.60 43.31
N GLU D 546 -42.61 8.40 42.86
CA GLU D 546 -41.50 8.23 41.92
C GLU D 546 -42.02 8.17 40.48
N TYR D 547 -43.07 8.94 40.18
CA TYR D 547 -43.75 8.86 38.89
C TYR D 547 -43.22 9.91 37.93
N LEU D 548 -42.10 10.55 38.27
CA LEU D 548 -41.53 11.54 37.38
C LEU D 548 -40.12 11.12 37.05
N ALA D 549 -39.55 10.25 37.88
CA ALA D 549 -38.25 9.67 37.57
C ALA D 549 -38.33 8.77 36.35
N CYS D 550 -39.37 7.93 36.28
CA CYS D 550 -39.47 6.97 35.18
C CYS D 550 -39.85 7.66 33.88
N LEU D 551 -40.62 8.75 33.95
CA LEU D 551 -41.09 9.40 32.74
C LEU D 551 -39.98 10.14 32.01
N VAL D 552 -38.99 10.64 32.76
CA VAL D 552 -37.86 11.28 32.11
C VAL D 552 -36.91 10.23 31.54
N LEU D 553 -36.78 9.09 32.23
CA LEU D 553 -36.05 7.95 31.70
C LEU D 553 -36.71 7.42 30.43
N ALA D 554 -38.05 7.37 30.42
CA ALA D 554 -38.77 6.86 29.25
C ALA D 554 -38.70 7.84 28.09
N MET D 555 -38.53 9.13 28.38
CA MET D 555 -38.41 10.08 27.27
C MET D 555 -36.98 10.18 26.76
N ALA D 556 -35.99 10.16 27.66
CA ALA D 556 -34.61 10.34 27.23
C ALA D 556 -34.09 9.10 26.52
N LEU D 557 -34.55 7.92 26.94
CA LEU D 557 -34.21 6.71 26.21
C LEU D 557 -34.98 6.61 24.89
N GLY D 558 -36.17 7.21 24.84
CA GLY D 558 -37.02 7.06 23.67
C GLY D 558 -36.54 7.87 22.48
N TRP D 559 -35.58 8.78 22.70
CA TRP D 559 -34.99 9.50 21.58
C TRP D 559 -33.65 8.91 21.17
N ALA D 560 -33.05 8.09 22.03
CA ALA D 560 -31.80 7.43 21.69
C ALA D 560 -32.08 6.28 20.73
N ASN D 561 -33.27 5.69 20.82
CA ASN D 561 -33.61 4.53 20.04
C ASN D 561 -33.83 4.81 18.56
N MET D 562 -34.00 6.07 18.18
CA MET D 562 -34.43 6.40 16.83
C MET D 562 -33.25 6.47 15.86
N LEU D 563 -32.05 6.09 16.30
CA LEU D 563 -30.95 5.89 15.36
C LEU D 563 -31.01 4.51 14.72
N TYR D 564 -31.84 3.62 15.26
CA TYR D 564 -32.19 2.34 14.66
C TYR D 564 -32.70 2.50 13.24
N TYR D 565 -33.48 3.53 12.99
CA TYR D 565 -34.19 3.62 11.73
C TYR D 565 -33.34 4.17 10.59
N THR D 566 -32.04 4.29 10.79
CA THR D 566 -31.14 4.79 9.75
C THR D 566 -30.81 3.76 8.69
N ARG D 567 -31.20 2.50 8.86
CA ARG D 567 -30.76 1.44 7.96
C ARG D 567 -31.59 1.34 6.69
N GLY D 568 -32.40 2.35 6.41
CA GLY D 568 -33.13 2.38 5.16
C GLY D 568 -32.36 3.07 4.06
N PHE D 569 -31.34 3.84 4.44
CA PHE D 569 -30.51 4.56 3.49
C PHE D 569 -29.09 4.04 3.57
N GLN D 570 -28.44 3.90 2.43
CA GLN D 570 -27.08 3.39 2.37
C GLN D 570 -26.09 4.38 2.95
N SER D 571 -26.36 5.68 2.78
CA SER D 571 -25.48 6.74 3.24
C SER D 571 -25.48 6.86 4.76
N MET D 572 -26.67 7.02 5.35
CA MET D 572 -26.75 7.15 6.80
C MET D 572 -26.59 5.81 7.52
N GLY D 573 -26.86 4.70 6.82
CA GLY D 573 -26.82 3.42 7.48
C GLY D 573 -25.41 2.96 7.79
N MET D 574 -24.50 3.15 6.83
CA MET D 574 -23.12 2.75 7.00
C MET D 574 -22.40 3.62 8.02
N TYR D 575 -22.86 4.87 8.19
CA TYR D 575 -22.30 5.75 9.21
C TYR D 575 -22.59 5.23 10.61
N SER D 576 -23.80 4.73 10.83
CA SER D 576 -24.17 4.27 12.16
C SER D 576 -23.52 2.94 12.49
N VAL D 577 -23.16 2.16 11.48
CA VAL D 577 -22.38 0.94 11.67
C VAL D 577 -21.04 1.27 12.30
N MET D 578 -20.37 2.30 11.80
CA MET D 578 -19.05 2.66 12.31
C MET D 578 -19.12 3.31 13.69
N ILE D 579 -20.31 3.73 14.12
CA ILE D 579 -20.47 4.17 15.50
C ILE D 579 -20.33 2.98 16.43
N GLN D 580 -20.81 1.81 15.98
CA GLN D 580 -20.74 0.60 16.81
C GLN D 580 -19.30 0.13 16.98
N LYS D 581 -18.51 0.18 15.90
CA LYS D 581 -17.15 -0.33 15.95
C LYS D 581 -16.22 0.60 16.73
N VAL D 582 -16.60 1.87 16.87
CA VAL D 582 -15.79 2.84 17.60
C VAL D 582 -16.08 2.77 19.09
N ILE D 583 -17.34 2.52 19.46
CA ILE D 583 -17.67 2.43 20.88
C ILE D 583 -17.09 1.16 21.49
N LEU D 584 -17.14 0.05 20.75
CA LEU D 584 -16.59 -1.20 21.27
C LEU D 584 -15.07 -1.20 21.34
N HIS D 585 -14.42 -0.90 20.22
CA HIS D 585 -13.00 -1.14 20.08
C HIS D 585 -12.14 0.00 20.58
N ASP D 586 -12.71 1.17 20.87
CA ASP D 586 -11.86 2.31 21.18
C ASP D 586 -12.23 3.05 22.47
N VAL D 587 -13.52 3.20 22.74
CA VAL D 587 -13.95 4.17 23.77
C VAL D 587 -14.00 3.50 25.15
N LEU D 588 -14.31 2.22 25.19
CA LEU D 588 -14.46 1.53 26.47
C LEU D 588 -13.11 1.33 27.15
N LYS D 589 -12.03 1.28 26.37
CA LYS D 589 -10.70 1.13 26.96
C LYS D 589 -10.16 2.47 27.43
N PHE D 590 -10.59 3.55 26.78
CA PHE D 590 -10.20 4.89 27.21
C PHE D 590 -10.77 5.22 28.59
N LEU D 591 -11.98 4.77 28.86
CA LEU D 591 -12.68 5.17 30.08
C LEU D 591 -12.08 4.51 31.32
N PHE D 592 -11.54 3.30 31.16
CA PHE D 592 -11.01 2.59 32.31
C PHE D 592 -9.68 3.19 32.76
N VAL D 593 -8.92 3.75 31.83
CA VAL D 593 -7.63 4.32 32.19
C VAL D 593 -7.81 5.71 32.80
N TYR D 594 -8.83 6.44 32.33
CA TYR D 594 -9.04 7.80 32.79
C TYR D 594 -9.61 7.85 34.20
N ILE D 595 -10.51 6.92 34.54
CA ILE D 595 -11.07 6.86 35.89
C ILE D 595 -10.00 6.43 36.89
N LEU D 596 -9.00 5.68 36.43
CA LEU D 596 -7.86 5.28 37.25
C LEU D 596 -7.02 6.49 37.66
N PHE D 597 -7.06 7.57 36.87
CA PHE D 597 -6.39 8.81 37.25
C PHE D 597 -7.36 9.78 37.93
N LEU D 598 -8.64 9.71 37.58
CA LEU D 598 -9.63 10.64 38.11
C LEU D 598 -9.95 10.32 39.56
N LEU D 599 -9.96 9.03 39.92
CA LEU D 599 -10.07 8.64 41.32
C LEU D 599 -8.70 8.44 41.95
N GLY D 600 -7.65 8.48 41.13
CA GLY D 600 -6.30 8.47 41.62
C GLY D 600 -5.84 9.83 42.09
N PHE D 601 -6.00 10.83 41.22
CA PHE D 601 -5.67 12.20 41.62
C PHE D 601 -6.73 12.77 42.54
N GLY D 602 -8.00 12.46 42.27
CA GLY D 602 -9.14 13.09 42.91
C GLY D 602 -9.24 13.05 44.41
N VAL D 603 -8.99 11.89 45.01
CA VAL D 603 -9.03 11.82 46.47
C VAL D 603 -7.70 12.36 47.00
N ALA D 604 -6.63 12.21 46.24
CA ALA D 604 -5.30 12.59 46.67
C ALA D 604 -4.95 14.02 46.35
N LEU D 605 -5.94 14.89 46.09
CA LEU D 605 -5.73 16.32 46.01
C LEU D 605 -5.97 17.05 47.32
N ALA D 606 -6.60 16.41 48.30
CA ALA D 606 -6.95 17.08 49.54
C ALA D 606 -5.75 17.27 50.47
N SER D 607 -4.73 17.99 50.00
CA SER D 607 -3.50 18.18 50.77
C SER D 607 -3.25 19.65 51.05
N LEU D 608 -3.26 20.50 50.02
CA LEU D 608 -3.07 21.93 50.25
C LEU D 608 -4.39 22.62 50.56
N ILE D 609 -5.51 21.92 50.35
CA ILE D 609 -6.84 22.43 50.68
C ILE D 609 -7.70 21.35 51.33
N GLU D 610 -7.83 21.41 52.65
CA GLU D 610 -8.70 20.49 53.38
C GLU D 610 -9.20 21.13 54.65
N TYR D 622 -12.52 18.06 53.60
CA TYR D 622 -12.83 18.79 52.37
C TYR D 622 -14.07 18.19 51.71
N GLY D 623 -14.44 16.99 52.14
CA GLY D 623 -15.40 16.23 51.36
C GLY D 623 -14.89 15.91 49.99
N SER D 624 -13.65 15.42 49.92
CA SER D 624 -12.80 15.45 48.73
C SER D 624 -13.38 14.64 47.58
N PHE D 625 -14.06 13.54 47.89
CA PHE D 625 -14.48 12.58 46.88
C PHE D 625 -15.65 13.10 46.05
N SER D 626 -16.41 14.04 46.59
CA SER D 626 -17.45 14.68 45.79
C SER D 626 -16.94 15.97 45.18
N ASP D 627 -16.03 16.65 45.88
CA ASP D 627 -15.68 18.01 45.51
C ASP D 627 -14.40 18.09 44.69
N ALA D 628 -13.31 17.52 45.20
CA ALA D 628 -12.03 17.58 44.49
C ALA D 628 -12.04 16.72 43.24
N VAL D 629 -12.92 15.71 43.21
CA VAL D 629 -13.17 15.02 41.95
C VAL D 629 -13.94 15.94 41.00
N LEU D 630 -14.83 16.78 41.55
CA LEU D 630 -15.64 17.63 40.68
C LEU D 630 -14.83 18.79 40.14
N GLU D 631 -13.82 19.24 40.90
CA GLU D 631 -13.00 20.35 40.40
C GLU D 631 -12.01 19.88 39.36
N LEU D 632 -11.84 18.57 39.20
CA LEU D 632 -11.03 18.06 38.10
C LEU D 632 -11.88 17.62 36.93
N PHE D 633 -13.18 17.48 37.13
CA PHE D 633 -14.05 17.17 35.98
C PHE D 633 -14.60 18.45 35.36
N LYS D 634 -14.85 19.48 36.17
CA LYS D 634 -15.25 20.76 35.62
C LYS D 634 -14.14 21.36 34.78
N LEU D 635 -12.89 21.21 35.23
CA LEU D 635 -11.71 21.64 34.50
C LEU D 635 -11.54 20.90 33.17
N THR D 636 -12.09 19.71 33.05
CA THR D 636 -11.94 18.92 31.82
C THR D 636 -13.03 19.30 30.82
N ILE D 637 -14.22 19.68 31.32
CA ILE D 637 -15.29 20.23 30.50
C ILE D 637 -14.82 21.53 29.86
N GLY D 638 -14.21 22.39 30.65
CA GLY D 638 -13.71 23.63 30.12
C GLY D 638 -13.86 24.83 31.03
N LEU D 639 -14.81 24.81 31.95
CA LEU D 639 -14.89 25.87 32.94
C LEU D 639 -13.90 25.59 34.07
N GLY D 640 -13.60 26.61 34.86
CA GLY D 640 -12.66 26.40 35.95
C GLY D 640 -12.81 27.47 37.00
N ASP D 641 -12.52 27.09 38.24
CA ASP D 641 -12.73 27.98 39.36
C ASP D 641 -11.45 28.03 40.19
N LEU D 642 -10.79 29.17 40.18
CA LEU D 642 -9.44 29.31 40.71
C LEU D 642 -9.41 29.95 42.10
N ASN D 643 -10.53 29.95 42.81
CA ASN D 643 -10.55 30.46 44.17
C ASN D 643 -9.90 29.49 45.15
N ILE D 644 -9.87 28.21 44.80
CA ILE D 644 -9.23 27.21 45.65
C ILE D 644 -7.71 27.26 45.53
N GLN D 645 -7.19 27.68 44.39
CA GLN D 645 -5.76 27.86 44.22
C GLN D 645 -5.28 29.12 44.95
N GLN D 646 -6.11 30.16 44.97
CA GLN D 646 -5.78 31.34 45.76
C GLN D 646 -5.90 31.08 47.25
N ASN D 647 -6.82 30.21 47.66
CA ASN D 647 -7.04 29.90 49.07
C ASN D 647 -6.33 28.60 49.44
N SER D 648 -5.22 28.33 48.79
CA SER D 648 -4.42 27.15 49.08
C SER D 648 -3.46 27.41 50.21
N THR D 649 -2.96 26.33 50.81
CA THR D 649 -1.86 26.43 51.76
C THR D 649 -0.61 26.95 51.07
N TYR D 650 -0.27 26.35 49.94
CA TYR D 650 0.89 26.75 49.15
C TYR D 650 0.43 27.31 47.81
N PRO D 651 0.91 28.49 47.43
CA PRO D 651 0.86 28.92 46.02
C PRO D 651 1.83 28.11 45.17
N ILE D 652 2.18 28.66 44.01
CA ILE D 652 2.39 28.02 42.69
C ILE D 652 2.73 26.52 42.67
N LEU D 653 3.38 25.99 43.71
CA LEU D 653 3.42 24.54 43.99
C LEU D 653 2.06 23.84 43.87
N PHE D 654 0.93 24.51 44.15
CA PHE D 654 -0.37 23.93 43.82
C PHE D 654 -0.67 24.06 42.33
N LEU D 655 0.23 23.53 41.52
CA LEU D 655 0.02 23.22 40.13
C LEU D 655 0.54 21.85 39.76
N PHE D 656 1.39 21.22 40.59
CA PHE D 656 2.07 19.99 40.18
C PHE D 656 1.11 18.82 40.06
N LEU D 657 0.14 18.70 40.96
CA LEU D 657 -0.89 17.72 40.75
C LEU D 657 -1.93 18.22 39.75
N LEU D 658 -1.89 19.51 39.40
CA LEU D 658 -2.84 20.06 38.45
C LEU D 658 -2.25 20.14 37.05
N ILE D 659 -0.91 20.19 36.95
CA ILE D 659 -0.27 20.09 35.64
C ILE D 659 -0.20 18.63 35.20
N THR D 660 0.18 17.72 36.12
CA THR D 660 0.29 16.29 35.81
C THR D 660 -1.05 15.69 35.41
N TYR D 661 -2.15 16.32 35.85
CA TYR D 661 -3.46 15.92 35.35
C TYR D 661 -3.67 16.36 33.91
N VAL D 662 -3.24 17.58 33.55
CA VAL D 662 -3.53 18.11 32.22
C VAL D 662 -2.63 17.52 31.14
N ILE D 663 -1.38 17.17 31.48
CA ILE D 663 -0.48 16.50 30.55
C ILE D 663 -1.02 15.14 30.13
N LEU D 664 -1.52 14.36 31.09
CA LEU D 664 -1.95 13.00 30.79
C LEU D 664 -3.26 12.98 30.02
N THR D 665 -4.23 13.79 30.42
CA THR D 665 -5.59 13.60 29.92
C THR D 665 -5.77 14.29 28.57
N PHE D 666 -4.87 15.19 28.21
CA PHE D 666 -5.06 15.94 26.97
C PHE D 666 -4.02 15.57 25.93
N VAL D 667 -2.74 15.67 26.29
CA VAL D 667 -1.66 15.37 25.36
C VAL D 667 -1.62 13.86 25.14
N LEU D 668 -1.65 13.09 26.21
CA LEU D 668 -1.44 11.66 26.05
C LEU D 668 -2.71 10.89 25.69
N LEU D 669 -3.72 10.90 26.58
CA LEU D 669 -4.81 9.94 26.44
C LEU D 669 -5.79 10.24 25.31
N LEU D 670 -6.18 11.50 25.14
CA LEU D 670 -7.13 11.83 24.07
C LEU D 670 -6.52 11.78 22.68
N ASN D 671 -5.25 12.19 22.56
CA ASN D 671 -4.63 12.21 21.24
C ASN D 671 -4.25 10.80 20.79
N MET D 672 -4.21 9.85 21.71
CA MET D 672 -3.99 8.47 21.32
C MET D 672 -5.31 7.78 21.00
N LEU D 673 -6.42 8.37 21.42
CA LEU D 673 -7.72 7.86 21.00
C LEU D 673 -7.98 8.15 19.54
N ILE D 674 -7.65 9.37 19.09
CA ILE D 674 -7.81 9.76 17.68
C ILE D 674 -6.88 8.95 16.80
N ALA D 675 -5.70 8.61 17.32
CA ALA D 675 -4.73 7.82 16.56
C ALA D 675 -5.20 6.38 16.40
N LEU D 676 -6.09 5.92 17.27
CA LEU D 676 -6.58 4.55 17.14
C LEU D 676 -7.90 4.48 16.38
N MET D 677 -8.69 5.55 16.39
CA MET D 677 -9.91 5.57 15.58
C MET D 677 -9.58 5.69 14.10
N GLY D 678 -8.44 6.29 13.77
CA GLY D 678 -8.01 6.33 12.39
C GLY D 678 -7.62 4.96 11.88
N GLU D 679 -7.04 4.14 12.76
CA GLU D 679 -6.71 2.77 12.40
C GLU D 679 -7.96 1.91 12.32
N THR D 680 -8.98 2.23 13.12
CA THR D 680 -10.17 1.39 13.20
C THR D 680 -11.13 1.67 12.05
N VAL D 681 -11.24 2.93 11.64
CA VAL D 681 -12.07 3.30 10.49
C VAL D 681 -11.48 2.73 9.21
N GLU D 682 -10.15 2.68 9.13
CA GLU D 682 -9.46 2.21 7.93
C GLU D 682 -9.71 0.73 7.66
N ASN D 683 -9.93 -0.06 8.71
CA ASN D 683 -10.14 -1.49 8.52
C ASN D 683 -11.61 -1.83 8.29
N VAL D 684 -12.54 -1.04 8.84
CA VAL D 684 -13.95 -1.36 8.71
C VAL D 684 -14.60 -0.70 7.50
N SER D 685 -13.88 0.17 6.79
CA SER D 685 -14.48 0.85 5.65
C SER D 685 -14.66 -0.06 4.45
N LYS D 686 -13.85 -1.11 4.34
CA LYS D 686 -14.01 -2.07 3.27
C LYS D 686 -15.10 -3.09 3.55
N GLU D 687 -15.49 -3.26 4.81
CA GLU D 687 -16.48 -4.26 5.17
C GLU D 687 -17.84 -3.67 5.49
N SER D 688 -17.97 -2.34 5.52
CA SER D 688 -19.18 -1.74 6.07
C SER D 688 -20.35 -1.85 5.12
N GLU D 689 -20.10 -2.13 3.84
CA GLU D 689 -21.20 -2.25 2.90
C GLU D 689 -21.87 -3.62 3.02
N ARG D 690 -21.09 -4.65 3.33
CA ARG D 690 -21.66 -5.98 3.48
C ARG D 690 -22.24 -6.17 4.87
N ILE D 691 -21.60 -5.61 5.91
CA ILE D 691 -22.10 -5.80 7.27
C ILE D 691 -23.32 -4.92 7.51
N TRP D 692 -23.54 -3.94 6.64
CA TRP D 692 -24.81 -3.22 6.65
C TRP D 692 -25.92 -4.06 6.03
N ARG D 693 -25.61 -4.79 4.95
CA ARG D 693 -26.66 -5.53 4.25
C ARG D 693 -27.09 -6.76 5.02
N LEU D 694 -26.29 -7.19 5.98
CA LEU D 694 -26.70 -8.27 6.87
C LEU D 694 -27.71 -7.79 7.88
N GLN D 695 -27.75 -6.48 8.11
CA GLN D 695 -28.74 -5.90 9.02
C GLN D 695 -30.07 -5.73 8.33
N ARG D 696 -30.04 -5.34 7.07
CA ARG D 696 -31.28 -5.04 6.35
C ARG D 696 -31.96 -6.32 5.89
N ALA D 697 -31.20 -7.41 5.75
CA ALA D 697 -31.77 -8.66 5.28
C ALA D 697 -32.59 -9.34 6.36
N ARG D 698 -32.25 -9.10 7.62
CA ARG D 698 -33.02 -9.63 8.74
C ARG D 698 -34.30 -8.83 8.92
N THR D 699 -34.31 -7.58 8.47
CA THR D 699 -35.50 -6.74 8.51
C THR D 699 -36.56 -7.22 7.53
N ILE D 700 -36.11 -7.55 6.31
CA ILE D 700 -37.03 -7.94 5.23
C ILE D 700 -37.71 -9.26 5.58
N LEU D 701 -36.99 -10.16 6.24
CA LEU D 701 -37.52 -11.48 6.52
C LEU D 701 -38.40 -11.50 7.77
N GLU D 702 -38.55 -10.37 8.43
CA GLU D 702 -39.50 -10.30 9.54
C GLU D 702 -40.76 -9.55 9.16
N PHE D 703 -40.66 -8.66 8.18
CA PHE D 703 -41.85 -8.06 7.60
C PHE D 703 -42.66 -9.06 6.81
N GLU D 704 -41.99 -10.09 6.29
CA GLU D 704 -42.67 -11.07 5.45
C GLU D 704 -43.51 -12.02 6.29
N LYS D 705 -43.10 -12.25 7.54
CA LYS D 705 -43.84 -13.16 8.40
C LYS D 705 -45.17 -12.57 8.85
N MET D 706 -45.23 -11.24 9.01
CA MET D 706 -46.46 -10.58 9.44
C MET D 706 -47.29 -10.12 8.23
N LEU D 707 -47.50 -11.03 7.30
CA LEU D 707 -48.39 -10.78 6.18
C LEU D 707 -49.40 -11.92 6.09
N PRO D 708 -50.66 -11.62 5.83
CA PRO D 708 -51.65 -12.68 5.65
C PRO D 708 -51.44 -13.42 4.35
N GLU D 709 -52.11 -14.57 4.25
CA GLU D 709 -51.81 -15.51 3.17
C GLU D 709 -52.36 -15.03 1.82
N TRP D 710 -53.39 -14.18 1.85
CA TRP D 710 -53.90 -13.63 0.59
C TRP D 710 -52.96 -12.56 0.05
N LEU D 711 -52.08 -12.03 0.89
CA LEU D 711 -51.21 -10.93 0.46
C LEU D 711 -49.80 -11.44 0.17
N ARG D 712 -49.46 -12.63 0.68
CA ARG D 712 -48.22 -13.29 0.30
C ARG D 712 -48.25 -13.68 -1.18
N SER D 713 -49.42 -14.04 -1.68
CA SER D 713 -49.53 -14.56 -3.04
C SER D 713 -49.34 -13.46 -4.07
N ARG D 714 -49.75 -12.24 -3.75
CA ARG D 714 -49.61 -11.14 -4.70
C ARG D 714 -48.16 -10.68 -4.81
N PHE D 715 -47.45 -10.59 -3.70
CA PHE D 715 -46.03 -10.25 -3.69
C PHE D 715 -45.27 -11.56 -3.71
N ARG D 716 -45.02 -12.09 -4.91
CA ARG D 716 -44.29 -13.35 -5.03
C ARG D 716 -43.51 -13.38 -6.32
N MET D 717 -42.23 -13.68 -6.21
CA MET D 717 -41.33 -13.78 -7.35
C MET D 717 -41.47 -15.14 -8.02
N GLY D 718 -41.02 -15.21 -9.25
CA GLY D 718 -41.00 -16.50 -9.89
C GLY D 718 -41.97 -16.58 -11.06
N GLU D 719 -41.68 -17.51 -11.96
CA GLU D 719 -42.54 -17.77 -13.12
C GLU D 719 -42.39 -19.23 -13.50
N LEU D 720 -43.51 -19.89 -13.80
CA LEU D 720 -43.44 -21.29 -14.19
C LEU D 720 -42.88 -21.43 -15.58
N CYS D 721 -41.70 -22.04 -15.66
CA CYS D 721 -41.03 -22.27 -16.93
C CYS D 721 -41.13 -23.75 -17.25
N LYS D 722 -40.81 -24.10 -18.48
CA LYS D 722 -40.75 -25.49 -18.91
C LYS D 722 -39.33 -25.78 -19.30
N VAL D 723 -38.59 -26.42 -18.40
CA VAL D 723 -37.15 -26.57 -18.55
C VAL D 723 -36.77 -27.93 -19.11
N ALA D 724 -37.69 -28.89 -19.10
CA ALA D 724 -37.46 -30.21 -19.66
C ALA D 724 -38.80 -30.84 -20.00
N ASP D 725 -38.81 -32.15 -20.22
CA ASP D 725 -40.05 -32.88 -20.51
C ASP D 725 -40.82 -33.03 -19.22
N GLU D 726 -41.92 -32.29 -19.08
CA GLU D 726 -42.84 -32.23 -17.95
C GLU D 726 -42.16 -31.78 -16.66
N ASP D 727 -41.07 -31.02 -16.73
CA ASP D 727 -40.40 -30.50 -15.54
C ASP D 727 -40.70 -29.01 -15.50
N PHE D 728 -41.65 -28.61 -14.67
CA PHE D 728 -41.99 -27.21 -14.49
C PHE D 728 -41.42 -26.71 -13.17
N ARG D 729 -40.59 -25.66 -13.25
CA ARG D 729 -39.93 -25.14 -12.07
C ARG D 729 -40.29 -23.67 -11.94
N LEU D 730 -39.85 -23.06 -10.83
CA LEU D 730 -40.23 -21.71 -10.48
C LEU D 730 -38.99 -20.82 -10.49
N CYS D 731 -38.81 -20.06 -11.56
CA CYS D 731 -37.51 -19.55 -11.97
C CYS D 731 -37.42 -18.04 -11.83
N LEU D 732 -36.19 -17.52 -11.93
CA LEU D 732 -35.90 -16.10 -11.73
C LEU D 732 -34.92 -15.63 -12.80
N ARG D 733 -35.38 -14.74 -13.69
CA ARG D 733 -34.62 -14.35 -14.86
C ARG D 733 -33.66 -13.20 -14.60
N ILE D 734 -32.40 -13.37 -15.01
CA ILE D 734 -31.36 -12.36 -14.88
C ILE D 734 -30.63 -12.22 -16.21
N ASN D 735 -30.45 -10.98 -16.67
CA ASN D 735 -29.80 -10.70 -17.95
C ASN D 735 -28.31 -10.41 -17.77
N GLU D 736 -27.58 -10.47 -18.88
CA GLU D 736 -26.12 -10.40 -18.83
C GLU D 736 -25.60 -9.94 -20.19
N VAL D 737 -24.47 -9.23 -20.18
CA VAL D 737 -23.75 -8.83 -21.39
C VAL D 737 -22.29 -9.23 -21.22
N LYS D 738 -21.76 -10.01 -22.16
CA LYS D 738 -20.42 -10.57 -22.05
C LYS D 738 -19.67 -10.43 -23.38
N TRP D 739 -18.52 -9.77 -23.34
CA TRP D 739 -17.78 -9.42 -24.56
C TRP D 739 -16.51 -10.23 -24.73
N THR D 740 -16.21 -11.17 -23.84
CA THR D 740 -14.89 -11.79 -23.81
C THR D 740 -14.85 -13.21 -24.34
N GLU D 741 -15.93 -13.97 -24.23
CA GLU D 741 -15.97 -15.34 -24.71
C GLU D 741 -16.88 -15.40 -25.92
N TRP D 742 -16.31 -15.69 -27.09
CA TRP D 742 -17.07 -15.76 -28.32
C TRP D 742 -17.24 -17.22 -28.69
N LYS D 743 -18.44 -17.73 -28.52
CA LYS D 743 -18.78 -19.10 -28.87
C LYS D 743 -20.10 -19.11 -29.61
N THR D 744 -20.40 -20.22 -30.27
CA THR D 744 -21.69 -20.41 -30.88
C THR D 744 -22.61 -21.13 -29.91
N HIS D 745 -23.90 -20.79 -29.97
CA HIS D 745 -24.85 -21.17 -28.94
C HIS D 745 -25.63 -22.41 -29.36
N VAL D 746 -25.54 -23.46 -28.54
CA VAL D 746 -26.31 -24.67 -28.79
C VAL D 746 -27.38 -24.91 -27.75
N SER D 747 -27.15 -24.58 -26.48
CA SER D 747 -28.14 -24.77 -25.42
C SER D 747 -29.00 -23.54 -25.27
N PHE D 748 -30.29 -23.67 -25.55
CA PHE D 748 -31.26 -22.60 -25.39
C PHE D 748 -32.66 -23.19 -25.39
N LEU D 749 -33.55 -22.60 -24.60
CA LEU D 749 -34.95 -23.00 -24.55
C LEU D 749 -35.80 -22.40 -25.65
N ASN D 750 -35.38 -21.27 -26.23
CA ASN D 750 -36.12 -20.61 -27.29
C ASN D 750 -35.20 -20.26 -28.45
N GLU D 751 -35.62 -20.61 -29.66
CA GLU D 751 -34.90 -20.19 -30.86
C GLU D 751 -35.01 -18.69 -31.06
N ASP D 752 -36.21 -18.15 -30.90
CA ASP D 752 -36.47 -16.76 -31.19
C ASP D 752 -36.31 -15.92 -29.93
N PRO D 753 -35.30 -15.06 -29.86
CA PRO D 753 -35.02 -14.35 -28.61
C PRO D 753 -35.99 -13.21 -28.32
N GLY D 754 -35.67 -12.38 -27.34
CA GLY D 754 -36.46 -11.22 -27.08
C GLY D 754 -37.37 -11.42 -25.89
N PRO D 755 -37.93 -10.32 -25.38
CA PRO D 755 -38.75 -10.40 -24.17
C PRO D 755 -40.04 -11.18 -24.33
N ILE D 756 -40.75 -10.97 -25.44
CA ILE D 756 -42.12 -11.44 -25.70
C ILE D 756 -43.07 -10.96 -24.60
#